data_8PHN
# 
_entry.id   8PHN 
# 
_audit_conform.dict_name       mmcif_pdbx.dic 
_audit_conform.dict_version    5.395 
_audit_conform.dict_location   http://mmcif.pdb.org/dictionaries/ascii/mmcif_pdbx.dic 
# 
loop_
_database_2.database_id 
_database_2.database_code 
_database_2.pdbx_database_accession 
_database_2.pdbx_DOI 
PDB   8PHN         pdb_00008phn 10.2210/pdb8phn/pdb 
WWPDB D_1292130854 ?            ?                   
# 
loop_
_pdbx_audit_revision_history.ordinal 
_pdbx_audit_revision_history.data_content_type 
_pdbx_audit_revision_history.major_revision 
_pdbx_audit_revision_history.minor_revision 
_pdbx_audit_revision_history.revision_date 
1 'Structure model' 1 0 2024-07-03 
2 'Structure model' 1 1 2024-07-17 
# 
_pdbx_audit_revision_details.ordinal             1 
_pdbx_audit_revision_details.revision_ordinal    1 
_pdbx_audit_revision_details.data_content_type   'Structure model' 
_pdbx_audit_revision_details.provider            repository 
_pdbx_audit_revision_details.type                'Initial release' 
_pdbx_audit_revision_details.description         ? 
_pdbx_audit_revision_details.details             ? 
# 
_pdbx_audit_revision_group.ordinal             1 
_pdbx_audit_revision_group.revision_ordinal    2 
_pdbx_audit_revision_group.data_content_type   'Structure model' 
_pdbx_audit_revision_group.group               'Database references' 
# 
loop_
_pdbx_audit_revision_category.ordinal 
_pdbx_audit_revision_category.revision_ordinal 
_pdbx_audit_revision_category.data_content_type 
_pdbx_audit_revision_category.category 
1 2 'Structure model' citation        
2 2 'Structure model' citation_author 
# 
loop_
_pdbx_audit_revision_item.ordinal 
_pdbx_audit_revision_item.revision_ordinal 
_pdbx_audit_revision_item.data_content_type 
_pdbx_audit_revision_item.item 
1 2 'Structure model' '_citation.journal_volume'          
2 2 'Structure model' '_citation.page_first'              
3 2 'Structure model' '_citation.page_last'               
4 2 'Structure model' '_citation.pdbx_database_id_PubMed' 
5 2 'Structure model' '_citation_author.identifier_ORCID' 
6 2 'Structure model' '_citation_author.name'             
# 
_pdbx_database_status.status_code                     REL 
_pdbx_database_status.status_code_sf                  REL 
_pdbx_database_status.status_code_mr                  ? 
_pdbx_database_status.entry_id                        8PHN 
_pdbx_database_status.recvd_initial_deposition_date   2023-06-20 
_pdbx_database_status.SG_entry                        N 
_pdbx_database_status.deposit_site                    PDBE 
_pdbx_database_status.process_site                    PDBE 
_pdbx_database_status.status_code_cs                  ? 
_pdbx_database_status.status_code_nmr_data            ? 
_pdbx_database_status.methods_development_category    ? 
_pdbx_database_status.pdb_format_compatible           Y 
# 
loop_
_pdbx_database_related.db_name 
_pdbx_database_related.details 
_pdbx_database_related.db_id 
_pdbx_database_related.content_type 
PDB '8PBW contains the receiver domain of the related hybrid Histidine Kinase E of Chaetomium Thermophilum' 8PDC unspecified 
PDB '8PBW contains the related Histidine Phosphotransferase of Chaetomium thermophilum'                     8PBW unspecified 
# 
_pdbx_contact_author.id                 2 
_pdbx_contact_author.email              patricia.casino@uv.es 
_pdbx_contact_author.name_first         Patricia 
_pdbx_contact_author.name_last          Casino 
_pdbx_contact_author.name_mi            ? 
_pdbx_contact_author.role               'principal investigator/group leader' 
_pdbx_contact_author.identifier_ORCID   0000-0002-2144-188X 
# 
loop_
_audit_author.name 
_audit_author.pdbx_ordinal 
_audit_author.identifier_ORCID 
'Paredes-Martinez, F.' 1 0009-0004-2654-031X 
'Casino, P.'           2 0000-0002-2144-188X 
# 
_citation.abstract                  ? 
_citation.abstract_id_CAS           ? 
_citation.book_id_ISBN              ? 
_citation.book_publisher            ? 
_citation.book_publisher_city       ? 
_citation.book_title                ? 
_citation.coordinate_linkage        ? 
_citation.country                   UK 
_citation.database_id_Medline       ? 
_citation.details                   ? 
_citation.id                        primary 
_citation.journal_abbrev            'Commun Biol' 
_citation.journal_id_ASTM           ? 
_citation.journal_id_CSD            ? 
_citation.journal_id_ISSN           2399-3642 
_citation.journal_full              ? 
_citation.journal_issue             ? 
_citation.journal_volume            7 
_citation.language                  ? 
_citation.page_first                814 
_citation.page_last                 814 
_citation.title                     
'Structural and functional insights underlying recognition of histidine phosphotransfer protein in fungal phosphorelay systems.' 
_citation.year                      2024 
_citation.database_id_CSD           ? 
_citation.pdbx_database_id_DOI      10.1038/s42003-024-06459-0 
_citation.pdbx_database_id_PubMed   38965424 
_citation.pdbx_database_id_patent   ? 
_citation.unpublished_flag          ? 
# 
loop_
_citation_author.citation_id 
_citation_author.name 
_citation_author.ordinal 
_citation_author.identifier_ORCID 
primary 'Paredes-Martinez, F.' 1 ? 
primary 'Eixeres, L.'          2 ? 
primary 'Zamora-Caballero, S.' 3 ? 
primary 'Casino, P.'           4 ? 
# 
loop_
_entity.id 
_entity.type 
_entity.src_method 
_entity.pdbx_description 
_entity.formula_weight 
_entity.pdbx_number_of_molecules 
_entity.pdbx_ec 
_entity.pdbx_mutation 
_entity.pdbx_fragment 
_entity.details 
1 polymer     man 'histidine kinase' 15410.764 1  2.7.13.3 ? ? ? 
2 non-polymer syn 'MAGNESIUM ION'    24.305    1  ?        ? ? ? 
3 non-polymer nat 'SULFATE ION'      96.063    1  ?        ? ? ? 
4 water       nat water              18.015    45 ?        ? ? ? 
# 
_entity_poly.entity_id                      1 
_entity_poly.type                           'polypeptide(L)' 
_entity_poly.nstd_linkage                   no 
_entity_poly.nstd_monomer                   no 
_entity_poly.pdbx_seq_one_letter_code       
;GPGENRATPSLADNTRSFEILLAEDNAVNQRLAVKILEKYHHVVTVVGNGEEAVEAVKRKKFDVILMDVQMPVMGGFEAT
AKIREYEASLPTPQRTPIIALTAHAMMGDREKCLEAQMDEYLSKPLQQANLIQTILKCA
;
_entity_poly.pdbx_seq_one_letter_code_can   
;GPGENRATPSLADNTRSFEILLAEDNAVNQRLAVKILEKYHHVVTVVGNGEEAVEAVKRKKFDVILMDVQMPVMGGFEAT
AKIREYEASLPTPQRTPIIALTAHAMMGDREKCLEAQMDEYLSKPLQQANLIQTILKCA
;
_entity_poly.pdbx_strand_id                 A 
_entity_poly.pdbx_target_identifier         ? 
# 
loop_
_pdbx_entity_nonpoly.entity_id 
_pdbx_entity_nonpoly.name 
_pdbx_entity_nonpoly.comp_id 
2 'MAGNESIUM ION' MG  
3 'SULFATE ION'   SO4 
4 water           HOH 
# 
loop_
_entity_poly_seq.entity_id 
_entity_poly_seq.num 
_entity_poly_seq.mon_id 
_entity_poly_seq.hetero 
1 1   GLY n 
1 2   PRO n 
1 3   GLY n 
1 4   GLU n 
1 5   ASN n 
1 6   ARG n 
1 7   ALA n 
1 8   THR n 
1 9   PRO n 
1 10  SER n 
1 11  LEU n 
1 12  ALA n 
1 13  ASP n 
1 14  ASN n 
1 15  THR n 
1 16  ARG n 
1 17  SER n 
1 18  PHE n 
1 19  GLU n 
1 20  ILE n 
1 21  LEU n 
1 22  LEU n 
1 23  ALA n 
1 24  GLU n 
1 25  ASP n 
1 26  ASN n 
1 27  ALA n 
1 28  VAL n 
1 29  ASN n 
1 30  GLN n 
1 31  ARG n 
1 32  LEU n 
1 33  ALA n 
1 34  VAL n 
1 35  LYS n 
1 36  ILE n 
1 37  LEU n 
1 38  GLU n 
1 39  LYS n 
1 40  TYR n 
1 41  HIS n 
1 42  HIS n 
1 43  VAL n 
1 44  VAL n 
1 45  THR n 
1 46  VAL n 
1 47  VAL n 
1 48  GLY n 
1 49  ASN n 
1 50  GLY n 
1 51  GLU n 
1 52  GLU n 
1 53  ALA n 
1 54  VAL n 
1 55  GLU n 
1 56  ALA n 
1 57  VAL n 
1 58  LYS n 
1 59  ARG n 
1 60  LYS n 
1 61  LYS n 
1 62  PHE n 
1 63  ASP n 
1 64  VAL n 
1 65  ILE n 
1 66  LEU n 
1 67  MET n 
1 68  ASP n 
1 69  VAL n 
1 70  GLN n 
1 71  MET n 
1 72  PRO n 
1 73  VAL n 
1 74  MET n 
1 75  GLY n 
1 76  GLY n 
1 77  PHE n 
1 78  GLU n 
1 79  ALA n 
1 80  THR n 
1 81  ALA n 
1 82  LYS n 
1 83  ILE n 
1 84  ARG n 
1 85  GLU n 
1 86  TYR n 
1 87  GLU n 
1 88  ALA n 
1 89  SER n 
1 90  LEU n 
1 91  PRO n 
1 92  THR n 
1 93  PRO n 
1 94  GLN n 
1 95  ARG n 
1 96  THR n 
1 97  PRO n 
1 98  ILE n 
1 99  ILE n 
1 100 ALA n 
1 101 LEU n 
1 102 THR n 
1 103 ALA n 
1 104 HIS n 
1 105 ALA n 
1 106 MET n 
1 107 MET n 
1 108 GLY n 
1 109 ASP n 
1 110 ARG n 
1 111 GLU n 
1 112 LYS n 
1 113 CYS n 
1 114 LEU n 
1 115 GLU n 
1 116 ALA n 
1 117 GLN n 
1 118 MET n 
1 119 ASP n 
1 120 GLU n 
1 121 TYR n 
1 122 LEU n 
1 123 SER n 
1 124 LYS n 
1 125 PRO n 
1 126 LEU n 
1 127 GLN n 
1 128 GLN n 
1 129 ALA n 
1 130 ASN n 
1 131 LEU n 
1 132 ILE n 
1 133 GLN n 
1 134 THR n 
1 135 ILE n 
1 136 LEU n 
1 137 LYS n 
1 138 CYS n 
1 139 ALA n 
# 
_entity_src_gen.entity_id                          1 
_entity_src_gen.pdbx_src_id                        1 
_entity_src_gen.pdbx_alt_source_flag               sample 
_entity_src_gen.pdbx_seq_type                      'Biological sequence' 
_entity_src_gen.pdbx_beg_seq_num                   1 
_entity_src_gen.pdbx_end_seq_num                   139 
_entity_src_gen.gene_src_common_name               ? 
_entity_src_gen.gene_src_genus                     ? 
_entity_src_gen.pdbx_gene_src_gene                 CTHT_0053860 
_entity_src_gen.gene_src_species                   ? 
_entity_src_gen.gene_src_strain                    ? 
_entity_src_gen.gene_src_tissue                    ? 
_entity_src_gen.gene_src_tissue_fraction           ? 
_entity_src_gen.gene_src_details                   ? 
_entity_src_gen.pdbx_gene_src_fragment             ? 
_entity_src_gen.pdbx_gene_src_scientific_name      'Thermochaetoides thermophila' 
_entity_src_gen.pdbx_gene_src_ncbi_taxonomy_id     209285 
_entity_src_gen.pdbx_gene_src_variant              ? 
_entity_src_gen.pdbx_gene_src_cell_line            ? 
_entity_src_gen.pdbx_gene_src_atcc                 ? 
_entity_src_gen.pdbx_gene_src_organ                ? 
_entity_src_gen.pdbx_gene_src_organelle            ? 
_entity_src_gen.pdbx_gene_src_cell                 ? 
_entity_src_gen.pdbx_gene_src_cellular_location    ? 
_entity_src_gen.host_org_common_name               ? 
_entity_src_gen.pdbx_host_org_scientific_name      'Escherichia coli K-12' 
_entity_src_gen.pdbx_host_org_ncbi_taxonomy_id     83333 
_entity_src_gen.host_org_genus                     ? 
_entity_src_gen.pdbx_host_org_gene                 ? 
_entity_src_gen.pdbx_host_org_organ                ? 
_entity_src_gen.host_org_species                   ? 
_entity_src_gen.pdbx_host_org_tissue               ? 
_entity_src_gen.pdbx_host_org_tissue_fraction      ? 
_entity_src_gen.pdbx_host_org_strain               ? 
_entity_src_gen.pdbx_host_org_variant              ? 
_entity_src_gen.pdbx_host_org_cell_line            ? 
_entity_src_gen.pdbx_host_org_atcc                 ? 
_entity_src_gen.pdbx_host_org_culture_collection   ? 
_entity_src_gen.pdbx_host_org_cell                 ? 
_entity_src_gen.pdbx_host_org_organelle            ? 
_entity_src_gen.pdbx_host_org_cellular_location    ? 
_entity_src_gen.pdbx_host_org_vector_type          ? 
_entity_src_gen.pdbx_host_org_vector               ? 
_entity_src_gen.host_org_details                   ? 
_entity_src_gen.expression_system_id               ? 
_entity_src_gen.plasmid_name                       ? 
_entity_src_gen.plasmid_details                    ? 
_entity_src_gen.pdbx_description                   ? 
# 
loop_
_chem_comp.id 
_chem_comp.type 
_chem_comp.mon_nstd_flag 
_chem_comp.name 
_chem_comp.pdbx_synonyms 
_chem_comp.formula 
_chem_comp.formula_weight 
ALA 'L-peptide linking' y ALANINE         ? 'C3 H7 N O2'     89.093  
ARG 'L-peptide linking' y ARGININE        ? 'C6 H15 N4 O2 1' 175.209 
ASN 'L-peptide linking' y ASPARAGINE      ? 'C4 H8 N2 O3'    132.118 
ASP 'L-peptide linking' y 'ASPARTIC ACID' ? 'C4 H7 N O4'     133.103 
CYS 'L-peptide linking' y CYSTEINE        ? 'C3 H7 N O2 S'   121.158 
GLN 'L-peptide linking' y GLUTAMINE       ? 'C5 H10 N2 O3'   146.144 
GLU 'L-peptide linking' y 'GLUTAMIC ACID' ? 'C5 H9 N O4'     147.129 
GLY 'peptide linking'   y GLYCINE         ? 'C2 H5 N O2'     75.067  
HIS 'L-peptide linking' y HISTIDINE       ? 'C6 H10 N3 O2 1' 156.162 
HOH non-polymer         . WATER           ? 'H2 O'           18.015  
ILE 'L-peptide linking' y ISOLEUCINE      ? 'C6 H13 N O2'    131.173 
LEU 'L-peptide linking' y LEUCINE         ? 'C6 H13 N O2'    131.173 
LYS 'L-peptide linking' y LYSINE          ? 'C6 H15 N2 O2 1' 147.195 
MET 'L-peptide linking' y METHIONINE      ? 'C5 H11 N O2 S'  149.211 
MG  non-polymer         . 'MAGNESIUM ION' ? 'Mg 2'           24.305  
PHE 'L-peptide linking' y PHENYLALANINE   ? 'C9 H11 N O2'    165.189 
PRO 'L-peptide linking' y PROLINE         ? 'C5 H9 N O2'     115.130 
SER 'L-peptide linking' y SERINE          ? 'C3 H7 N O3'     105.093 
SO4 non-polymer         . 'SULFATE ION'   ? 'O4 S -2'        96.063  
THR 'L-peptide linking' y THREONINE       ? 'C4 H9 N O3'     119.119 
TYR 'L-peptide linking' y TYROSINE        ? 'C9 H11 N O3'    181.189 
VAL 'L-peptide linking' y VALINE          ? 'C5 H11 N O2'    117.146 
# 
loop_
_pdbx_poly_seq_scheme.asym_id 
_pdbx_poly_seq_scheme.entity_id 
_pdbx_poly_seq_scheme.seq_id 
_pdbx_poly_seq_scheme.mon_id 
_pdbx_poly_seq_scheme.ndb_seq_num 
_pdbx_poly_seq_scheme.pdb_seq_num 
_pdbx_poly_seq_scheme.auth_seq_num 
_pdbx_poly_seq_scheme.pdb_mon_id 
_pdbx_poly_seq_scheme.auth_mon_id 
_pdbx_poly_seq_scheme.pdb_strand_id 
_pdbx_poly_seq_scheme.pdb_ins_code 
_pdbx_poly_seq_scheme.hetero 
A 1 1   GLY 1   1082 ?    ?   ?   A . n 
A 1 2   PRO 2   1083 ?    ?   ?   A . n 
A 1 3   GLY 3   1084 ?    ?   ?   A . n 
A 1 4   GLU 4   1085 ?    ?   ?   A . n 
A 1 5   ASN 5   1086 ?    ?   ?   A . n 
A 1 6   ARG 6   1087 ?    ?   ?   A . n 
A 1 7   ALA 7   1088 ?    ?   ?   A . n 
A 1 8   THR 8   1089 ?    ?   ?   A . n 
A 1 9   PRO 9   1090 ?    ?   ?   A . n 
A 1 10  SER 10  1091 ?    ?   ?   A . n 
A 1 11  LEU 11  1092 ?    ?   ?   A . n 
A 1 12  ALA 12  1093 ?    ?   ?   A . n 
A 1 13  ASP 13  1094 ?    ?   ?   A . n 
A 1 14  ASN 14  1095 ?    ?   ?   A . n 
A 1 15  THR 15  1096 ?    ?   ?   A . n 
A 1 16  ARG 16  1097 1097 ARG ALA A . n 
A 1 17  SER 17  1098 1098 SER SER A . n 
A 1 18  PHE 18  1099 1099 PHE PHE A . n 
A 1 19  GLU 19  1100 1100 GLU ALA A . n 
A 1 20  ILE 20  1101 1101 ILE ILE A . n 
A 1 21  LEU 21  1102 1102 LEU LEU A . n 
A 1 22  LEU 22  1103 1103 LEU LEU A . n 
A 1 23  ALA 23  1104 1104 ALA ALA A . n 
A 1 24  GLU 24  1105 1105 GLU GLU A . n 
A 1 25  ASP 25  1106 1106 ASP ASP A . n 
A 1 26  ASN 26  1107 1107 ASN ASN A . n 
A 1 27  ALA 27  1108 1108 ALA ALA A . n 
A 1 28  VAL 28  1109 1109 VAL VAL A . n 
A 1 29  ASN 29  1110 1110 ASN ASN A . n 
A 1 30  GLN 30  1111 1111 GLN GLN A . n 
A 1 31  ARG 31  1112 1112 ARG ARG A . n 
A 1 32  LEU 32  1113 1113 LEU LEU A . n 
A 1 33  ALA 33  1114 1114 ALA ALA A . n 
A 1 34  VAL 34  1115 1115 VAL VAL A . n 
A 1 35  LYS 35  1116 1116 LYS LYS A . n 
A 1 36  ILE 36  1117 1117 ILE ILE A . n 
A 1 37  LEU 37  1118 1118 LEU LEU A . n 
A 1 38  GLU 38  1119 1119 GLU GLU A . n 
A 1 39  LYS 39  1120 1120 LYS LYS A . n 
A 1 40  TYR 40  1121 1121 TYR TYR A . n 
A 1 41  HIS 41  1122 1122 HIS HIS A . n 
A 1 42  HIS 42  1123 1123 HIS HIS A . n 
A 1 43  VAL 43  1124 1124 VAL VAL A . n 
A 1 44  VAL 44  1125 1125 VAL VAL A . n 
A 1 45  THR 45  1126 1126 THR THR A . n 
A 1 46  VAL 46  1127 1127 VAL VAL A . n 
A 1 47  VAL 47  1128 1128 VAL VAL A . n 
A 1 48  GLY 48  1129 1129 GLY GLY A . n 
A 1 49  ASN 49  1130 1130 ASN ASN A . n 
A 1 50  GLY 50  1131 1131 GLY GLY A . n 
A 1 51  GLU 51  1132 1132 GLU GLU A . n 
A 1 52  GLU 52  1133 1133 GLU GLU A . n 
A 1 53  ALA 53  1134 1134 ALA ALA A . n 
A 1 54  VAL 54  1135 1135 VAL VAL A . n 
A 1 55  GLU 55  1136 1136 GLU GLU A . n 
A 1 56  ALA 56  1137 1137 ALA ALA A . n 
A 1 57  VAL 57  1138 1138 VAL VAL A . n 
A 1 58  LYS 58  1139 1139 LYS LYS A . n 
A 1 59  ARG 59  1140 1140 ARG ALA A . n 
A 1 60  LYS 60  1141 1141 LYS LYS A . n 
A 1 61  LYS 61  1142 1142 LYS LYS A . n 
A 1 62  PHE 62  1143 1143 PHE PHE A . n 
A 1 63  ASP 63  1144 1144 ASP ASP A . n 
A 1 64  VAL 64  1145 1145 VAL VAL A . n 
A 1 65  ILE 65  1146 1146 ILE ILE A . n 
A 1 66  LEU 66  1147 1147 LEU LEU A . n 
A 1 67  MET 67  1148 1148 MET MET A . n 
A 1 68  ASP 68  1149 1149 ASP ASP A . n 
A 1 69  VAL 69  1150 1150 VAL VAL A . n 
A 1 70  GLN 70  1151 1151 GLN GLN A . n 
A 1 71  MET 71  1152 1152 MET MET A . n 
A 1 72  PRO 72  1153 1153 PRO PRO A . n 
A 1 73  VAL 73  1154 1154 VAL VAL A . n 
A 1 74  MET 74  1155 1155 MET MET A . n 
A 1 75  GLY 75  1156 1156 GLY GLY A . n 
A 1 76  GLY 76  1157 1157 GLY GLY A . n 
A 1 77  PHE 77  1158 1158 PHE PHE A . n 
A 1 78  GLU 78  1159 1159 GLU GLU A . n 
A 1 79  ALA 79  1160 1160 ALA ALA A . n 
A 1 80  THR 80  1161 1161 THR THR A . n 
A 1 81  ALA 81  1162 1162 ALA ALA A . n 
A 1 82  LYS 82  1163 1163 LYS LYS A . n 
A 1 83  ILE 83  1164 1164 ILE ILE A . n 
A 1 84  ARG 84  1165 1165 ARG ARG A . n 
A 1 85  GLU 85  1166 1166 GLU GLU A . n 
A 1 86  TYR 86  1167 1167 TYR TYR A . n 
A 1 87  GLU 87  1168 1168 GLU GLU A . n 
A 1 88  ALA 88  1169 1169 ALA ALA A . n 
A 1 89  SER 89  1170 1170 SER SER A . n 
A 1 90  LEU 90  1171 1171 LEU LEU A . n 
A 1 91  PRO 91  1172 1172 PRO PRO A . n 
A 1 92  THR 92  1173 1173 THR THR A . n 
A 1 93  PRO 93  1174 1174 PRO PRO A . n 
A 1 94  GLN 94  1175 1175 GLN GLN A . n 
A 1 95  ARG 95  1176 1176 ARG ARG A . n 
A 1 96  THR 96  1177 1177 THR THR A . n 
A 1 97  PRO 97  1178 1178 PRO PRO A . n 
A 1 98  ILE 98  1179 1179 ILE ILE A . n 
A 1 99  ILE 99  1180 1180 ILE ILE A . n 
A 1 100 ALA 100 1181 1181 ALA ALA A . n 
A 1 101 LEU 101 1182 1182 LEU LEU A . n 
A 1 102 THR 102 1183 1183 THR THR A . n 
A 1 103 ALA 103 1184 1184 ALA ALA A . n 
A 1 104 HIS 104 1185 1185 HIS ALA A . n 
A 1 105 ALA 105 1186 1186 ALA ALA A . n 
A 1 106 MET 106 1187 1187 MET ALA A . n 
A 1 107 MET 107 1188 1188 MET ALA A . n 
A 1 108 GLY 108 1189 1189 GLY GLY A . n 
A 1 109 ASP 109 1190 1190 ASP ASP A . n 
A 1 110 ARG 110 1191 1191 ARG ARG A . n 
A 1 111 GLU 111 1192 1192 GLU ALA A . n 
A 1 112 LYS 112 1193 1193 LYS ALA A . n 
A 1 113 CYS 113 1194 1194 CYS CYS A . n 
A 1 114 LEU 114 1195 1195 LEU LEU A . n 
A 1 115 GLU 115 1196 1196 GLU ALA A . n 
A 1 116 ALA 116 1197 1197 ALA ALA A . n 
A 1 117 GLN 117 1198 1198 GLN GLN A . n 
A 1 118 MET 118 1199 1199 MET MET A . n 
A 1 119 ASP 119 1200 1200 ASP ASP A . n 
A 1 120 GLU 120 1201 1201 GLU GLU A . n 
A 1 121 TYR 121 1202 1202 TYR TYR A . n 
A 1 122 LEU 122 1203 1203 LEU LEU A . n 
A 1 123 SER 123 1204 1204 SER SER A . n 
A 1 124 LYS 124 1205 1205 LYS LYS A . n 
A 1 125 PRO 125 1206 1206 PRO PRO A . n 
A 1 126 LEU 126 1207 1207 LEU LEU A . n 
A 1 127 GLN 127 1208 1208 GLN GLN A . n 
A 1 128 GLN 128 1209 1209 GLN GLN A . n 
A 1 129 ALA 129 1210 1210 ALA ALA A . n 
A 1 130 ASN 130 1211 1211 ASN ASN A . n 
A 1 131 LEU 131 1212 1212 LEU LEU A . n 
A 1 132 ILE 132 1213 1213 ILE ILE A . n 
A 1 133 GLN 133 1214 1214 GLN GLN A . n 
A 1 134 THR 134 1215 1215 THR THR A . n 
A 1 135 ILE 135 1216 1216 ILE ILE A . n 
A 1 136 LEU 136 1217 1217 LEU LEU A . n 
A 1 137 LYS 137 1218 1218 LYS LYS A . n 
A 1 138 CYS 138 1219 1219 CYS CYS A . n 
A 1 139 ALA 139 1220 1220 ALA ALA A . n 
# 
loop_
_pdbx_nonpoly_scheme.asym_id 
_pdbx_nonpoly_scheme.entity_id 
_pdbx_nonpoly_scheme.mon_id 
_pdbx_nonpoly_scheme.ndb_seq_num 
_pdbx_nonpoly_scheme.pdb_seq_num 
_pdbx_nonpoly_scheme.auth_seq_num 
_pdbx_nonpoly_scheme.pdb_mon_id 
_pdbx_nonpoly_scheme.auth_mon_id 
_pdbx_nonpoly_scheme.pdb_strand_id 
_pdbx_nonpoly_scheme.pdb_ins_code 
B 2 MG  1  1301 1  MG  MG  A . 
C 3 SO4 1  1302 1  SO4 SO4 A . 
D 4 HOH 1  1401 46 HOH HOH A . 
D 4 HOH 2  1402 22 HOH HOH A . 
D 4 HOH 3  1403 25 HOH HOH A . 
D 4 HOH 4  1404 6  HOH HOH A . 
D 4 HOH 5  1405 14 HOH HOH A . 
D 4 HOH 6  1406 34 HOH HOH A . 
D 4 HOH 7  1407 27 HOH HOH A . 
D 4 HOH 8  1408 37 HOH HOH A . 
D 4 HOH 9  1409 4  HOH HOH A . 
D 4 HOH 10 1410 23 HOH HOH A . 
D 4 HOH 11 1411 8  HOH HOH A . 
D 4 HOH 12 1412 16 HOH HOH A . 
D 4 HOH 13 1413 21 HOH HOH A . 
D 4 HOH 14 1414 17 HOH HOH A . 
D 4 HOH 15 1415 45 HOH HOH A . 
D 4 HOH 16 1416 2  HOH HOH A . 
D 4 HOH 17 1417 20 HOH HOH A . 
D 4 HOH 18 1418 12 HOH HOH A . 
D 4 HOH 19 1419 26 HOH HOH A . 
D 4 HOH 20 1420 7  HOH HOH A . 
D 4 HOH 21 1421 39 HOH HOH A . 
D 4 HOH 22 1422 33 HOH HOH A . 
D 4 HOH 23 1423 3  HOH HOH A . 
D 4 HOH 24 1424 40 HOH HOH A . 
D 4 HOH 25 1425 44 HOH HOH A . 
D 4 HOH 26 1426 10 HOH HOH A . 
D 4 HOH 27 1427 11 HOH HOH A . 
D 4 HOH 28 1428 13 HOH HOH A . 
D 4 HOH 29 1429 28 HOH HOH A . 
D 4 HOH 30 1430 9  HOH HOH A . 
D 4 HOH 31 1431 42 HOH HOH A . 
D 4 HOH 32 1432 29 HOH HOH A . 
D 4 HOH 33 1433 38 HOH HOH A . 
D 4 HOH 34 1434 5  HOH HOH A . 
D 4 HOH 35 1435 30 HOH HOH A . 
D 4 HOH 36 1436 31 HOH HOH A . 
D 4 HOH 37 1437 15 HOH HOH A . 
D 4 HOH 38 1438 35 HOH HOH A . 
D 4 HOH 39 1439 24 HOH HOH A . 
D 4 HOH 40 1440 36 HOH HOH A . 
D 4 HOH 41 1441 43 HOH HOH A . 
D 4 HOH 42 1442 18 HOH HOH A . 
D 4 HOH 43 1443 32 HOH HOH A . 
D 4 HOH 44 1444 41 HOH HOH A . 
D 4 HOH 45 1445 19 HOH HOH A . 
# 
loop_
_pdbx_unobs_or_zero_occ_atoms.id 
_pdbx_unobs_or_zero_occ_atoms.PDB_model_num 
_pdbx_unobs_or_zero_occ_atoms.polymer_flag 
_pdbx_unobs_or_zero_occ_atoms.occupancy_flag 
_pdbx_unobs_or_zero_occ_atoms.auth_asym_id 
_pdbx_unobs_or_zero_occ_atoms.auth_comp_id 
_pdbx_unobs_or_zero_occ_atoms.auth_seq_id 
_pdbx_unobs_or_zero_occ_atoms.PDB_ins_code 
_pdbx_unobs_or_zero_occ_atoms.auth_atom_id 
_pdbx_unobs_or_zero_occ_atoms.label_alt_id 
_pdbx_unobs_or_zero_occ_atoms.label_asym_id 
_pdbx_unobs_or_zero_occ_atoms.label_comp_id 
_pdbx_unobs_or_zero_occ_atoms.label_seq_id 
_pdbx_unobs_or_zero_occ_atoms.label_atom_id 
1  1 Y 1 A ARG 1097 ? CG  ? A ARG 16  CG  
2  1 Y 1 A ARG 1097 ? CD  ? A ARG 16  CD  
3  1 Y 1 A ARG 1097 ? NE  ? A ARG 16  NE  
4  1 Y 1 A ARG 1097 ? CZ  ? A ARG 16  CZ  
5  1 Y 1 A ARG 1097 ? NH1 ? A ARG 16  NH1 
6  1 Y 1 A ARG 1097 ? NH2 ? A ARG 16  NH2 
7  1 Y 1 A GLU 1100 ? CG  ? A GLU 19  CG  
8  1 Y 1 A GLU 1100 ? CD  ? A GLU 19  CD  
9  1 Y 1 A GLU 1100 ? OE1 ? A GLU 19  OE1 
10 1 Y 1 A GLU 1100 ? OE2 ? A GLU 19  OE2 
11 1 Y 1 A ARG 1140 ? CG  ? A ARG 59  CG  
12 1 Y 1 A ARG 1140 ? CD  ? A ARG 59  CD  
13 1 Y 1 A ARG 1140 ? NE  ? A ARG 59  NE  
14 1 Y 1 A ARG 1140 ? CZ  ? A ARG 59  CZ  
15 1 Y 1 A ARG 1140 ? NH1 ? A ARG 59  NH1 
16 1 Y 1 A ARG 1140 ? NH2 ? A ARG 59  NH2 
17 1 Y 1 A HIS 1185 ? CG  ? A HIS 104 CG  
18 1 Y 1 A HIS 1185 ? ND1 ? A HIS 104 ND1 
19 1 Y 1 A HIS 1185 ? CD2 ? A HIS 104 CD2 
20 1 Y 1 A HIS 1185 ? CE1 ? A HIS 104 CE1 
21 1 Y 1 A HIS 1185 ? NE2 ? A HIS 104 NE2 
22 1 Y 1 A MET 1187 ? CG  ? A MET 106 CG  
23 1 Y 1 A MET 1187 ? SD  ? A MET 106 SD  
24 1 Y 1 A MET 1187 ? CE  ? A MET 106 CE  
25 1 Y 1 A MET 1188 ? CG  ? A MET 107 CG  
26 1 Y 1 A MET 1188 ? SD  ? A MET 107 SD  
27 1 Y 1 A MET 1188 ? CE  ? A MET 107 CE  
28 1 Y 1 A GLU 1192 ? CG  ? A GLU 111 CG  
29 1 Y 1 A GLU 1192 ? CD  ? A GLU 111 CD  
30 1 Y 1 A GLU 1192 ? OE1 ? A GLU 111 OE1 
31 1 Y 1 A GLU 1192 ? OE2 ? A GLU 111 OE2 
32 1 Y 1 A LYS 1193 ? CG  ? A LYS 112 CG  
33 1 Y 1 A LYS 1193 ? CD  ? A LYS 112 CD  
34 1 Y 1 A LYS 1193 ? CE  ? A LYS 112 CE  
35 1 Y 1 A LYS 1193 ? NZ  ? A LYS 112 NZ  
36 1 Y 1 A GLU 1196 ? CG  ? A GLU 115 CG  
37 1 Y 1 A GLU 1196 ? CD  ? A GLU 115 CD  
38 1 Y 1 A GLU 1196 ? OE1 ? A GLU 115 OE1 
39 1 Y 1 A GLU 1196 ? OE2 ? A GLU 115 OE2 
40 1 Y 1 A TYR 1202 ? OH  ? A TYR 121 OH  
# 
loop_
_software.citation_id 
_software.classification 
_software.compiler_name 
_software.compiler_version 
_software.contact_author 
_software.contact_author_email 
_software.date 
_software.description 
_software.dependencies 
_software.hardware 
_software.language 
_software.location 
_software.mods 
_software.name 
_software.os 
_software.os_version 
_software.type 
_software.version 
_software.pdbx_ordinal 
? refinement       ? ? ? ? ? ? ? ? ? ? ? REFMAC  ? ? ? 5.8.0403 1 
? 'data scaling'   ? ? ? ? ? ? ? ? ? ? ? Aimless ? ? ? .        2 
? 'data reduction' ? ? ? ? ? ? ? ? ? ? ? XDS     ? ? ? .        3 
? phasing          ? ? ? ? ? ? ? ? ? ? ? PHASER  ? ? ? .        4 
# 
_cell.angle_alpha                  90.00 
_cell.angle_alpha_esd              ? 
_cell.angle_beta                   90.00 
_cell.angle_beta_esd               ? 
_cell.angle_gamma                  90.00 
_cell.angle_gamma_esd              ? 
_cell.entry_id                     8PHN 
_cell.details                      ? 
_cell.formula_units_Z              ? 
_cell.length_a                     154.268 
_cell.length_a_esd                 ? 
_cell.length_b                     154.268 
_cell.length_b_esd                 ? 
_cell.length_c                     154.268 
_cell.length_c_esd                 ? 
_cell.volume                       ? 
_cell.volume_esd                   ? 
_cell.Z_PDB                        96 
_cell.reciprocal_angle_alpha       ? 
_cell.reciprocal_angle_beta        ? 
_cell.reciprocal_angle_gamma       ? 
_cell.reciprocal_angle_alpha_esd   ? 
_cell.reciprocal_angle_beta_esd    ? 
_cell.reciprocal_angle_gamma_esd   ? 
_cell.reciprocal_length_a          ? 
_cell.reciprocal_length_b          ? 
_cell.reciprocal_length_c          ? 
_cell.reciprocal_length_a_esd      ? 
_cell.reciprocal_length_b_esd      ? 
_cell.reciprocal_length_c_esd      ? 
_cell.pdbx_unique_axis             ? 
_cell.pdbx_esd_method              ? 
# 
_symmetry.entry_id                         8PHN 
_symmetry.cell_setting                     ? 
_symmetry.Int_Tables_number                209 
_symmetry.space_group_name_Hall            ? 
_symmetry.space_group_name_H-M             'F 4 3 2' 
_symmetry.pdbx_full_space_group_name_H-M   ? 
# 
_exptl.absorpt_coefficient_mu     ? 
_exptl.absorpt_correction_T_max   ? 
_exptl.absorpt_correction_T_min   ? 
_exptl.absorpt_correction_type    ? 
_exptl.absorpt_process_details    ? 
_exptl.entry_id                   8PHN 
_exptl.crystals_number            1 
_exptl.details                    ? 
_exptl.method                     'X-RAY DIFFRACTION' 
_exptl.method_details             ? 
# 
_exptl_crystal.colour                       ? 
_exptl_crystal.density_diffrn               ? 
_exptl_crystal.density_Matthews             2.52 
_exptl_crystal.density_method               ? 
_exptl_crystal.density_percent_sol          51.21 
_exptl_crystal.description                  ? 
_exptl_crystal.F_000                        ? 
_exptl_crystal.id                           1 
_exptl_crystal.preparation                  ? 
_exptl_crystal.size_max                     ? 
_exptl_crystal.size_mid                     ? 
_exptl_crystal.size_min                     ? 
_exptl_crystal.size_rad                     ? 
_exptl_crystal.colour_lustre                ? 
_exptl_crystal.colour_modifier              ? 
_exptl_crystal.colour_primary               ? 
_exptl_crystal.density_meas                 ? 
_exptl_crystal.density_meas_esd             ? 
_exptl_crystal.density_meas_gt              ? 
_exptl_crystal.density_meas_lt              ? 
_exptl_crystal.density_meas_temp            ? 
_exptl_crystal.density_meas_temp_esd        ? 
_exptl_crystal.density_meas_temp_gt         ? 
_exptl_crystal.density_meas_temp_lt         ? 
_exptl_crystal.pdbx_crystal_image_url       ? 
_exptl_crystal.pdbx_crystal_image_format    ? 
_exptl_crystal.pdbx_mosaicity               ? 
_exptl_crystal.pdbx_mosaicity_esd           ? 
_exptl_crystal.pdbx_mosaic_method           ? 
_exptl_crystal.pdbx_mosaic_block_size       ? 
_exptl_crystal.pdbx_mosaic_block_size_esd   ? 
# 
_exptl_crystal_grow.apparatus       ? 
_exptl_crystal_grow.atmosphere      ? 
_exptl_crystal_grow.crystal_id      1 
_exptl_crystal_grow.details         ? 
_exptl_crystal_grow.method          'VAPOR DIFFUSION, SITTING DROP' 
_exptl_crystal_grow.method_ref      ? 
_exptl_crystal_grow.pH              8.5 
_exptl_crystal_grow.pressure        ? 
_exptl_crystal_grow.pressure_esd    ? 
_exptl_crystal_grow.seeding         ? 
_exptl_crystal_grow.seeding_ref     ? 
_exptl_crystal_grow.temp_details    ? 
_exptl_crystal_grow.temp_esd        ? 
_exptl_crystal_grow.time            ? 
_exptl_crystal_grow.pdbx_details    
;2M ammonium sulphate
0.1 M Tris pH 8.5
;
_exptl_crystal_grow.pdbx_pH_range   ? 
_exptl_crystal_grow.temp            294 
# 
_diffrn.ambient_environment              ? 
_diffrn.ambient_temp                     100 
_diffrn.ambient_temp_details             ? 
_diffrn.ambient_temp_esd                 ? 
_diffrn.crystal_id                       1 
_diffrn.crystal_support                  ? 
_diffrn.crystal_treatment                ? 
_diffrn.details                          ? 
_diffrn.id                               1 
_diffrn.ambient_pressure                 ? 
_diffrn.ambient_pressure_esd             ? 
_diffrn.ambient_pressure_gt              ? 
_diffrn.ambient_pressure_lt              ? 
_diffrn.ambient_temp_gt                  ? 
_diffrn.ambient_temp_lt                  ? 
_diffrn.pdbx_serial_crystal_experiment   N 
# 
_diffrn_detector.details                      ? 
_diffrn_detector.detector                     PIXEL 
_diffrn_detector.diffrn_id                    1 
_diffrn_detector.type                         'DECTRIS PILATUS 6M' 
_diffrn_detector.area_resol_mean              ? 
_diffrn_detector.dtime                        ? 
_diffrn_detector.pdbx_frames_total            ? 
_diffrn_detector.pdbx_collection_time_total   ? 
_diffrn_detector.pdbx_collection_date         2021-07-22 
_diffrn_detector.pdbx_frequency               ? 
_diffrn_detector.id                           ? 
_diffrn_detector.number_of_axes               ? 
# 
_diffrn_radiation.collimation                      ? 
_diffrn_radiation.diffrn_id                        1 
_diffrn_radiation.filter_edge                      ? 
_diffrn_radiation.inhomogeneity                    ? 
_diffrn_radiation.monochromator                    ? 
_diffrn_radiation.polarisn_norm                    ? 
_diffrn_radiation.polarisn_ratio                   ? 
_diffrn_radiation.probe                            ? 
_diffrn_radiation.type                             ? 
_diffrn_radiation.xray_symbol                      ? 
_diffrn_radiation.wavelength_id                    1 
_diffrn_radiation.pdbx_monochromatic_or_laue_m_l   M 
_diffrn_radiation.pdbx_wavelength_list             ? 
_diffrn_radiation.pdbx_wavelength                  ? 
_diffrn_radiation.pdbx_diffrn_protocol             'SINGLE WAVELENGTH' 
_diffrn_radiation.pdbx_analyzer                    ? 
_diffrn_radiation.pdbx_scattering_type             x-ray 
# 
_diffrn_radiation_wavelength.id           1 
_diffrn_radiation_wavelength.wavelength   0.97895 
_diffrn_radiation_wavelength.wt           1.0 
# 
_diffrn_source.current                     ? 
_diffrn_source.details                     ? 
_diffrn_source.diffrn_id                   1 
_diffrn_source.power                       ? 
_diffrn_source.size                        ? 
_diffrn_source.source                      SYNCHROTRON 
_diffrn_source.target                      ? 
_diffrn_source.type                        'ALBA BEAMLINE XALOC' 
_diffrn_source.voltage                     ? 
_diffrn_source.take-off_angle              ? 
_diffrn_source.pdbx_wavelength_list        0.97895 
_diffrn_source.pdbx_wavelength             ? 
_diffrn_source.pdbx_synchrotron_beamline   XALOC 
_diffrn_source.pdbx_synchrotron_site       ALBA 
# 
_reflns.B_iso_Wilson_estimate                          ? 
_reflns.entry_id                                       8PHN 
_reflns.data_reduction_details                         ? 
_reflns.data_reduction_method                          ? 
_reflns.d_resolution_high                              1.90 
_reflns.d_resolution_low                               89.07 
_reflns.details                                        ? 
_reflns.limit_h_max                                    ? 
_reflns.limit_h_min                                    ? 
_reflns.limit_k_max                                    ? 
_reflns.limit_k_min                                    ? 
_reflns.limit_l_max                                    ? 
_reflns.limit_l_min                                    ? 
_reflns.number_all                                     ? 
_reflns.number_obs                                     12954 
_reflns.observed_criterion                             ? 
_reflns.observed_criterion_F_max                       ? 
_reflns.observed_criterion_F_min                       ? 
_reflns.observed_criterion_I_max                       ? 
_reflns.observed_criterion_I_min                       ? 
_reflns.observed_criterion_sigma_F                     ? 
_reflns.observed_criterion_sigma_I                     ? 
_reflns.percent_possible_obs                           100.0 
_reflns.R_free_details                                 ? 
_reflns.Rmerge_F_all                                   ? 
_reflns.Rmerge_F_obs                                   ? 
_reflns.Friedel_coverage                               ? 
_reflns.number_gt                                      ? 
_reflns.threshold_expression                           ? 
_reflns.pdbx_redundancy                                21.3 
_reflns.pdbx_netI_over_av_sigmaI                       ? 
_reflns.pdbx_netI_over_sigmaI                          22.3 
_reflns.pdbx_res_netI_over_av_sigmaI_2                 ? 
_reflns.pdbx_res_netI_over_sigmaI_2                    ? 
_reflns.pdbx_chi_squared                               0.98 
_reflns.pdbx_scaling_rejects                           ? 
_reflns.pdbx_d_res_high_opt                            ? 
_reflns.pdbx_d_res_low_opt                             ? 
_reflns.pdbx_d_res_opt_method                          ? 
_reflns.phase_calculation_details                      ? 
_reflns.pdbx_Rrim_I_all                                0.090 
_reflns.pdbx_Rpim_I_all                                0.020 
_reflns.pdbx_d_opt                                     ? 
_reflns.pdbx_number_measured_all                       275556 
_reflns.pdbx_diffrn_id                                 1 
_reflns.pdbx_ordinal                                   1 
_reflns.pdbx_CC_half                                   1.000 
_reflns.pdbx_CC_star                                   ? 
_reflns.pdbx_R_split                                   ? 
_reflns.pdbx_Rmerge_I_obs                              0.088 
_reflns.pdbx_Rmerge_I_all                              ? 
_reflns.pdbx_Rsym_value                                ? 
_reflns.pdbx_CC_split_method                           ? 
_reflns.pdbx_aniso_diffraction_limit_axis_1_ortho[1]   ? 
_reflns.pdbx_aniso_diffraction_limit_axis_1_ortho[2]   ? 
_reflns.pdbx_aniso_diffraction_limit_axis_1_ortho[3]   ? 
_reflns.pdbx_aniso_diffraction_limit_axis_2_ortho[1]   ? 
_reflns.pdbx_aniso_diffraction_limit_axis_2_ortho[2]   ? 
_reflns.pdbx_aniso_diffraction_limit_axis_2_ortho[3]   ? 
_reflns.pdbx_aniso_diffraction_limit_axis_3_ortho[1]   ? 
_reflns.pdbx_aniso_diffraction_limit_axis_3_ortho[2]   ? 
_reflns.pdbx_aniso_diffraction_limit_axis_3_ortho[3]   ? 
_reflns.pdbx_aniso_diffraction_limit_1                 ? 
_reflns.pdbx_aniso_diffraction_limit_2                 ? 
_reflns.pdbx_aniso_diffraction_limit_3                 ? 
_reflns.pdbx_aniso_B_tensor_eigenvector_1_ortho[1]     ? 
_reflns.pdbx_aniso_B_tensor_eigenvector_1_ortho[2]     ? 
_reflns.pdbx_aniso_B_tensor_eigenvector_1_ortho[3]     ? 
_reflns.pdbx_aniso_B_tensor_eigenvector_2_ortho[1]     ? 
_reflns.pdbx_aniso_B_tensor_eigenvector_2_ortho[2]     ? 
_reflns.pdbx_aniso_B_tensor_eigenvector_2_ortho[3]     ? 
_reflns.pdbx_aniso_B_tensor_eigenvector_3_ortho[1]     ? 
_reflns.pdbx_aniso_B_tensor_eigenvector_3_ortho[2]     ? 
_reflns.pdbx_aniso_B_tensor_eigenvector_3_ortho[3]     ? 
_reflns.pdbx_aniso_B_tensor_eigenvalue_1               ? 
_reflns.pdbx_aniso_B_tensor_eigenvalue_2               ? 
_reflns.pdbx_aniso_B_tensor_eigenvalue_3               ? 
_reflns.pdbx_orthogonalization_convention              ? 
_reflns.pdbx_percent_possible_ellipsoidal              ? 
_reflns.pdbx_percent_possible_spherical                ? 
_reflns.pdbx_percent_possible_ellipsoidal_anomalous    ? 
_reflns.pdbx_percent_possible_spherical_anomalous      ? 
_reflns.pdbx_redundancy_anomalous                      ? 
_reflns.pdbx_CC_half_anomalous                         ? 
_reflns.pdbx_absDiff_over_sigma_anomalous              ? 
_reflns.pdbx_percent_possible_anomalous                ? 
_reflns.pdbx_observed_signal_threshold                 ? 
_reflns.pdbx_signal_type                               ? 
_reflns.pdbx_signal_details                            ? 
_reflns.pdbx_signal_software_id                        ? 
# 
_reflns_shell.d_res_high                                    1.90 
_reflns_shell.d_res_low                                     1.94 
_reflns_shell.meanI_over_sigI_all                           ? 
_reflns_shell.meanI_over_sigI_obs                           ? 
_reflns_shell.number_measured_all                           17418 
_reflns_shell.number_measured_obs                           ? 
_reflns_shell.number_possible                               ? 
_reflns_shell.number_unique_all                             ? 
_reflns_shell.number_unique_obs                             803 
_reflns_shell.percent_possible_obs                          100.0 
_reflns_shell.Rmerge_F_all                                  ? 
_reflns_shell.Rmerge_F_obs                                  ? 
_reflns_shell.meanI_over_sigI_gt                            ? 
_reflns_shell.meanI_over_uI_all                             ? 
_reflns_shell.meanI_over_uI_gt                              ? 
_reflns_shell.number_measured_gt                            ? 
_reflns_shell.number_unique_gt                              ? 
_reflns_shell.percent_possible_gt                           ? 
_reflns_shell.Rmerge_F_gt                                   ? 
_reflns_shell.Rmerge_I_gt                                   ? 
_reflns_shell.pdbx_redundancy                               21.7 
_reflns_shell.pdbx_chi_squared                              0.95 
_reflns_shell.pdbx_netI_over_sigmaI_all                     ? 
_reflns_shell.pdbx_netI_over_sigmaI_obs                     3.0 
_reflns_shell.pdbx_Rrim_I_all                               1.275 
_reflns_shell.pdbx_Rpim_I_all                               0.272 
_reflns_shell.pdbx_rejects                                  ? 
_reflns_shell.pdbx_ordinal                                  1 
_reflns_shell.pdbx_diffrn_id                                1 
_reflns_shell.pdbx_CC_half                                  0.836 
_reflns_shell.pdbx_CC_star                                  ? 
_reflns_shell.pdbx_R_split                                  ? 
_reflns_shell.percent_possible_all                          ? 
_reflns_shell.Rmerge_I_all                                  ? 
_reflns_shell.Rmerge_I_obs                                  1.245 
_reflns_shell.pdbx_Rsym_value                               ? 
_reflns_shell.pdbx_percent_possible_ellipsoidal             ? 
_reflns_shell.pdbx_percent_possible_spherical               ? 
_reflns_shell.pdbx_percent_possible_ellipsoidal_anomalous   ? 
_reflns_shell.pdbx_percent_possible_spherical_anomalous     ? 
_reflns_shell.pdbx_redundancy_anomalous                     ? 
_reflns_shell.pdbx_CC_half_anomalous                        ? 
_reflns_shell.pdbx_absDiff_over_sigma_anomalous             ? 
_reflns_shell.pdbx_percent_possible_anomalous               ? 
# 
_refine.aniso_B[1][1]                            0.00 
_refine.aniso_B[1][2]                            0.00 
_refine.aniso_B[1][3]                            0.00 
_refine.aniso_B[2][2]                            0.00 
_refine.aniso_B[2][3]                            0.00 
_refine.aniso_B[3][3]                            0.00 
_refine.B_iso_max                                ? 
_refine.B_iso_mean                               35.699 
_refine.B_iso_min                                ? 
_refine.correlation_coeff_Fo_to_Fc               0.958 
_refine.correlation_coeff_Fo_to_Fc_free          0.955 
_refine.details                                  'HYDROGENS HAVE BEEN ADDED IN THE RIDING POSITIONS' 
_refine.diff_density_max                         ? 
_refine.diff_density_max_esd                     ? 
_refine.diff_density_min                         ? 
_refine.diff_density_min_esd                     ? 
_refine.diff_density_rms                         ? 
_refine.diff_density_rms_esd                     ? 
_refine.entry_id                                 8PHN 
_refine.pdbx_refine_id                           'X-RAY DIFFRACTION' 
_refine.ls_abs_structure_details                 ? 
_refine.ls_abs_structure_Flack                   ? 
_refine.ls_abs_structure_Flack_esd               ? 
_refine.ls_abs_structure_Rogers                  ? 
_refine.ls_abs_structure_Rogers_esd              ? 
_refine.ls_d_res_high                            1.90 
_refine.ls_d_res_low                             89.07 
_refine.ls_extinction_coef                       ? 
_refine.ls_extinction_coef_esd                   ? 
_refine.ls_extinction_expression                 ? 
_refine.ls_extinction_method                     ? 
_refine.ls_goodness_of_fit_all                   ? 
_refine.ls_goodness_of_fit_all_esd               ? 
_refine.ls_goodness_of_fit_obs                   ? 
_refine.ls_goodness_of_fit_obs_esd               ? 
_refine.ls_hydrogen_treatment                    ? 
_refine.ls_matrix_type                           ? 
_refine.ls_number_constraints                    ? 
_refine.ls_number_parameters                     ? 
_refine.ls_number_reflns_all                     ? 
_refine.ls_number_reflns_obs                     12254 
_refine.ls_number_reflns_R_free                  683 
_refine.ls_number_reflns_R_work                  ? 
_refine.ls_number_restraints                     ? 
_refine.ls_percent_reflns_obs                    99.98 
_refine.ls_percent_reflns_R_free                 5.3 
_refine.ls_R_factor_all                          ? 
_refine.ls_R_factor_obs                          0.21169 
_refine.ls_R_factor_R_free                       0.22200 
_refine.ls_R_factor_R_free_error                 ? 
_refine.ls_R_factor_R_free_error_details         ? 
_refine.ls_R_factor_R_work                       0.21110 
_refine.ls_R_Fsqd_factor_obs                     ? 
_refine.ls_R_I_factor_obs                        ? 
_refine.ls_redundancy_reflns_all                 ? 
_refine.ls_redundancy_reflns_obs                 ? 
_refine.ls_restrained_S_all                      ? 
_refine.ls_restrained_S_obs                      ? 
_refine.ls_shift_over_esd_max                    ? 
_refine.ls_shift_over_esd_mean                   ? 
_refine.ls_structure_factor_coef                 ? 
_refine.ls_weighting_details                     ? 
_refine.ls_weighting_scheme                      ? 
_refine.ls_wR_factor_all                         ? 
_refine.ls_wR_factor_obs                         ? 
_refine.ls_wR_factor_R_free                      ? 
_refine.ls_wR_factor_R_work                      ? 
_refine.occupancy_max                            ? 
_refine.occupancy_min                            ? 
_refine.solvent_model_details                    MASK 
_refine.solvent_model_param_bsol                 ? 
_refine.solvent_model_param_ksol                 ? 
_refine.pdbx_R_complete                          ? 
_refine.ls_R_factor_gt                           ? 
_refine.ls_goodness_of_fit_gt                    ? 
_refine.ls_goodness_of_fit_ref                   ? 
_refine.ls_shift_over_su_max                     ? 
_refine.ls_shift_over_su_max_lt                  ? 
_refine.ls_shift_over_su_mean                    ? 
_refine.ls_shift_over_su_mean_lt                 ? 
_refine.pdbx_ls_sigma_I                          ? 
_refine.pdbx_ls_sigma_F                          ? 
_refine.pdbx_ls_sigma_Fsqd                       ? 
_refine.pdbx_data_cutoff_high_absF               ? 
_refine.pdbx_data_cutoff_high_rms_absF           ? 
_refine.pdbx_data_cutoff_low_absF                ? 
_refine.pdbx_isotropic_thermal_model             ? 
_refine.pdbx_ls_cross_valid_method               THROUGHOUT 
_refine.pdbx_method_to_determine_struct          'MOLECULAR REPLACEMENT' 
_refine.pdbx_starting_model                      ? 
_refine.pdbx_stereochemistry_target_values       'MAXIMUM LIKELIHOOD' 
_refine.pdbx_R_Free_selection_details            RANDOM 
_refine.pdbx_stereochem_target_val_spec_case     ? 
_refine.pdbx_overall_ESU_R                       0.141 
_refine.pdbx_overall_ESU_R_Free                  0.122 
_refine.pdbx_solvent_vdw_probe_radii             1.20 
_refine.pdbx_solvent_ion_probe_radii             0.80 
_refine.pdbx_solvent_shrinkage_radii             0.80 
_refine.pdbx_real_space_R                        ? 
_refine.pdbx_density_correlation                 ? 
_refine.pdbx_pd_number_of_powder_patterns        ? 
_refine.pdbx_pd_number_of_points                 ? 
_refine.pdbx_pd_meas_number_of_points            ? 
_refine.pdbx_pd_proc_ls_prof_R_factor            ? 
_refine.pdbx_pd_proc_ls_prof_wR_factor           ? 
_refine.pdbx_pd_Marquardt_correlation_coeff      ? 
_refine.pdbx_pd_Fsqrd_R_factor                   ? 
_refine.pdbx_pd_ls_matrix_band_width             ? 
_refine.pdbx_overall_phase_error                 ? 
_refine.pdbx_overall_SU_R_free_Cruickshank_DPI   ? 
_refine.pdbx_overall_SU_R_free_Blow_DPI          ? 
_refine.pdbx_overall_SU_R_Blow_DPI               ? 
_refine.pdbx_TLS_residual_ADP_flag               ? 
_refine.pdbx_diffrn_id                           1 
_refine.overall_SU_B                             2.979 
_refine.overall_SU_ML                            0.087 
_refine.overall_SU_R_Cruickshank_DPI             ? 
_refine.overall_SU_R_free                        ? 
_refine.overall_FOM_free_R_set                   ? 
_refine.overall_FOM_work_R_set                   ? 
_refine.pdbx_average_fsc_overall                 ? 
_refine.pdbx_average_fsc_work                    ? 
_refine.pdbx_average_fsc_free                    ? 
# 
_refine_hist.pdbx_refine_id                   'X-RAY DIFFRACTION' 
_refine_hist.cycle_id                         1 
_refine_hist.details                          ? 
_refine_hist.d_res_high                       1.90 
_refine_hist.d_res_low                        89.07 
_refine_hist.number_atoms_solvent             45 
_refine_hist.number_atoms_total               982 
_refine_hist.number_reflns_all                ? 
_refine_hist.number_reflns_obs                ? 
_refine_hist.number_reflns_R_free             ? 
_refine_hist.number_reflns_R_work             ? 
_refine_hist.R_factor_all                     ? 
_refine_hist.R_factor_obs                     ? 
_refine_hist.R_factor_R_free                  ? 
_refine_hist.R_factor_R_work                  ? 
_refine_hist.pdbx_number_residues_total       ? 
_refine_hist.pdbx_B_iso_mean_ligand           ? 
_refine_hist.pdbx_B_iso_mean_solvent          ? 
_refine_hist.pdbx_number_atoms_protein        931 
_refine_hist.pdbx_number_atoms_nucleic_acid   0 
_refine_hist.pdbx_number_atoms_ligand         6 
_refine_hist.pdbx_number_atoms_lipid          ? 
_refine_hist.pdbx_number_atoms_carb           ? 
_refine_hist.pdbx_pseudo_atom_details         ? 
# 
loop_
_refine_ls_restr.pdbx_refine_id 
_refine_ls_restr.criterion 
_refine_ls_restr.dev_ideal 
_refine_ls_restr.dev_ideal_target 
_refine_ls_restr.number 
_refine_ls_restr.rejects 
_refine_ls_restr.type 
_refine_ls_restr.weight 
_refine_ls_restr.pdbx_restraint_function 
'X-RAY DIFFRACTION' ? 0.005  0.012  949  ? r_bond_refined_d             ? ? 
'X-RAY DIFFRACTION' ? 0.001  0.016  951  ? r_bond_other_d               ? ? 
'X-RAY DIFFRACTION' ? 1.145  1.633  1286 ? r_angle_refined_deg          ? ? 
'X-RAY DIFFRACTION' ? 0.397  1.563  2186 ? r_angle_other_deg            ? ? 
'X-RAY DIFFRACTION' ? 6.446  5.000  123  ? r_dihedral_angle_1_deg       ? ? 
'X-RAY DIFFRACTION' ? 7.256  5.000  4    ? r_dihedral_angle_2_deg       ? ? 
'X-RAY DIFFRACTION' ? 17.894 10.000 167  ? r_dihedral_angle_3_deg       ? ? 
'X-RAY DIFFRACTION' ? ?      ?      ?    ? r_dihedral_angle_4_deg       ? ? 
'X-RAY DIFFRACTION' ? 0.052  0.200  156  ? r_chiral_restr               ? ? 
'X-RAY DIFFRACTION' ? 0.005  0.020  1092 ? r_gen_planes_refined         ? ? 
'X-RAY DIFFRACTION' ? 0.001  0.020  191  ? r_gen_planes_other           ? ? 
'X-RAY DIFFRACTION' ? ?      ?      ?    ? r_nbd_refined                ? ? 
'X-RAY DIFFRACTION' ? ?      ?      ?    ? r_nbd_other                  ? ? 
'X-RAY DIFFRACTION' ? ?      ?      ?    ? r_nbtor_refined              ? ? 
'X-RAY DIFFRACTION' ? ?      ?      ?    ? r_nbtor_other                ? ? 
'X-RAY DIFFRACTION' ? ?      ?      ?    ? r_xyhbond_nbd_refined        ? ? 
'X-RAY DIFFRACTION' ? ?      ?      ?    ? r_xyhbond_nbd_other          ? ? 
'X-RAY DIFFRACTION' ? ?      ?      ?    ? r_metal_ion_refined          ? ? 
'X-RAY DIFFRACTION' ? ?      ?      ?    ? r_metal_ion_other            ? ? 
'X-RAY DIFFRACTION' ? ?      ?      ?    ? r_symmetry_vdw_refined       ? ? 
'X-RAY DIFFRACTION' ? ?      ?      ?    ? r_symmetry_vdw_other         ? ? 
'X-RAY DIFFRACTION' ? ?      ?      ?    ? r_symmetry_hbond_refined     ? ? 
'X-RAY DIFFRACTION' ? ?      ?      ?    ? r_symmetry_hbond_other       ? ? 
'X-RAY DIFFRACTION' ? ?      ?      ?    ? r_symmetry_metal_ion_refined ? ? 
'X-RAY DIFFRACTION' ? ?      ?      ?    ? r_symmetry_metal_ion_other   ? ? 
'X-RAY DIFFRACTION' ? 3.015  3.565  495  ? r_mcbond_it                  ? ? 
'X-RAY DIFFRACTION' ? 2.972  3.563  495  ? r_mcbond_other               ? ? 
'X-RAY DIFFRACTION' ? 4.759  6.390  617  ? r_mcangle_it                 ? ? 
'X-RAY DIFFRACTION' ? 4.765  6.395  618  ? r_mcangle_other              ? ? 
'X-RAY DIFFRACTION' ? 3.817  3.884  454  ? r_scbond_it                  ? ? 
'X-RAY DIFFRACTION' ? 3.820  3.884  451  ? r_scbond_other               ? ? 
'X-RAY DIFFRACTION' ? ?      ?      ?    ? r_scangle_it                 ? ? 
'X-RAY DIFFRACTION' ? 6.264  6.948  664  ? r_scangle_other              ? ? 
'X-RAY DIFFRACTION' ? 8.210  34.36  1016 ? r_long_range_B_refined       ? ? 
'X-RAY DIFFRACTION' ? 8.203  34.37  1007 ? r_long_range_B_other         ? ? 
'X-RAY DIFFRACTION' ? ?      ?      ?    ? r_rigid_bond_restr           ? ? 
'X-RAY DIFFRACTION' ? ?      ?      ?    ? r_sphericity_free            ? ? 
'X-RAY DIFFRACTION' ? ?      ?      ?    ? r_sphericity_bonded          ? ? 
# 
_refine_ls_shell.pdbx_refine_id                   'X-RAY DIFFRACTION' 
_refine_ls_shell.d_res_high                       1.901 
_refine_ls_shell.d_res_low                        1.950 
_refine_ls_shell.number_reflns_all                ? 
_refine_ls_shell.number_reflns_obs                ? 
_refine_ls_shell.number_reflns_R_free             55 
_refine_ls_shell.number_reflns_R_work             884 
_refine_ls_shell.percent_reflns_obs               100.00 
_refine_ls_shell.percent_reflns_R_free            ? 
_refine_ls_shell.R_factor_all                     ? 
_refine_ls_shell.R_factor_obs                     ? 
_refine_ls_shell.R_factor_R_free_error            ? 
_refine_ls_shell.R_factor_R_work                  0.261 
_refine_ls_shell.redundancy_reflns_all            ? 
_refine_ls_shell.redundancy_reflns_obs            ? 
_refine_ls_shell.wR_factor_all                    ? 
_refine_ls_shell.wR_factor_obs                    ? 
_refine_ls_shell.wR_factor_R_free                 ? 
_refine_ls_shell.wR_factor_R_work                 ? 
_refine_ls_shell.pdbx_R_complete                  ? 
_refine_ls_shell.pdbx_total_number_of_bins_used   20 
_refine_ls_shell.pdbx_phase_error                 ? 
_refine_ls_shell.pdbx_fsc_work                    ? 
_refine_ls_shell.pdbx_fsc_free                    ? 
_refine_ls_shell.R_factor_R_free                  0.221 
# 
_struct.entry_id                     8PHN 
_struct.title                        'Receiver domain from hybrid Histidine Kinase 3 from Chaetomium thermophilum' 
_struct.pdbx_model_details           ? 
_struct.pdbx_formula_weight          ? 
_struct.pdbx_formula_weight_method   ? 
_struct.pdbx_model_type_details      ? 
_struct.pdbx_CASP_flag               N 
# 
_struct_keywords.entry_id        8PHN 
_struct_keywords.text            'hybrid Histidine Kinase, Fungal, Phosphorelay, Kinase, SIGNALING PROTEIN' 
_struct_keywords.pdbx_keywords   'SIGNALING PROTEIN' 
# 
loop_
_struct_asym.id 
_struct_asym.pdbx_blank_PDB_chainid_flag 
_struct_asym.pdbx_modified 
_struct_asym.entity_id 
_struct_asym.details 
A N N 1 ? 
B N N 2 ? 
C N N 3 ? 
D N N 4 ? 
# 
_struct_ref.id                         1 
_struct_ref.db_name                    UNP 
_struct_ref.db_code                    G0SBK1_CHATD 
_struct_ref.pdbx_db_accession          G0SBK1 
_struct_ref.pdbx_db_isoform            ? 
_struct_ref.entity_id                  1 
_struct_ref.pdbx_seq_one_letter_code   
;ENRATPSLADNTRSFEILLAEDNAVNQRLAVKILEKYHHVVTVVGNGEEAVEAVKRKKFDVILMDVQMPVMGGFEATAKI
REYEASLPTPQRTPIIALTAHAMMGDREKCLEAQMDEYLSKPLQQANLIQTILKCA
;
_struct_ref.pdbx_align_begin           1085 
# 
_struct_ref_seq.align_id                      1 
_struct_ref_seq.ref_id                        1 
_struct_ref_seq.pdbx_PDB_id_code              8PHN 
_struct_ref_seq.pdbx_strand_id                A 
_struct_ref_seq.seq_align_beg                 4 
_struct_ref_seq.pdbx_seq_align_beg_ins_code   ? 
_struct_ref_seq.seq_align_end                 139 
_struct_ref_seq.pdbx_seq_align_end_ins_code   ? 
_struct_ref_seq.pdbx_db_accession             G0SBK1 
_struct_ref_seq.db_align_beg                  1085 
_struct_ref_seq.pdbx_db_align_beg_ins_code    ? 
_struct_ref_seq.db_align_end                  1220 
_struct_ref_seq.pdbx_db_align_end_ins_code    ? 
_struct_ref_seq.pdbx_auth_seq_align_beg       1085 
_struct_ref_seq.pdbx_auth_seq_align_end       1220 
# 
loop_
_struct_ref_seq_dif.align_id 
_struct_ref_seq_dif.pdbx_pdb_id_code 
_struct_ref_seq_dif.mon_id 
_struct_ref_seq_dif.pdbx_pdb_strand_id 
_struct_ref_seq_dif.seq_num 
_struct_ref_seq_dif.pdbx_pdb_ins_code 
_struct_ref_seq_dif.pdbx_seq_db_name 
_struct_ref_seq_dif.pdbx_seq_db_accession_code 
_struct_ref_seq_dif.db_mon_id 
_struct_ref_seq_dif.pdbx_seq_db_seq_num 
_struct_ref_seq_dif.details 
_struct_ref_seq_dif.pdbx_auth_seq_num 
_struct_ref_seq_dif.pdbx_ordinal 
1 8PHN GLY A 1 ? UNP G0SBK1 ? ? 'expression tag' 1082 1 
1 8PHN PRO A 2 ? UNP G0SBK1 ? ? 'expression tag' 1083 2 
1 8PHN GLY A 3 ? UNP G0SBK1 ? ? 'expression tag' 1084 3 
# 
_pdbx_struct_assembly.id                   1 
_pdbx_struct_assembly.details              author_and_software_defined_assembly 
_pdbx_struct_assembly.method_details       PISA 
_pdbx_struct_assembly.oligomeric_details   monomeric 
_pdbx_struct_assembly.oligomeric_count     1 
# 
loop_
_pdbx_struct_assembly_prop.biol_id 
_pdbx_struct_assembly_prop.type 
_pdbx_struct_assembly_prop.value 
_pdbx_struct_assembly_prop.details 
1 'ABSA (A^2)' 200  ? 
1 MORE         -14  ? 
1 'SSA (A^2)'  6480 ? 
# 
_pdbx_struct_assembly_gen.assembly_id       1 
_pdbx_struct_assembly_gen.oper_expression   1 
_pdbx_struct_assembly_gen.asym_id_list      A,B,C,D 
# 
_pdbx_struct_assembly_auth_evidence.id                     1 
_pdbx_struct_assembly_auth_evidence.assembly_id            1 
_pdbx_struct_assembly_auth_evidence.experimental_support   'gel filtration' 
_pdbx_struct_assembly_auth_evidence.details                ? 
# 
_pdbx_struct_oper_list.id                   1 
_pdbx_struct_oper_list.type                 'identity operation' 
_pdbx_struct_oper_list.name                 1_555 
_pdbx_struct_oper_list.symmetry_operation   x,y,z 
_pdbx_struct_oper_list.matrix[1][1]         1.0000000000 
_pdbx_struct_oper_list.matrix[1][2]         0.0000000000 
_pdbx_struct_oper_list.matrix[1][3]         0.0000000000 
_pdbx_struct_oper_list.vector[1]            0.0000000000 
_pdbx_struct_oper_list.matrix[2][1]         0.0000000000 
_pdbx_struct_oper_list.matrix[2][2]         1.0000000000 
_pdbx_struct_oper_list.matrix[2][3]         0.0000000000 
_pdbx_struct_oper_list.vector[2]            0.0000000000 
_pdbx_struct_oper_list.matrix[3][1]         0.0000000000 
_pdbx_struct_oper_list.matrix[3][2]         0.0000000000 
_pdbx_struct_oper_list.matrix[3][3]         1.0000000000 
_pdbx_struct_oper_list.vector[3]            0.0000000000 
# 
loop_
_struct_conf.conf_type_id 
_struct_conf.id 
_struct_conf.pdbx_PDB_helix_id 
_struct_conf.beg_label_comp_id 
_struct_conf.beg_label_asym_id 
_struct_conf.beg_label_seq_id 
_struct_conf.pdbx_beg_PDB_ins_code 
_struct_conf.end_label_comp_id 
_struct_conf.end_label_asym_id 
_struct_conf.end_label_seq_id 
_struct_conf.pdbx_end_PDB_ins_code 
_struct_conf.beg_auth_comp_id 
_struct_conf.beg_auth_asym_id 
_struct_conf.beg_auth_seq_id 
_struct_conf.end_auth_comp_id 
_struct_conf.end_auth_asym_id 
_struct_conf.end_auth_seq_id 
_struct_conf.pdbx_PDB_helix_class 
_struct_conf.details 
_struct_conf.pdbx_PDB_helix_length 
HELX_P HELX_P1 AA1 ASN A 26  ? TYR A 40  ? ASN A 1107 TYR A 1121 1 ? 15 
HELX_P HELX_P2 AA2 ASN A 49  ? LYS A 58  ? ASN A 1130 LYS A 1139 1 ? 10 
HELX_P HELX_P3 AA3 GLY A 75  ? SER A 89  ? GLY A 1156 SER A 1170 1 ? 15 
HELX_P HELX_P4 AA4 GLY A 108 ? ALA A 116 ? GLY A 1189 ALA A 1197 1 ? 9  
HELX_P HELX_P5 AA5 GLN A 127 ? ALA A 139 ? GLN A 1208 ALA A 1220 1 ? 13 
# 
_struct_conf_type.id          HELX_P 
_struct_conf_type.criteria    ? 
_struct_conf_type.reference   ? 
# 
loop_
_struct_conn.id 
_struct_conn.conn_type_id 
_struct_conn.pdbx_leaving_atom_flag 
_struct_conn.pdbx_PDB_id 
_struct_conn.ptnr1_label_asym_id 
_struct_conn.ptnr1_label_comp_id 
_struct_conn.ptnr1_label_seq_id 
_struct_conn.ptnr1_label_atom_id 
_struct_conn.pdbx_ptnr1_label_alt_id 
_struct_conn.pdbx_ptnr1_PDB_ins_code 
_struct_conn.pdbx_ptnr1_standard_comp_id 
_struct_conn.ptnr1_symmetry 
_struct_conn.ptnr2_label_asym_id 
_struct_conn.ptnr2_label_comp_id 
_struct_conn.ptnr2_label_seq_id 
_struct_conn.ptnr2_label_atom_id 
_struct_conn.pdbx_ptnr2_label_alt_id 
_struct_conn.pdbx_ptnr2_PDB_ins_code 
_struct_conn.ptnr1_auth_asym_id 
_struct_conn.ptnr1_auth_comp_id 
_struct_conn.ptnr1_auth_seq_id 
_struct_conn.ptnr2_auth_asym_id 
_struct_conn.ptnr2_auth_comp_id 
_struct_conn.ptnr2_auth_seq_id 
_struct_conn.ptnr2_symmetry 
_struct_conn.pdbx_ptnr3_label_atom_id 
_struct_conn.pdbx_ptnr3_label_seq_id 
_struct_conn.pdbx_ptnr3_label_comp_id 
_struct_conn.pdbx_ptnr3_label_asym_id 
_struct_conn.pdbx_ptnr3_label_alt_id 
_struct_conn.pdbx_ptnr3_PDB_ins_code 
_struct_conn.details 
_struct_conn.pdbx_dist_value 
_struct_conn.pdbx_value_order 
_struct_conn.pdbx_role 
metalc1 metalc ? ? A ASP 25 OD1 ? ? ? 1_555 B MG  . MG ? ? A ASP 1106 A MG  1301 1_555 ? ? ? ? ? ? ? 2.056 ? ? 
metalc2 metalc ? ? A ASP 68 OD2 ? ? ? 1_555 B MG  . MG ? ? A ASP 1149 A MG  1301 1_555 ? ? ? ? ? ? ? 2.220 ? ? 
metalc3 metalc ? ? A GLN 70 O   ? ? ? 1_555 B MG  . MG ? ? A GLN 1151 A MG  1301 1_555 ? ? ? ? ? ? ? 2.163 ? ? 
metalc4 metalc ? ? B MG  .  MG  ? ? ? 1_555 D HOH . O  ? ? A MG  1301 A HOH 1401 1_555 ? ? ? ? ? ? ? 2.104 ? ? 
metalc5 metalc ? ? B MG  .  MG  ? ? ? 1_555 D HOH . O  ? ? A MG  1301 A HOH 1417 1_555 ? ? ? ? ? ? ? 1.818 ? ? 
# 
_struct_conn_type.id          metalc 
_struct_conn_type.criteria    ? 
_struct_conn_type.reference   ? 
# 
loop_
_pdbx_struct_conn_angle.id 
_pdbx_struct_conn_angle.ptnr1_label_atom_id 
_pdbx_struct_conn_angle.ptnr1_label_alt_id 
_pdbx_struct_conn_angle.ptnr1_label_asym_id 
_pdbx_struct_conn_angle.ptnr1_label_comp_id 
_pdbx_struct_conn_angle.ptnr1_label_seq_id 
_pdbx_struct_conn_angle.ptnr1_auth_atom_id 
_pdbx_struct_conn_angle.ptnr1_auth_asym_id 
_pdbx_struct_conn_angle.ptnr1_auth_comp_id 
_pdbx_struct_conn_angle.ptnr1_auth_seq_id 
_pdbx_struct_conn_angle.ptnr1_PDB_ins_code 
_pdbx_struct_conn_angle.ptnr1_symmetry 
_pdbx_struct_conn_angle.ptnr2_label_atom_id 
_pdbx_struct_conn_angle.ptnr2_label_alt_id 
_pdbx_struct_conn_angle.ptnr2_label_asym_id 
_pdbx_struct_conn_angle.ptnr2_label_comp_id 
_pdbx_struct_conn_angle.ptnr2_label_seq_id 
_pdbx_struct_conn_angle.ptnr2_auth_atom_id 
_pdbx_struct_conn_angle.ptnr2_auth_asym_id 
_pdbx_struct_conn_angle.ptnr2_auth_comp_id 
_pdbx_struct_conn_angle.ptnr2_auth_seq_id 
_pdbx_struct_conn_angle.ptnr2_PDB_ins_code 
_pdbx_struct_conn_angle.ptnr2_symmetry 
_pdbx_struct_conn_angle.ptnr3_label_atom_id 
_pdbx_struct_conn_angle.ptnr3_label_alt_id 
_pdbx_struct_conn_angle.ptnr3_label_asym_id 
_pdbx_struct_conn_angle.ptnr3_label_comp_id 
_pdbx_struct_conn_angle.ptnr3_label_seq_id 
_pdbx_struct_conn_angle.ptnr3_auth_atom_id 
_pdbx_struct_conn_angle.ptnr3_auth_asym_id 
_pdbx_struct_conn_angle.ptnr3_auth_comp_id 
_pdbx_struct_conn_angle.ptnr3_auth_seq_id 
_pdbx_struct_conn_angle.ptnr3_PDB_ins_code 
_pdbx_struct_conn_angle.ptnr3_symmetry 
_pdbx_struct_conn_angle.value 
_pdbx_struct_conn_angle.value_esd 
1  OD1 ? A ASP 25 ? A ASP 1106 ? 1_555 MG ? B MG . ? A MG 1301 ? 1_555 OD2 ? A ASP 68 ? A ASP 1149 ? 1_555 77.2  ? 
2  OD1 ? A ASP 25 ? A ASP 1106 ? 1_555 MG ? B MG . ? A MG 1301 ? 1_555 O   ? A GLN 70 ? A GLN 1151 ? 1_555 87.0  ? 
3  OD2 ? A ASP 68 ? A ASP 1149 ? 1_555 MG ? B MG . ? A MG 1301 ? 1_555 O   ? A GLN 70 ? A GLN 1151 ? 1_555 89.2  ? 
4  OD1 ? A ASP 25 ? A ASP 1106 ? 1_555 MG ? B MG . ? A MG 1301 ? 1_555 O   ? D HOH .  ? A HOH 1401 ? 1_555 89.1  ? 
5  OD2 ? A ASP 68 ? A ASP 1149 ? 1_555 MG ? B MG . ? A MG 1301 ? 1_555 O   ? D HOH .  ? A HOH 1401 ? 1_555 81.6  ? 
6  O   ? A GLN 70 ? A GLN 1151 ? 1_555 MG ? B MG . ? A MG 1301 ? 1_555 O   ? D HOH .  ? A HOH 1401 ? 1_555 170.6 ? 
7  OD1 ? A ASP 25 ? A ASP 1106 ? 1_555 MG ? B MG . ? A MG 1301 ? 1_555 O   ? D HOH .  ? A HOH 1417 ? 1_555 170.9 ? 
8  OD2 ? A ASP 68 ? A ASP 1149 ? 1_555 MG ? B MG . ? A MG 1301 ? 1_555 O   ? D HOH .  ? A HOH 1417 ? 1_555 96.0  ? 
9  O   ? A GLN 70 ? A GLN 1151 ? 1_555 MG ? B MG . ? A MG 1301 ? 1_555 O   ? D HOH .  ? A HOH 1417 ? 1_555 86.9  ? 
10 O   ? D HOH .  ? A HOH 1401 ? 1_555 MG ? B MG . ? A MG 1301 ? 1_555 O   ? D HOH .  ? A HOH 1417 ? 1_555 96.0  ? 
# 
_struct_mon_prot_cis.pdbx_id                1 
_struct_mon_prot_cis.label_comp_id          LYS 
_struct_mon_prot_cis.label_seq_id           124 
_struct_mon_prot_cis.label_asym_id          A 
_struct_mon_prot_cis.label_alt_id           . 
_struct_mon_prot_cis.pdbx_PDB_ins_code      ? 
_struct_mon_prot_cis.auth_comp_id           LYS 
_struct_mon_prot_cis.auth_seq_id            1205 
_struct_mon_prot_cis.auth_asym_id           A 
_struct_mon_prot_cis.pdbx_label_comp_id_2   PRO 
_struct_mon_prot_cis.pdbx_label_seq_id_2    125 
_struct_mon_prot_cis.pdbx_label_asym_id_2   A 
_struct_mon_prot_cis.pdbx_PDB_ins_code_2    ? 
_struct_mon_prot_cis.pdbx_auth_comp_id_2    PRO 
_struct_mon_prot_cis.pdbx_auth_seq_id_2     1206 
_struct_mon_prot_cis.pdbx_auth_asym_id_2    A 
_struct_mon_prot_cis.pdbx_PDB_model_num     1 
_struct_mon_prot_cis.pdbx_omega_angle       6.86 
# 
_struct_sheet.id               AA1 
_struct_sheet.type             ? 
_struct_sheet.number_strands   5 
_struct_sheet.details          ? 
# 
loop_
_struct_sheet_order.sheet_id 
_struct_sheet_order.range_id_1 
_struct_sheet_order.range_id_2 
_struct_sheet_order.offset 
_struct_sheet_order.sense 
AA1 1 2 ? parallel 
AA1 2 3 ? parallel 
AA1 3 4 ? parallel 
AA1 4 5 ? parallel 
# 
loop_
_struct_sheet_range.sheet_id 
_struct_sheet_range.id 
_struct_sheet_range.beg_label_comp_id 
_struct_sheet_range.beg_label_asym_id 
_struct_sheet_range.beg_label_seq_id 
_struct_sheet_range.pdbx_beg_PDB_ins_code 
_struct_sheet_range.end_label_comp_id 
_struct_sheet_range.end_label_asym_id 
_struct_sheet_range.end_label_seq_id 
_struct_sheet_range.pdbx_end_PDB_ins_code 
_struct_sheet_range.beg_auth_comp_id 
_struct_sheet_range.beg_auth_asym_id 
_struct_sheet_range.beg_auth_seq_id 
_struct_sheet_range.end_auth_comp_id 
_struct_sheet_range.end_auth_asym_id 
_struct_sheet_range.end_auth_seq_id 
AA1 1 VAL A 43  ? VAL A 47  ? VAL A 1124 VAL A 1128 
AA1 2 GLU A 19  ? ALA A 23  ? GLU A 1100 ALA A 1104 
AA1 3 VAL A 64  ? ASP A 68  ? VAL A 1145 ASP A 1149 
AA1 4 ILE A 98  ? THR A 102 ? ILE A 1179 THR A 1183 
AA1 5 GLU A 120 ? SER A 123 ? GLU A 1201 SER A 1204 
# 
loop_
_pdbx_struct_sheet_hbond.sheet_id 
_pdbx_struct_sheet_hbond.range_id_1 
_pdbx_struct_sheet_hbond.range_id_2 
_pdbx_struct_sheet_hbond.range_1_label_atom_id 
_pdbx_struct_sheet_hbond.range_1_label_comp_id 
_pdbx_struct_sheet_hbond.range_1_label_asym_id 
_pdbx_struct_sheet_hbond.range_1_label_seq_id 
_pdbx_struct_sheet_hbond.range_1_PDB_ins_code 
_pdbx_struct_sheet_hbond.range_1_auth_atom_id 
_pdbx_struct_sheet_hbond.range_1_auth_comp_id 
_pdbx_struct_sheet_hbond.range_1_auth_asym_id 
_pdbx_struct_sheet_hbond.range_1_auth_seq_id 
_pdbx_struct_sheet_hbond.range_2_label_atom_id 
_pdbx_struct_sheet_hbond.range_2_label_comp_id 
_pdbx_struct_sheet_hbond.range_2_label_asym_id 
_pdbx_struct_sheet_hbond.range_2_label_seq_id 
_pdbx_struct_sheet_hbond.range_2_PDB_ins_code 
_pdbx_struct_sheet_hbond.range_2_auth_atom_id 
_pdbx_struct_sheet_hbond.range_2_auth_comp_id 
_pdbx_struct_sheet_hbond.range_2_auth_asym_id 
_pdbx_struct_sheet_hbond.range_2_auth_seq_id 
AA1 1 2 O THR A 45  ? O THR A 1126 N LEU A 22  ? N LEU A 1103 
AA1 2 3 N LEU A 21  ? N LEU A 1102 O LEU A 66  ? O LEU A 1147 
AA1 3 4 N ILE A 65  ? N ILE A 1146 O ILE A 99  ? O ILE A 1180 
AA1 4 5 N ALA A 100 ? N ALA A 1181 O GLU A 120 ? O GLU A 1201 
# 
loop_
_pdbx_validate_close_contact.id 
_pdbx_validate_close_contact.PDB_model_num 
_pdbx_validate_close_contact.auth_atom_id_1 
_pdbx_validate_close_contact.auth_asym_id_1 
_pdbx_validate_close_contact.auth_comp_id_1 
_pdbx_validate_close_contact.auth_seq_id_1 
_pdbx_validate_close_contact.PDB_ins_code_1 
_pdbx_validate_close_contact.label_alt_id_1 
_pdbx_validate_close_contact.auth_atom_id_2 
_pdbx_validate_close_contact.auth_asym_id_2 
_pdbx_validate_close_contact.auth_comp_id_2 
_pdbx_validate_close_contact.auth_seq_id_2 
_pdbx_validate_close_contact.PDB_ins_code_2 
_pdbx_validate_close_contact.label_alt_id_2 
_pdbx_validate_close_contact.dist 
1 1 O A HOH 1429 ? ? O A HOH 1434 ? ? 2.14 
2 1 O A HOH 1422 ? ? O A HOH 1442 ? ? 2.15 
# 
loop_
_pdbx_validate_symm_contact.id 
_pdbx_validate_symm_contact.PDB_model_num 
_pdbx_validate_symm_contact.auth_atom_id_1 
_pdbx_validate_symm_contact.auth_asym_id_1 
_pdbx_validate_symm_contact.auth_comp_id_1 
_pdbx_validate_symm_contact.auth_seq_id_1 
_pdbx_validate_symm_contact.PDB_ins_code_1 
_pdbx_validate_symm_contact.label_alt_id_1 
_pdbx_validate_symm_contact.site_symmetry_1 
_pdbx_validate_symm_contact.auth_atom_id_2 
_pdbx_validate_symm_contact.auth_asym_id_2 
_pdbx_validate_symm_contact.auth_comp_id_2 
_pdbx_validate_symm_contact.auth_seq_id_2 
_pdbx_validate_symm_contact.PDB_ins_code_2 
_pdbx_validate_symm_contact.label_alt_id_2 
_pdbx_validate_symm_contact.site_symmetry_2 
_pdbx_validate_symm_contact.dist 
1 1 NZ A LYS 1163 ? ? 1_555 OE2 A GLU 1166 ? ? 24_555 1.52 
2 1 CE A LYS 1163 ? ? 1_555 OE2 A GLU 1166 ? ? 24_555 2.08 
# 
loop_
_pdbx_validate_torsion.id 
_pdbx_validate_torsion.PDB_model_num 
_pdbx_validate_torsion.auth_comp_id 
_pdbx_validate_torsion.auth_asym_id 
_pdbx_validate_torsion.auth_seq_id 
_pdbx_validate_torsion.PDB_ins_code 
_pdbx_validate_torsion.label_alt_id 
_pdbx_validate_torsion.phi 
_pdbx_validate_torsion.psi 
1 1 VAL A 1154 ? ? 73.43  -60.46 
2 1 SER A 1170 ? ? -66.93 0.66   
3 1 MET A 1187 ? ? 82.88  8.87   
4 1 GLN A 1198 ? ? 80.83  17.29  
# 
loop_
_pdbx_struct_special_symmetry.id 
_pdbx_struct_special_symmetry.PDB_model_num 
_pdbx_struct_special_symmetry.auth_asym_id 
_pdbx_struct_special_symmetry.auth_comp_id 
_pdbx_struct_special_symmetry.auth_seq_id 
_pdbx_struct_special_symmetry.PDB_ins_code 
_pdbx_struct_special_symmetry.label_asym_id 
_pdbx_struct_special_symmetry.label_comp_id 
_pdbx_struct_special_symmetry.label_seq_id 
1 1 A SO4 1302 ? C SO4 . 
2 1 A SO4 1302 ? C SO4 . 
# 
_pdbx_entry_details.entry_id                   8PHN 
_pdbx_entry_details.nonpolymer_details         ? 
_pdbx_entry_details.sequence_details           ? 
_pdbx_entry_details.compound_details           ? 
_pdbx_entry_details.source_details             ? 
_pdbx_entry_details.has_ligand_of_interest     N 
_pdbx_entry_details.has_protein_modification   ? 
# 
loop_
_pdbx_unobs_or_zero_occ_residues.id 
_pdbx_unobs_or_zero_occ_residues.PDB_model_num 
_pdbx_unobs_or_zero_occ_residues.polymer_flag 
_pdbx_unobs_or_zero_occ_residues.occupancy_flag 
_pdbx_unobs_or_zero_occ_residues.auth_asym_id 
_pdbx_unobs_or_zero_occ_residues.auth_comp_id 
_pdbx_unobs_or_zero_occ_residues.auth_seq_id 
_pdbx_unobs_or_zero_occ_residues.PDB_ins_code 
_pdbx_unobs_or_zero_occ_residues.label_asym_id 
_pdbx_unobs_or_zero_occ_residues.label_comp_id 
_pdbx_unobs_or_zero_occ_residues.label_seq_id 
1  1 Y 1 A GLY 1082 ? A GLY 1  
2  1 Y 1 A PRO 1083 ? A PRO 2  
3  1 Y 1 A GLY 1084 ? A GLY 3  
4  1 Y 1 A GLU 1085 ? A GLU 4  
5  1 Y 1 A ASN 1086 ? A ASN 5  
6  1 Y 1 A ARG 1087 ? A ARG 6  
7  1 Y 1 A ALA 1088 ? A ALA 7  
8  1 Y 1 A THR 1089 ? A THR 8  
9  1 Y 1 A PRO 1090 ? A PRO 9  
10 1 Y 1 A SER 1091 ? A SER 10 
11 1 Y 1 A LEU 1092 ? A LEU 11 
12 1 Y 1 A ALA 1093 ? A ALA 12 
13 1 Y 1 A ASP 1094 ? A ASP 13 
14 1 Y 1 A ASN 1095 ? A ASN 14 
15 1 Y 1 A THR 1096 ? A THR 15 
# 
loop_
_chem_comp_atom.comp_id 
_chem_comp_atom.atom_id 
_chem_comp_atom.type_symbol 
_chem_comp_atom.pdbx_aromatic_flag 
_chem_comp_atom.pdbx_stereo_config 
_chem_comp_atom.pdbx_ordinal 
ALA N    N  N N 1   
ALA CA   C  N S 2   
ALA C    C  N N 3   
ALA O    O  N N 4   
ALA CB   C  N N 5   
ALA OXT  O  N N 6   
ALA H    H  N N 7   
ALA H2   H  N N 8   
ALA HA   H  N N 9   
ALA HB1  H  N N 10  
ALA HB2  H  N N 11  
ALA HB3  H  N N 12  
ALA HXT  H  N N 13  
ARG N    N  N N 14  
ARG CA   C  N S 15  
ARG C    C  N N 16  
ARG O    O  N N 17  
ARG CB   C  N N 18  
ARG CG   C  N N 19  
ARG CD   C  N N 20  
ARG NE   N  N N 21  
ARG CZ   C  N N 22  
ARG NH1  N  N N 23  
ARG NH2  N  N N 24  
ARG OXT  O  N N 25  
ARG H    H  N N 26  
ARG H2   H  N N 27  
ARG HA   H  N N 28  
ARG HB2  H  N N 29  
ARG HB3  H  N N 30  
ARG HG2  H  N N 31  
ARG HG3  H  N N 32  
ARG HD2  H  N N 33  
ARG HD3  H  N N 34  
ARG HE   H  N N 35  
ARG HH11 H  N N 36  
ARG HH12 H  N N 37  
ARG HH21 H  N N 38  
ARG HH22 H  N N 39  
ARG HXT  H  N N 40  
ASN N    N  N N 41  
ASN CA   C  N S 42  
ASN C    C  N N 43  
ASN O    O  N N 44  
ASN CB   C  N N 45  
ASN CG   C  N N 46  
ASN OD1  O  N N 47  
ASN ND2  N  N N 48  
ASN OXT  O  N N 49  
ASN H    H  N N 50  
ASN H2   H  N N 51  
ASN HA   H  N N 52  
ASN HB2  H  N N 53  
ASN HB3  H  N N 54  
ASN HD21 H  N N 55  
ASN HD22 H  N N 56  
ASN HXT  H  N N 57  
ASP N    N  N N 58  
ASP CA   C  N S 59  
ASP C    C  N N 60  
ASP O    O  N N 61  
ASP CB   C  N N 62  
ASP CG   C  N N 63  
ASP OD1  O  N N 64  
ASP OD2  O  N N 65  
ASP OXT  O  N N 66  
ASP H    H  N N 67  
ASP H2   H  N N 68  
ASP HA   H  N N 69  
ASP HB2  H  N N 70  
ASP HB3  H  N N 71  
ASP HD2  H  N N 72  
ASP HXT  H  N N 73  
CYS N    N  N N 74  
CYS CA   C  N R 75  
CYS C    C  N N 76  
CYS O    O  N N 77  
CYS CB   C  N N 78  
CYS SG   S  N N 79  
CYS OXT  O  N N 80  
CYS H    H  N N 81  
CYS H2   H  N N 82  
CYS HA   H  N N 83  
CYS HB2  H  N N 84  
CYS HB3  H  N N 85  
CYS HG   H  N N 86  
CYS HXT  H  N N 87  
GLN N    N  N N 88  
GLN CA   C  N S 89  
GLN C    C  N N 90  
GLN O    O  N N 91  
GLN CB   C  N N 92  
GLN CG   C  N N 93  
GLN CD   C  N N 94  
GLN OE1  O  N N 95  
GLN NE2  N  N N 96  
GLN OXT  O  N N 97  
GLN H    H  N N 98  
GLN H2   H  N N 99  
GLN HA   H  N N 100 
GLN HB2  H  N N 101 
GLN HB3  H  N N 102 
GLN HG2  H  N N 103 
GLN HG3  H  N N 104 
GLN HE21 H  N N 105 
GLN HE22 H  N N 106 
GLN HXT  H  N N 107 
GLU N    N  N N 108 
GLU CA   C  N S 109 
GLU C    C  N N 110 
GLU O    O  N N 111 
GLU CB   C  N N 112 
GLU CG   C  N N 113 
GLU CD   C  N N 114 
GLU OE1  O  N N 115 
GLU OE2  O  N N 116 
GLU OXT  O  N N 117 
GLU H    H  N N 118 
GLU H2   H  N N 119 
GLU HA   H  N N 120 
GLU HB2  H  N N 121 
GLU HB3  H  N N 122 
GLU HG2  H  N N 123 
GLU HG3  H  N N 124 
GLU HE2  H  N N 125 
GLU HXT  H  N N 126 
GLY N    N  N N 127 
GLY CA   C  N N 128 
GLY C    C  N N 129 
GLY O    O  N N 130 
GLY OXT  O  N N 131 
GLY H    H  N N 132 
GLY H2   H  N N 133 
GLY HA2  H  N N 134 
GLY HA3  H  N N 135 
GLY HXT  H  N N 136 
HIS N    N  N N 137 
HIS CA   C  N S 138 
HIS C    C  N N 139 
HIS O    O  N N 140 
HIS CB   C  N N 141 
HIS CG   C  Y N 142 
HIS ND1  N  Y N 143 
HIS CD2  C  Y N 144 
HIS CE1  C  Y N 145 
HIS NE2  N  Y N 146 
HIS OXT  O  N N 147 
HIS H    H  N N 148 
HIS H2   H  N N 149 
HIS HA   H  N N 150 
HIS HB2  H  N N 151 
HIS HB3  H  N N 152 
HIS HD1  H  N N 153 
HIS HD2  H  N N 154 
HIS HE1  H  N N 155 
HIS HE2  H  N N 156 
HIS HXT  H  N N 157 
HOH O    O  N N 158 
HOH H1   H  N N 159 
HOH H2   H  N N 160 
ILE N    N  N N 161 
ILE CA   C  N S 162 
ILE C    C  N N 163 
ILE O    O  N N 164 
ILE CB   C  N S 165 
ILE CG1  C  N N 166 
ILE CG2  C  N N 167 
ILE CD1  C  N N 168 
ILE OXT  O  N N 169 
ILE H    H  N N 170 
ILE H2   H  N N 171 
ILE HA   H  N N 172 
ILE HB   H  N N 173 
ILE HG12 H  N N 174 
ILE HG13 H  N N 175 
ILE HG21 H  N N 176 
ILE HG22 H  N N 177 
ILE HG23 H  N N 178 
ILE HD11 H  N N 179 
ILE HD12 H  N N 180 
ILE HD13 H  N N 181 
ILE HXT  H  N N 182 
LEU N    N  N N 183 
LEU CA   C  N S 184 
LEU C    C  N N 185 
LEU O    O  N N 186 
LEU CB   C  N N 187 
LEU CG   C  N N 188 
LEU CD1  C  N N 189 
LEU CD2  C  N N 190 
LEU OXT  O  N N 191 
LEU H    H  N N 192 
LEU H2   H  N N 193 
LEU HA   H  N N 194 
LEU HB2  H  N N 195 
LEU HB3  H  N N 196 
LEU HG   H  N N 197 
LEU HD11 H  N N 198 
LEU HD12 H  N N 199 
LEU HD13 H  N N 200 
LEU HD21 H  N N 201 
LEU HD22 H  N N 202 
LEU HD23 H  N N 203 
LEU HXT  H  N N 204 
LYS N    N  N N 205 
LYS CA   C  N S 206 
LYS C    C  N N 207 
LYS O    O  N N 208 
LYS CB   C  N N 209 
LYS CG   C  N N 210 
LYS CD   C  N N 211 
LYS CE   C  N N 212 
LYS NZ   N  N N 213 
LYS OXT  O  N N 214 
LYS H    H  N N 215 
LYS H2   H  N N 216 
LYS HA   H  N N 217 
LYS HB2  H  N N 218 
LYS HB3  H  N N 219 
LYS HG2  H  N N 220 
LYS HG3  H  N N 221 
LYS HD2  H  N N 222 
LYS HD3  H  N N 223 
LYS HE2  H  N N 224 
LYS HE3  H  N N 225 
LYS HZ1  H  N N 226 
LYS HZ2  H  N N 227 
LYS HZ3  H  N N 228 
LYS HXT  H  N N 229 
MET N    N  N N 230 
MET CA   C  N S 231 
MET C    C  N N 232 
MET O    O  N N 233 
MET CB   C  N N 234 
MET CG   C  N N 235 
MET SD   S  N N 236 
MET CE   C  N N 237 
MET OXT  O  N N 238 
MET H    H  N N 239 
MET H2   H  N N 240 
MET HA   H  N N 241 
MET HB2  H  N N 242 
MET HB3  H  N N 243 
MET HG2  H  N N 244 
MET HG3  H  N N 245 
MET HE1  H  N N 246 
MET HE2  H  N N 247 
MET HE3  H  N N 248 
MET HXT  H  N N 249 
MG  MG   MG N N 250 
PHE N    N  N N 251 
PHE CA   C  N S 252 
PHE C    C  N N 253 
PHE O    O  N N 254 
PHE CB   C  N N 255 
PHE CG   C  Y N 256 
PHE CD1  C  Y N 257 
PHE CD2  C  Y N 258 
PHE CE1  C  Y N 259 
PHE CE2  C  Y N 260 
PHE CZ   C  Y N 261 
PHE OXT  O  N N 262 
PHE H    H  N N 263 
PHE H2   H  N N 264 
PHE HA   H  N N 265 
PHE HB2  H  N N 266 
PHE HB3  H  N N 267 
PHE HD1  H  N N 268 
PHE HD2  H  N N 269 
PHE HE1  H  N N 270 
PHE HE2  H  N N 271 
PHE HZ   H  N N 272 
PHE HXT  H  N N 273 
PRO N    N  N N 274 
PRO CA   C  N S 275 
PRO C    C  N N 276 
PRO O    O  N N 277 
PRO CB   C  N N 278 
PRO CG   C  N N 279 
PRO CD   C  N N 280 
PRO OXT  O  N N 281 
PRO H    H  N N 282 
PRO HA   H  N N 283 
PRO HB2  H  N N 284 
PRO HB3  H  N N 285 
PRO HG2  H  N N 286 
PRO HG3  H  N N 287 
PRO HD2  H  N N 288 
PRO HD3  H  N N 289 
PRO HXT  H  N N 290 
SER N    N  N N 291 
SER CA   C  N S 292 
SER C    C  N N 293 
SER O    O  N N 294 
SER CB   C  N N 295 
SER OG   O  N N 296 
SER OXT  O  N N 297 
SER H    H  N N 298 
SER H2   H  N N 299 
SER HA   H  N N 300 
SER HB2  H  N N 301 
SER HB3  H  N N 302 
SER HG   H  N N 303 
SER HXT  H  N N 304 
SO4 S    S  N N 305 
SO4 O1   O  N N 306 
SO4 O2   O  N N 307 
SO4 O3   O  N N 308 
SO4 O4   O  N N 309 
THR N    N  N N 310 
THR CA   C  N S 311 
THR C    C  N N 312 
THR O    O  N N 313 
THR CB   C  N R 314 
THR OG1  O  N N 315 
THR CG2  C  N N 316 
THR OXT  O  N N 317 
THR H    H  N N 318 
THR H2   H  N N 319 
THR HA   H  N N 320 
THR HB   H  N N 321 
THR HG1  H  N N 322 
THR HG21 H  N N 323 
THR HG22 H  N N 324 
THR HG23 H  N N 325 
THR HXT  H  N N 326 
TYR N    N  N N 327 
TYR CA   C  N S 328 
TYR C    C  N N 329 
TYR O    O  N N 330 
TYR CB   C  N N 331 
TYR CG   C  Y N 332 
TYR CD1  C  Y N 333 
TYR CD2  C  Y N 334 
TYR CE1  C  Y N 335 
TYR CE2  C  Y N 336 
TYR CZ   C  Y N 337 
TYR OH   O  N N 338 
TYR OXT  O  N N 339 
TYR H    H  N N 340 
TYR H2   H  N N 341 
TYR HA   H  N N 342 
TYR HB2  H  N N 343 
TYR HB3  H  N N 344 
TYR HD1  H  N N 345 
TYR HD2  H  N N 346 
TYR HE1  H  N N 347 
TYR HE2  H  N N 348 
TYR HH   H  N N 349 
TYR HXT  H  N N 350 
VAL N    N  N N 351 
VAL CA   C  N S 352 
VAL C    C  N N 353 
VAL O    O  N N 354 
VAL CB   C  N N 355 
VAL CG1  C  N N 356 
VAL CG2  C  N N 357 
VAL OXT  O  N N 358 
VAL H    H  N N 359 
VAL H2   H  N N 360 
VAL HA   H  N N 361 
VAL HB   H  N N 362 
VAL HG11 H  N N 363 
VAL HG12 H  N N 364 
VAL HG13 H  N N 365 
VAL HG21 H  N N 366 
VAL HG22 H  N N 367 
VAL HG23 H  N N 368 
VAL HXT  H  N N 369 
# 
loop_
_chem_comp_bond.comp_id 
_chem_comp_bond.atom_id_1 
_chem_comp_bond.atom_id_2 
_chem_comp_bond.value_order 
_chem_comp_bond.pdbx_aromatic_flag 
_chem_comp_bond.pdbx_stereo_config 
_chem_comp_bond.pdbx_ordinal 
ALA N   CA   sing N N 1   
ALA N   H    sing N N 2   
ALA N   H2   sing N N 3   
ALA CA  C    sing N N 4   
ALA CA  CB   sing N N 5   
ALA CA  HA   sing N N 6   
ALA C   O    doub N N 7   
ALA C   OXT  sing N N 8   
ALA CB  HB1  sing N N 9   
ALA CB  HB2  sing N N 10  
ALA CB  HB3  sing N N 11  
ALA OXT HXT  sing N N 12  
ARG N   CA   sing N N 13  
ARG N   H    sing N N 14  
ARG N   H2   sing N N 15  
ARG CA  C    sing N N 16  
ARG CA  CB   sing N N 17  
ARG CA  HA   sing N N 18  
ARG C   O    doub N N 19  
ARG C   OXT  sing N N 20  
ARG CB  CG   sing N N 21  
ARG CB  HB2  sing N N 22  
ARG CB  HB3  sing N N 23  
ARG CG  CD   sing N N 24  
ARG CG  HG2  sing N N 25  
ARG CG  HG3  sing N N 26  
ARG CD  NE   sing N N 27  
ARG CD  HD2  sing N N 28  
ARG CD  HD3  sing N N 29  
ARG NE  CZ   sing N N 30  
ARG NE  HE   sing N N 31  
ARG CZ  NH1  sing N N 32  
ARG CZ  NH2  doub N N 33  
ARG NH1 HH11 sing N N 34  
ARG NH1 HH12 sing N N 35  
ARG NH2 HH21 sing N N 36  
ARG NH2 HH22 sing N N 37  
ARG OXT HXT  sing N N 38  
ASN N   CA   sing N N 39  
ASN N   H    sing N N 40  
ASN N   H2   sing N N 41  
ASN CA  C    sing N N 42  
ASN CA  CB   sing N N 43  
ASN CA  HA   sing N N 44  
ASN C   O    doub N N 45  
ASN C   OXT  sing N N 46  
ASN CB  CG   sing N N 47  
ASN CB  HB2  sing N N 48  
ASN CB  HB3  sing N N 49  
ASN CG  OD1  doub N N 50  
ASN CG  ND2  sing N N 51  
ASN ND2 HD21 sing N N 52  
ASN ND2 HD22 sing N N 53  
ASN OXT HXT  sing N N 54  
ASP N   CA   sing N N 55  
ASP N   H    sing N N 56  
ASP N   H2   sing N N 57  
ASP CA  C    sing N N 58  
ASP CA  CB   sing N N 59  
ASP CA  HA   sing N N 60  
ASP C   O    doub N N 61  
ASP C   OXT  sing N N 62  
ASP CB  CG   sing N N 63  
ASP CB  HB2  sing N N 64  
ASP CB  HB3  sing N N 65  
ASP CG  OD1  doub N N 66  
ASP CG  OD2  sing N N 67  
ASP OD2 HD2  sing N N 68  
ASP OXT HXT  sing N N 69  
CYS N   CA   sing N N 70  
CYS N   H    sing N N 71  
CYS N   H2   sing N N 72  
CYS CA  C    sing N N 73  
CYS CA  CB   sing N N 74  
CYS CA  HA   sing N N 75  
CYS C   O    doub N N 76  
CYS C   OXT  sing N N 77  
CYS CB  SG   sing N N 78  
CYS CB  HB2  sing N N 79  
CYS CB  HB3  sing N N 80  
CYS SG  HG   sing N N 81  
CYS OXT HXT  sing N N 82  
GLN N   CA   sing N N 83  
GLN N   H    sing N N 84  
GLN N   H2   sing N N 85  
GLN CA  C    sing N N 86  
GLN CA  CB   sing N N 87  
GLN CA  HA   sing N N 88  
GLN C   O    doub N N 89  
GLN C   OXT  sing N N 90  
GLN CB  CG   sing N N 91  
GLN CB  HB2  sing N N 92  
GLN CB  HB3  sing N N 93  
GLN CG  CD   sing N N 94  
GLN CG  HG2  sing N N 95  
GLN CG  HG3  sing N N 96  
GLN CD  OE1  doub N N 97  
GLN CD  NE2  sing N N 98  
GLN NE2 HE21 sing N N 99  
GLN NE2 HE22 sing N N 100 
GLN OXT HXT  sing N N 101 
GLU N   CA   sing N N 102 
GLU N   H    sing N N 103 
GLU N   H2   sing N N 104 
GLU CA  C    sing N N 105 
GLU CA  CB   sing N N 106 
GLU CA  HA   sing N N 107 
GLU C   O    doub N N 108 
GLU C   OXT  sing N N 109 
GLU CB  CG   sing N N 110 
GLU CB  HB2  sing N N 111 
GLU CB  HB3  sing N N 112 
GLU CG  CD   sing N N 113 
GLU CG  HG2  sing N N 114 
GLU CG  HG3  sing N N 115 
GLU CD  OE1  doub N N 116 
GLU CD  OE2  sing N N 117 
GLU OE2 HE2  sing N N 118 
GLU OXT HXT  sing N N 119 
GLY N   CA   sing N N 120 
GLY N   H    sing N N 121 
GLY N   H2   sing N N 122 
GLY CA  C    sing N N 123 
GLY CA  HA2  sing N N 124 
GLY CA  HA3  sing N N 125 
GLY C   O    doub N N 126 
GLY C   OXT  sing N N 127 
GLY OXT HXT  sing N N 128 
HIS N   CA   sing N N 129 
HIS N   H    sing N N 130 
HIS N   H2   sing N N 131 
HIS CA  C    sing N N 132 
HIS CA  CB   sing N N 133 
HIS CA  HA   sing N N 134 
HIS C   O    doub N N 135 
HIS C   OXT  sing N N 136 
HIS CB  CG   sing N N 137 
HIS CB  HB2  sing N N 138 
HIS CB  HB3  sing N N 139 
HIS CG  ND1  sing Y N 140 
HIS CG  CD2  doub Y N 141 
HIS ND1 CE1  doub Y N 142 
HIS ND1 HD1  sing N N 143 
HIS CD2 NE2  sing Y N 144 
HIS CD2 HD2  sing N N 145 
HIS CE1 NE2  sing Y N 146 
HIS CE1 HE1  sing N N 147 
HIS NE2 HE2  sing N N 148 
HIS OXT HXT  sing N N 149 
HOH O   H1   sing N N 150 
HOH O   H2   sing N N 151 
ILE N   CA   sing N N 152 
ILE N   H    sing N N 153 
ILE N   H2   sing N N 154 
ILE CA  C    sing N N 155 
ILE CA  CB   sing N N 156 
ILE CA  HA   sing N N 157 
ILE C   O    doub N N 158 
ILE C   OXT  sing N N 159 
ILE CB  CG1  sing N N 160 
ILE CB  CG2  sing N N 161 
ILE CB  HB   sing N N 162 
ILE CG1 CD1  sing N N 163 
ILE CG1 HG12 sing N N 164 
ILE CG1 HG13 sing N N 165 
ILE CG2 HG21 sing N N 166 
ILE CG2 HG22 sing N N 167 
ILE CG2 HG23 sing N N 168 
ILE CD1 HD11 sing N N 169 
ILE CD1 HD12 sing N N 170 
ILE CD1 HD13 sing N N 171 
ILE OXT HXT  sing N N 172 
LEU N   CA   sing N N 173 
LEU N   H    sing N N 174 
LEU N   H2   sing N N 175 
LEU CA  C    sing N N 176 
LEU CA  CB   sing N N 177 
LEU CA  HA   sing N N 178 
LEU C   O    doub N N 179 
LEU C   OXT  sing N N 180 
LEU CB  CG   sing N N 181 
LEU CB  HB2  sing N N 182 
LEU CB  HB3  sing N N 183 
LEU CG  CD1  sing N N 184 
LEU CG  CD2  sing N N 185 
LEU CG  HG   sing N N 186 
LEU CD1 HD11 sing N N 187 
LEU CD1 HD12 sing N N 188 
LEU CD1 HD13 sing N N 189 
LEU CD2 HD21 sing N N 190 
LEU CD2 HD22 sing N N 191 
LEU CD2 HD23 sing N N 192 
LEU OXT HXT  sing N N 193 
LYS N   CA   sing N N 194 
LYS N   H    sing N N 195 
LYS N   H2   sing N N 196 
LYS CA  C    sing N N 197 
LYS CA  CB   sing N N 198 
LYS CA  HA   sing N N 199 
LYS C   O    doub N N 200 
LYS C   OXT  sing N N 201 
LYS CB  CG   sing N N 202 
LYS CB  HB2  sing N N 203 
LYS CB  HB3  sing N N 204 
LYS CG  CD   sing N N 205 
LYS CG  HG2  sing N N 206 
LYS CG  HG3  sing N N 207 
LYS CD  CE   sing N N 208 
LYS CD  HD2  sing N N 209 
LYS CD  HD3  sing N N 210 
LYS CE  NZ   sing N N 211 
LYS CE  HE2  sing N N 212 
LYS CE  HE3  sing N N 213 
LYS NZ  HZ1  sing N N 214 
LYS NZ  HZ2  sing N N 215 
LYS NZ  HZ3  sing N N 216 
LYS OXT HXT  sing N N 217 
MET N   CA   sing N N 218 
MET N   H    sing N N 219 
MET N   H2   sing N N 220 
MET CA  C    sing N N 221 
MET CA  CB   sing N N 222 
MET CA  HA   sing N N 223 
MET C   O    doub N N 224 
MET C   OXT  sing N N 225 
MET CB  CG   sing N N 226 
MET CB  HB2  sing N N 227 
MET CB  HB3  sing N N 228 
MET CG  SD   sing N N 229 
MET CG  HG2  sing N N 230 
MET CG  HG3  sing N N 231 
MET SD  CE   sing N N 232 
MET CE  HE1  sing N N 233 
MET CE  HE2  sing N N 234 
MET CE  HE3  sing N N 235 
MET OXT HXT  sing N N 236 
PHE N   CA   sing N N 237 
PHE N   H    sing N N 238 
PHE N   H2   sing N N 239 
PHE CA  C    sing N N 240 
PHE CA  CB   sing N N 241 
PHE CA  HA   sing N N 242 
PHE C   O    doub N N 243 
PHE C   OXT  sing N N 244 
PHE CB  CG   sing N N 245 
PHE CB  HB2  sing N N 246 
PHE CB  HB3  sing N N 247 
PHE CG  CD1  doub Y N 248 
PHE CG  CD2  sing Y N 249 
PHE CD1 CE1  sing Y N 250 
PHE CD1 HD1  sing N N 251 
PHE CD2 CE2  doub Y N 252 
PHE CD2 HD2  sing N N 253 
PHE CE1 CZ   doub Y N 254 
PHE CE1 HE1  sing N N 255 
PHE CE2 CZ   sing Y N 256 
PHE CE2 HE2  sing N N 257 
PHE CZ  HZ   sing N N 258 
PHE OXT HXT  sing N N 259 
PRO N   CA   sing N N 260 
PRO N   CD   sing N N 261 
PRO N   H    sing N N 262 
PRO CA  C    sing N N 263 
PRO CA  CB   sing N N 264 
PRO CA  HA   sing N N 265 
PRO C   O    doub N N 266 
PRO C   OXT  sing N N 267 
PRO CB  CG   sing N N 268 
PRO CB  HB2  sing N N 269 
PRO CB  HB3  sing N N 270 
PRO CG  CD   sing N N 271 
PRO CG  HG2  sing N N 272 
PRO CG  HG3  sing N N 273 
PRO CD  HD2  sing N N 274 
PRO CD  HD3  sing N N 275 
PRO OXT HXT  sing N N 276 
SER N   CA   sing N N 277 
SER N   H    sing N N 278 
SER N   H2   sing N N 279 
SER CA  C    sing N N 280 
SER CA  CB   sing N N 281 
SER CA  HA   sing N N 282 
SER C   O    doub N N 283 
SER C   OXT  sing N N 284 
SER CB  OG   sing N N 285 
SER CB  HB2  sing N N 286 
SER CB  HB3  sing N N 287 
SER OG  HG   sing N N 288 
SER OXT HXT  sing N N 289 
SO4 S   O1   doub N N 290 
SO4 S   O2   doub N N 291 
SO4 S   O3   sing N N 292 
SO4 S   O4   sing N N 293 
THR N   CA   sing N N 294 
THR N   H    sing N N 295 
THR N   H2   sing N N 296 
THR CA  C    sing N N 297 
THR CA  CB   sing N N 298 
THR CA  HA   sing N N 299 
THR C   O    doub N N 300 
THR C   OXT  sing N N 301 
THR CB  OG1  sing N N 302 
THR CB  CG2  sing N N 303 
THR CB  HB   sing N N 304 
THR OG1 HG1  sing N N 305 
THR CG2 HG21 sing N N 306 
THR CG2 HG22 sing N N 307 
THR CG2 HG23 sing N N 308 
THR OXT HXT  sing N N 309 
TYR N   CA   sing N N 310 
TYR N   H    sing N N 311 
TYR N   H2   sing N N 312 
TYR CA  C    sing N N 313 
TYR CA  CB   sing N N 314 
TYR CA  HA   sing N N 315 
TYR C   O    doub N N 316 
TYR C   OXT  sing N N 317 
TYR CB  CG   sing N N 318 
TYR CB  HB2  sing N N 319 
TYR CB  HB3  sing N N 320 
TYR CG  CD1  doub Y N 321 
TYR CG  CD2  sing Y N 322 
TYR CD1 CE1  sing Y N 323 
TYR CD1 HD1  sing N N 324 
TYR CD2 CE2  doub Y N 325 
TYR CD2 HD2  sing N N 326 
TYR CE1 CZ   doub Y N 327 
TYR CE1 HE1  sing N N 328 
TYR CE2 CZ   sing Y N 329 
TYR CE2 HE2  sing N N 330 
TYR CZ  OH   sing N N 331 
TYR OH  HH   sing N N 332 
TYR OXT HXT  sing N N 333 
VAL N   CA   sing N N 334 
VAL N   H    sing N N 335 
VAL N   H2   sing N N 336 
VAL CA  C    sing N N 337 
VAL CA  CB   sing N N 338 
VAL CA  HA   sing N N 339 
VAL C   O    doub N N 340 
VAL C   OXT  sing N N 341 
VAL CB  CG1  sing N N 342 
VAL CB  CG2  sing N N 343 
VAL CB  HB   sing N N 344 
VAL CG1 HG11 sing N N 345 
VAL CG1 HG12 sing N N 346 
VAL CG1 HG13 sing N N 347 
VAL CG2 HG21 sing N N 348 
VAL CG2 HG22 sing N N 349 
VAL CG2 HG23 sing N N 350 
VAL OXT HXT  sing N N 351 
# 
_pdbx_audit_support.funding_organization   'Spanish Ministry of Science, Innovation, and Universities' 
_pdbx_audit_support.country                Spain 
_pdbx_audit_support.grant_number           PID2019-110630GB-I00 
_pdbx_audit_support.ordinal                1 
# 
_atom_sites.entry_id                    8PHN 
_atom_sites.Cartn_transf_matrix[1][1]   ? 
_atom_sites.Cartn_transf_matrix[1][2]   ? 
_atom_sites.Cartn_transf_matrix[1][3]   ? 
_atom_sites.Cartn_transf_matrix[2][1]   ? 
_atom_sites.Cartn_transf_matrix[2][2]   ? 
_atom_sites.Cartn_transf_matrix[2][3]   ? 
_atom_sites.Cartn_transf_matrix[3][1]   ? 
_atom_sites.Cartn_transf_matrix[3][2]   ? 
_atom_sites.Cartn_transf_matrix[3][3]   ? 
_atom_sites.Cartn_transf_vector[1]      ? 
_atom_sites.Cartn_transf_vector[2]      ? 
_atom_sites.Cartn_transf_vector[3]      ? 
_atom_sites.fract_transf_matrix[1][1]   -0.00105770 
_atom_sites.fract_transf_matrix[1][2]   -0.00443407 
_atom_sites.fract_transf_matrix[1][3]   0.00460833 
_atom_sites.fract_transf_matrix[2][1]   -0.00332325 
_atom_sites.fract_transf_matrix[2][2]   0.00437182 
_atom_sites.fract_transf_matrix[2][3]   0.00344376 
_atom_sites.fract_transf_matrix[3][1]   -0.00546384 
_atom_sites.fract_transf_matrix[3][2]   -0.00180071 
_atom_sites.fract_transf_matrix[3][3]   -0.00298667 
_atom_sites.fract_transf_vector[1]      0.227020 
_atom_sites.fract_transf_vector[2]      -0.081580 
_atom_sites.fract_transf_vector[3]      -0.124528 
_atom_sites.solution_primary            ? 
_atom_sites.solution_secondary          ? 
_atom_sites.solution_hydrogens          ? 
_atom_sites.special_details             ? 
# 
loop_
_atom_type.symbol 
C  
MG 
N  
O  
S  
# 
loop_
_atom_site.group_PDB 
_atom_site.id 
_atom_site.type_symbol 
_atom_site.label_atom_id 
_atom_site.label_alt_id 
_atom_site.label_comp_id 
_atom_site.label_asym_id 
_atom_site.label_entity_id 
_atom_site.label_seq_id 
_atom_site.pdbx_PDB_ins_code 
_atom_site.Cartn_x 
_atom_site.Cartn_y 
_atom_site.Cartn_z 
_atom_site.occupancy 
_atom_site.B_iso_or_equiv 
_atom_site.pdbx_formal_charge 
_atom_site.auth_seq_id 
_atom_site.auth_comp_id 
_atom_site.auth_asym_id 
_atom_site.auth_atom_id 
_atom_site.pdbx_PDB_model_num 
ATOM   1   N  N   . ARG A 1 16  ? 10.469  -14.493 -3.993  1.00 64.03  ? 1097 ARG A N   1 
ATOM   2   C  CA  . ARG A 1 16  ? 9.117   -15.105 -4.029  1.00 68.02  ? 1097 ARG A CA  1 
ATOM   3   C  C   . ARG A 1 16  ? 8.216   -14.454 -2.971  1.00 72.05  ? 1097 ARG A C   1 
ATOM   4   O  O   . ARG A 1 16  ? 7.628   -13.406 -3.245  1.00 82.00  ? 1097 ARG A O   1 
ATOM   5   C  CB  . ARG A 1 16  ? 9.220   -16.613 -3.879  1.00 67.55  ? 1097 ARG A CB  1 
ATOM   6   N  N   . SER A 1 17  ? 8.137   -15.054 -1.768  1.00 64.10  ? 1098 SER A N   1 
ATOM   7   C  CA  . SER A 1 17  ? 7.165   -14.696 -0.738  1.00 57.36  ? 1098 SER A CA  1 
ATOM   8   C  C   . SER A 1 17  ? 7.467   -13.339 -0.086  1.00 50.30  ? 1098 SER A C   1 
ATOM   9   O  O   . SER A 1 17  ? 8.539   -13.147 0.478   1.00 51.73  ? 1098 SER A O   1 
ATOM   10  C  CB  . SER A 1 17  ? 7.123   -15.783 0.300   1.00 57.06  ? 1098 SER A CB  1 
ATOM   11  O  OG  . SER A 1 17  ? 6.374   -15.376 1.433   1.00 59.62  ? 1098 SER A OG  1 
ATOM   12  N  N   . PHE A 1 18  ? 6.486   -12.423 -0.095  1.00 40.73  ? 1099 PHE A N   1 
ATOM   13  C  CA  . PHE A 1 18  ? 6.676   -11.057 0.375   1.00 36.04  ? 1099 PHE A CA  1 
ATOM   14  C  C   . PHE A 1 18  ? 5.852   -10.758 1.620   1.00 32.72  ? 1099 PHE A C   1 
ATOM   15  O  O   . PHE A 1 18  ? 4.760   -11.281 1.796   1.00 30.91  ? 1099 PHE A O   1 
ATOM   16  C  CB  . PHE A 1 18  ? 6.248   -10.044 -0.683  1.00 37.69  ? 1099 PHE A CB  1 
ATOM   17  C  CG  . PHE A 1 18  ? 7.095   -10.091 -1.924  1.00 41.28  ? 1099 PHE A CG  1 
ATOM   18  C  CD1 . PHE A 1 18  ? 8.479   -10.073 -1.829  1.00 43.03  ? 1099 PHE A CD1 1 
ATOM   19  C  CD2 . PHE A 1 18  ? 6.517   -10.179 -3.180  1.00 43.46  ? 1099 PHE A CD2 1 
ATOM   20  C  CE1 . PHE A 1 18  ? 9.269   -10.128 -2.967  1.00 47.37  ? 1099 PHE A CE1 1 
ATOM   21  C  CE2 . PHE A 1 18  ? 7.310   -10.236 -4.316  1.00 44.75  ? 1099 PHE A CE2 1 
ATOM   22  C  CZ  . PHE A 1 18  ? 8.682   -10.203 -4.207  1.00 47.23  ? 1099 PHE A CZ  1 
ATOM   23  N  N   . GLU A 1 19  ? 6.407   -9.867  2.447   1.00 32.80  ? 1100 GLU A N   1 
ATOM   24  C  CA  . GLU A 1 19  ? 5.688   -9.245  3.540   1.00 34.02  ? 1100 GLU A CA  1 
ATOM   25  C  C   . GLU A 1 19  ? 5.030   -7.968  3.026   1.00 28.47  ? 1100 GLU A C   1 
ATOM   26  O  O   . GLU A 1 19  ? 5.703   -7.048  2.546   1.00 26.81  ? 1100 GLU A O   1 
ATOM   27  C  CB  . GLU A 1 19  ? 6.619   -8.961  4.687   1.00 42.08  ? 1100 GLU A CB  1 
ATOM   28  N  N   . ILE A 1 20  ? 3.697   -7.961  3.123   1.00 26.09  ? 1101 ILE A N   1 
ATOM   29  C  CA  . ILE A 1 20  ? 2.868   -6.910  2.567   1.00 25.00  ? 1101 ILE A CA  1 
ATOM   30  C  C   . ILE A 1 20  ? 2.097   -6.235  3.692   1.00 26.15  ? 1101 ILE A C   1 
ATOM   31  O  O   . ILE A 1 20  ? 1.494   -6.914  4.515   1.00 27.25  ? 1101 ILE A O   1 
ATOM   32  C  CB  . ILE A 1 20  ? 1.911   -7.498  1.516   1.00 26.11  ? 1101 ILE A CB  1 
ATOM   33  C  CG1 . ILE A 1 20  ? 2.720   -8.196  0.421   1.00 29.01  ? 1101 ILE A CG1 1 
ATOM   34  C  CG2 . ILE A 1 20  ? 0.980   -6.412  0.997   1.00 24.01  ? 1101 ILE A CG2 1 
ATOM   35  C  CD1 . ILE A 1 20  ? 1.898   -8.845  -0.656  1.00 32.08  ? 1101 ILE A CD1 1 
ATOM   36  N  N   . LEU A 1 21  ? 2.104   -4.898  3.691   1.00 24.72  ? 1102 LEU A N   1 
ATOM   37  C  CA  . LEU A 1 21  ? 1.219   -4.149  4.560   1.00 23.14  ? 1102 LEU A CA  1 
ATOM   38  C  C   . LEU A 1 21  ? 0.026   -3.708  3.720   1.00 23.15  ? 1102 LEU A C   1 
ATOM   39  O  O   . LEU A 1 21  ? 0.223   -3.061  2.695   1.00 23.44  ? 1102 LEU A O   1 
ATOM   40  C  CB  . LEU A 1 21  ? 1.983   -2.960  5.151   1.00 22.68  ? 1102 LEU A CB  1 
ATOM   41  C  CG  . LEU A 1 21  ? 1.159   -1.988  5.998   1.00 23.86  ? 1102 LEU A CG  1 
ATOM   42  C  CD1 . LEU A 1 21  ? 0.687   -2.656  7.277   1.00 24.10  ? 1102 LEU A CD1 1 
ATOM   43  C  CD2 . LEU A 1 21  ? 1.950   -0.725  6.319   1.00 25.89  ? 1102 LEU A CD2 1 
ATOM   44  N  N   . LEU A 1 22  ? -1.188  -4.098  4.140   1.00 22.20  ? 1103 LEU A N   1 
ATOM   45  C  CA  . LEU A 1 22  ? -2.408  -3.679  3.477   1.00 23.92  ? 1103 LEU A CA  1 
ATOM   46  C  C   . LEU A 1 22  ? -3.172  -2.701  4.364   1.00 26.40  ? 1103 LEU A C   1 
ATOM   47  O  O   . LEU A 1 22  ? -3.601  -3.083  5.457   1.00 24.63  ? 1103 LEU A O   1 
ATOM   48  C  CB  . LEU A 1 22  ? -3.265  -4.914  3.186   1.00 26.43  ? 1103 LEU A CB  1 
ATOM   49  C  CG  . LEU A 1 22  ? -4.664  -4.605  2.653   1.00 27.21  ? 1103 LEU A CG  1 
ATOM   50  C  CD1 . LEU A 1 22  ? -4.597  -3.927  1.294   1.00 28.38  ? 1103 LEU A CD1 1 
ATOM   51  C  CD2 . LEU A 1 22  ? -5.473  -5.882  2.554   1.00 27.81  ? 1103 LEU A CD2 1 
ATOM   52  N  N   . ALA A 1 23  ? -3.327  -1.451  3.884   1.00 26.22  ? 1104 ALA A N   1 
ATOM   53  C  CA  . ALA A 1 23  ? -4.142  -0.446  4.545   1.00 24.40  ? 1104 ALA A CA  1 
ATOM   54  C  C   . ALA A 1 23  ? -5.405  -0.210  3.727   1.00 25.80  ? 1104 ALA A C   1 
ATOM   55  O  O   . ALA A 1 23  ? -5.343  0.300   2.613   1.00 24.45  ? 1104 ALA A O   1 
ATOM   56  C  CB  . ALA A 1 23  ? -3.367  0.834   4.743   1.00 25.59  ? 1104 ALA A CB  1 
ATOM   57  N  N   . GLU A 1 24  ? -6.548  -0.616  4.295   1.00 26.32  ? 1105 GLU A N   1 
ATOM   58  C  CA  . GLU A 1 24  ? -7.829  -0.540  3.619   1.00 28.64  ? 1105 GLU A CA  1 
ATOM   59  C  C   . GLU A 1 24  ? -8.915  -0.475  4.693   1.00 29.94  ? 1105 GLU A C   1 
ATOM   60  O  O   . GLU A 1 24  ? -8.902  -1.283  5.605   1.00 28.77  ? 1105 GLU A O   1 
ATOM   61  C  CB  . GLU A 1 24  ? -7.946  -1.745  2.682   1.00 31.98  ? 1105 GLU A CB  1 
ATOM   62  C  CG  . GLU A 1 24  ? -9.348  -2.041  2.188   1.00 39.02  ? 1105 GLU A CG  1 
ATOM   63  C  CD  . GLU A 1 24  ? -10.008 -0.964  1.348   1.00 43.23  ? 1105 GLU A CD  1 
ATOM   64  O  OE1 . GLU A 1 24  ? -11.068 -0.431  1.784   1.00 44.78  ? 1105 GLU A OE1 1 
ATOM   65  O  OE2 . GLU A 1 24  ? -9.489  -0.692  0.240   1.00 50.28  ? 1105 GLU A OE2 1 
ATOM   66  N  N   . ASP A 1 25  ? -9.871  0.455   4.574   1.00 31.61  ? 1106 ASP A N   1 
ATOM   67  C  CA  . ASP A 1 25  ? -10.798 0.697   5.672   1.00 35.28  ? 1106 ASP A CA  1 
ATOM   68  C  C   . ASP A 1 25  ? -11.999 -0.248  5.600   1.00 36.15  ? 1106 ASP A C   1 
ATOM   69  O  O   . ASP A 1 25  ? -12.606 -0.534  6.627   1.00 36.36  ? 1106 ASP A O   1 
ATOM   70  C  CB  . ASP A 1 25  ? -11.217 2.168   5.736   1.00 40.73  ? 1106 ASP A CB  1 
ATOM   71  C  CG  . ASP A 1 25  ? -11.842 2.701   4.459   1.00 45.43  ? 1106 ASP A CG  1 
ATOM   72  O  OD1 . ASP A 1 25  ? -11.092 2.945   3.482   1.00 40.56  ? 1106 ASP A OD1 1 
ATOM   73  O  OD2 . ASP A 1 25  ? -13.077 2.854   4.448   1.00 46.63  ? 1106 ASP A OD2 1 
ATOM   74  N  N   . ASN A 1 26  ? -12.332 -0.729  4.397   1.00 34.51  ? 1107 ASN A N   1 
ATOM   75  C  CA  . ASN A 1 26  ? -13.507 -1.556  4.161   1.00 36.58  ? 1107 ASN A CA  1 
ATOM   76  C  C   . ASN A 1 26  ? -13.145 -3.023  4.409   1.00 39.16  ? 1107 ASN A C   1 
ATOM   77  O  O   . ASN A 1 26  ? -12.302 -3.559  3.695   1.00 34.97  ? 1107 ASN A O   1 
ATOM   78  C  CB  . ASN A 1 26  ? -14.010 -1.344  2.731   1.00 35.92  ? 1107 ASN A CB  1 
ATOM   79  C  CG  . ASN A 1 26  ? -15.251 -2.140  2.371   1.00 42.32  ? 1107 ASN A CG  1 
ATOM   80  O  OD1 . ASN A 1 26  ? -15.413 -3.279  2.783   1.00 47.19  ? 1107 ASN A OD1 1 
ATOM   81  N  ND2 . ASN A 1 26  ? -16.133 -1.553  1.580   1.00 48.43  ? 1107 ASN A ND2 1 
ATOM   82  N  N   . ALA A 1 27  ? -13.823 -3.656  5.384   1.00 36.60  ? 1108 ALA A N   1 
ATOM   83  C  CA  . ALA A 1 27  ? -13.594 -5.033  5.808   1.00 34.89  ? 1108 ALA A CA  1 
ATOM   84  C  C   . ALA A 1 27  ? -13.698 -6.026  4.660   1.00 32.33  ? 1108 ALA A C   1 
ATOM   85  O  O   . ALA A 1 27  ? -12.972 -7.021  4.627   1.00 31.28  ? 1108 ALA A O   1 
ATOM   86  C  CB  . ALA A 1 27  ? -14.608 -5.415  6.853   1.00 38.11  ? 1108 ALA A CB  1 
ATOM   87  N  N   . VAL A 1 28  ? -14.685 -5.790  3.794   1.00 32.66  ? 1109 VAL A N   1 
ATOM   88  C  CA  . VAL A 1 28  ? -14.976 -6.638  2.653   1.00 35.90  ? 1109 VAL A CA  1 
ATOM   89  C  C   . VAL A 1 28  ? -13.774 -6.642  1.716   1.00 33.47  ? 1109 VAL A C   1 
ATOM   90  O  O   . VAL A 1 28  ? -13.325 -7.683  1.253   1.00 30.75  ? 1109 VAL A O   1 
ATOM   91  C  CB  . VAL A 1 28  ? -16.245 -6.138  1.939   1.00 38.07  ? 1109 VAL A CB  1 
ATOM   92  C  CG1 . VAL A 1 28  ? -16.481 -6.846  0.612   1.00 38.12  ? 1109 VAL A CG1 1 
ATOM   93  C  CG2 . VAL A 1 28  ? -17.462 -6.244  2.847   1.00 39.43  ? 1109 VAL A CG2 1 
ATOM   94  N  N   . ASN A 1 29  ? -13.275 -5.444  1.435   1.00 33.56  ? 1110 ASN A N   1 
ATOM   95  C  CA  . ASN A 1 29  ? -12.120 -5.266  0.577   1.00 33.04  ? 1110 ASN A CA  1 
ATOM   96  C  C   . ASN A 1 29  ? -10.866 -5.865  1.212   1.00 28.47  ? 1110 ASN A C   1 
ATOM   97  O  O   . ASN A 1 29  ? -10.049 -6.438  0.504   1.00 27.95  ? 1110 ASN A O   1 
ATOM   98  C  CB  . ASN A 1 29  ? -11.913 -3.789  0.256   1.00 37.12  ? 1110 ASN A CB  1 
ATOM   99  C  CG  . ASN A 1 29  ? -12.973 -3.192  -0.651  1.00 40.99  ? 1110 ASN A CG  1 
ATOM   100 O  OD1 . ASN A 1 29  ? -13.149 -1.974  -0.667  1.00 43.74  ? 1110 ASN A OD1 1 
ATOM   101 N  ND2 . ASN A 1 29  ? -13.671 -4.019  -1.414  1.00 41.98  ? 1110 ASN A ND2 1 
ATOM   102 N  N   . GLN A 1 30  ? -10.694 -5.712  2.527   1.00 27.59  ? 1111 GLN A N   1 
ATOM   103 C  CA  . GLN A 1 30  ? -9.580  -6.347  3.218   1.00 27.63  ? 1111 GLN A CA  1 
ATOM   104 C  C   . GLN A 1 30  ? -9.575  -7.850  2.965   1.00 28.77  ? 1111 GLN A C   1 
ATOM   105 O  O   . GLN A 1 30  ? -8.530  -8.425  2.682   1.00 28.57  ? 1111 GLN A O   1 
ATOM   106 C  CB  . GLN A 1 30  ? -9.634  -6.147  4.729   1.00 26.58  ? 1111 GLN A CB  1 
ATOM   107 C  CG  . GLN A 1 30  ? -9.377  -4.730  5.191   1.00 28.68  ? 1111 GLN A CG  1 
ATOM   108 C  CD  . GLN A 1 30  ? -9.557  -4.630  6.687   1.00 32.19  ? 1111 GLN A CD  1 
ATOM   109 O  OE1 . GLN A 1 30  ? -9.982  -5.578  7.345   1.00 32.33  ? 1111 GLN A OE1 1 
ATOM   110 N  NE2 . GLN A 1 30  ? -9.256  -3.471  7.233   1.00 32.78  ? 1111 GLN A NE2 1 
ATOM   111 N  N   . ARG A 1 31  ? -10.734 -8.503  3.106   1.00 30.34  ? 1112 ARG A N   1 
ATOM   112 C  CA  . ARG A 1 31  ? -10.787 -9.949  2.957   1.00 31.15  ? 1112 ARG A CA  1 
ATOM   113 C  C   . ARG A 1 31  ? -10.458 -10.374 1.528   1.00 31.26  ? 1112 ARG A C   1 
ATOM   114 O  O   . ARG A 1 31  ? -9.745  -11.364 1.336   1.00 30.51  ? 1112 ARG A O   1 
ATOM   115 C  CB  . ARG A 1 31  ? -12.153 -10.500 3.385   1.00 34.04  ? 1112 ARG A CB  1 
ATOM   116 C  CG  . ARG A 1 31  ? -12.377 -10.413 4.888   1.00 39.93  ? 1112 ARG A CG  1 
ATOM   117 C  CD  . ARG A 1 31  ? -13.664 -11.094 5.317   1.00 44.70  ? 1112 ARG A CD  1 
ATOM   118 N  NE  . ARG A 1 31  ? -14.384 -10.229 6.239   1.00 53.12  ? 1112 ARG A NE  1 
ATOM   119 C  CZ  . ARG A 1 31  ? -15.421 -9.467  5.907   1.00 51.75  ? 1112 ARG A CZ  1 
ATOM   120 N  NH1 . ARG A 1 31  ? -15.986 -9.576  4.716   1.00 51.66  ? 1112 ARG A NH1 1 
ATOM   121 N  NH2 . ARG A 1 31  ? -15.901 -8.607  6.786   1.00 54.53  ? 1112 ARG A NH2 1 
ATOM   122 N  N   . LEU A 1 32  ? -10.997 -9.648  0.537   1.00 30.56  ? 1113 LEU A N   1 
ATOM   123 C  CA  . LEU A 1 32  ? -10.756 -9.967  -0.864  1.00 33.28  ? 1113 LEU A CA  1 
ATOM   124 C  C   . LEU A 1 32  ? -9.260  -9.908  -1.151  1.00 31.16  ? 1113 LEU A C   1 
ATOM   125 O  O   . LEU A 1 32  ? -8.705  -10.825 -1.738  1.00 27.50  ? 1113 LEU A O   1 
ATOM   126 C  CB  . LEU A 1 32  ? -11.476 -8.964  -1.768  1.00 36.40  ? 1113 LEU A CB  1 
ATOM   127 C  CG  . LEU A 1 32  ? -13.003 -9.002  -1.745  1.00 44.37  ? 1113 LEU A CG  1 
ATOM   128 C  CD1 . LEU A 1 32  ? -13.578 -7.762  -2.427  1.00 44.94  ? 1113 LEU A CD1 1 
ATOM   129 C  CD2 . LEU A 1 32  ? -13.542 -10.279 -2.395  1.00 45.33  ? 1113 LEU A CD2 1 
ATOM   130 N  N   . ALA A 1 33  ? -8.622  -8.813  -0.719  1.00 29.70  ? 1114 ALA A N   1 
ATOM   131 C  CA  . ALA A 1 33  ? -7.212  -8.605  -1.004  1.00 29.21  ? 1114 ALA A CA  1 
ATOM   132 C  C   . ALA A 1 33  ? -6.371  -9.673  -0.314  1.00 26.03  ? 1114 ALA A C   1 
ATOM   133 O  O   . ALA A 1 33  ? -5.462  -10.216 -0.917  1.00 26.32  ? 1114 ALA A O   1 
ATOM   134 C  CB  . ALA A 1 33  ? -6.799  -7.212  -0.605  1.00 28.65  ? 1114 ALA A CB  1 
ATOM   135 N  N   . VAL A 1 34  ? -6.688  -9.989  0.950   1.00 26.24  ? 1115 VAL A N   1 
ATOM   136 C  CA  . VAL A 1 34  ? -5.942  -10.991 1.692   1.00 27.69  ? 1115 VAL A CA  1 
ATOM   137 C  C   . VAL A 1 34  ? -6.084  -12.349 1.001   1.00 28.36  ? 1115 VAL A C   1 
ATOM   138 O  O   . VAL A 1 34  ? -5.116  -13.105 0.897   1.00 27.28  ? 1115 VAL A O   1 
ATOM   139 C  CB  . VAL A 1 34  ? -6.368  -11.035 3.176   1.00 27.89  ? 1115 VAL A CB  1 
ATOM   140 C  CG1 . VAL A 1 34  ? -5.870  -12.289 3.899   1.00 28.82  ? 1115 VAL A CG1 1 
ATOM   141 C  CG2 . VAL A 1 34  ? -5.910  -9.787  3.910   1.00 27.20  ? 1115 VAL A CG2 1 
ATOM   142 N  N   . LYS A 1 35  ? -7.279  -12.661 0.500   1.00 27.77  ? 1116 LYS A N   1 
ATOM   143 C  CA  . LYS A 1 35  ? -7.486  -13.961 -0.128  1.00 34.10  ? 1116 LYS A CA  1 
ATOM   144 C  C   . LYS A 1 35  ? -6.561  -14.104 -1.347  1.00 30.63  ? 1116 LYS A C   1 
ATOM   145 O  O   . LYS A 1 35  ? -5.882  -15.119 -1.515  1.00 28.93  ? 1116 LYS A O   1 
ATOM   146 C  CB  . LYS A 1 35  ? -8.958  -14.134 -0.514  1.00 39.43  ? 1116 LYS A CB  1 
ATOM   147 C  CG  . LYS A 1 35  ? -9.431  -15.579 -0.624  1.00 48.96  ? 1116 LYS A CG  1 
ATOM   148 C  CD  . LYS A 1 35  ? -10.939 -15.705 -0.661  1.00 56.51  ? 1116 LYS A CD  1 
ATOM   149 C  CE  . LYS A 1 35  ? -11.442 -16.521 -1.835  1.00 62.84  ? 1116 LYS A CE  1 
ATOM   150 N  NZ  . LYS A 1 35  ? -12.926 -16.527 -1.900  1.00 66.70  ? 1116 LYS A NZ  1 
ATOM   151 N  N   . ILE A 1 36  ? -6.514  -13.059 -2.172  1.00 29.91  ? 1117 ILE A N   1 
ATOM   152 C  CA  . ILE A 1 36  ? -5.670  -13.057 -3.360  1.00 30.02  ? 1117 ILE A CA  1 
ATOM   153 C  C   . ILE A 1 36  ? -4.208  -13.184 -2.944  1.00 29.56  ? 1117 ILE A C   1 
ATOM   154 O  O   . ILE A 1 36  ? -3.487  -14.018 -3.478  1.00 31.48  ? 1117 ILE A O   1 
ATOM   155 C  CB  . ILE A 1 36  ? -5.894  -11.786 -4.201  1.00 32.79  ? 1117 ILE A CB  1 
ATOM   156 C  CG1 . ILE A 1 36  ? -7.308  -11.711 -4.782  1.00 34.19  ? 1117 ILE A CG1 1 
ATOM   157 C  CG2 . ILE A 1 36  ? -4.835  -11.680 -5.288  1.00 34.64  ? 1117 ILE A CG2 1 
ATOM   158 C  CD1 . ILE A 1 36  ? -7.622  -10.389 -5.467  1.00 35.21  ? 1117 ILE A CD1 1 
ATOM   159 N  N   . LEU A 1 37  ? -3.763  -12.336 -2.010  1.00 29.67  ? 1118 LEU A N   1 
ATOM   160 C  CA  . LEU A 1 37  ? -2.342  -12.253 -1.694  1.00 29.89  ? 1118 LEU A CA  1 
ATOM   161 C  C   . LEU A 1 37  ? -1.865  -13.543 -1.036  1.00 32.31  ? 1118 LEU A C   1 
ATOM   162 O  O   . LEU A 1 37  ? -0.748  -13.989 -1.293  1.00 33.13  ? 1118 LEU A O   1 
ATOM   163 C  CB  . LEU A 1 37  ? -2.082  -11.052 -0.790  1.00 31.88  ? 1118 LEU A CB  1 
ATOM   164 C  CG  . LEU A 1 37  ? -2.357  -9.688  -1.422  1.00 32.54  ? 1118 LEU A CG  1 
ATOM   165 C  CD1 . LEU A 1 37  ? -2.350  -8.593  -0.368  1.00 32.47  ? 1118 LEU A CD1 1 
ATOM   166 C  CD2 . LEU A 1 37  ? -1.340  -9.382  -2.520  1.00 34.95  ? 1118 LEU A CD2 1 
ATOM   167 N  N   . GLU A 1 38  ? -2.714  -14.150 -0.200  1.00 31.12  ? 1119 GLU A N   1 
ATOM   168 C  CA  . GLU A 1 38  ? -2.336  -15.377 0.486   1.00 34.10  ? 1119 GLU A CA  1 
ATOM   169 C  C   . GLU A 1 38  ? -2.345  -16.559 -0.484  1.00 34.15  ? 1119 GLU A C   1 
ATOM   170 O  O   . GLU A 1 38  ? -1.563  -17.492 -0.307  1.00 35.05  ? 1119 GLU A O   1 
ATOM   171 C  CB  . GLU A 1 38  ? -3.220  -15.621 1.714   1.00 33.84  ? 1119 GLU A CB  1 
ATOM   172 C  CG  . GLU A 1 38  ? -2.860  -14.697 2.864   1.00 36.71  ? 1119 GLU A CG  1 
ATOM   173 C  CD  . GLU A 1 38  ? -3.600  -14.899 4.182   1.00 40.65  ? 1119 GLU A CD  1 
ATOM   174 O  OE1 . GLU A 1 38  ? -3.159  -14.307 5.192   1.00 40.25  ? 1119 GLU A OE1 1 
ATOM   175 O  OE2 . GLU A 1 38  ? -4.621  -15.609 4.206   1.00 37.86  ? 1119 GLU A OE2 1 
ATOM   176 N  N   . LYS A 1 39  ? -3.207  -16.505 -1.509  1.00 33.41  ? 1120 LYS A N   1 
ATOM   177 C  CA  . LYS A 1 39  ? -3.200  -17.497 -2.572  1.00 37.89  ? 1120 LYS A CA  1 
ATOM   178 C  C   . LYS A 1 39  ? -1.808  -17.546 -3.208  1.00 37.18  ? 1120 LYS A C   1 
ATOM   179 O  O   . LYS A 1 39  ? -1.339  -18.619 -3.564  1.00 39.43  ? 1120 LYS A O   1 
ATOM   180 C  CB  . LYS A 1 39  ? -4.320  -17.202 -3.580  1.00 42.46  ? 1120 LYS A CB  1 
ATOM   181 C  CG  . LYS A 1 39  ? -4.221  -17.915 -4.926  1.00 51.40  ? 1120 LYS A CG  1 
ATOM   182 C  CD  . LYS A 1 39  ? -5.377  -17.595 -5.867  1.00 55.20  ? 1120 LYS A CD  1 
ATOM   183 C  CE  . LYS A 1 39  ? -5.401  -18.437 -7.131  1.00 61.42  ? 1120 LYS A CE  1 
ATOM   184 N  NZ  . LYS A 1 39  ? -4.967  -17.681 -8.332  1.00 64.45  ? 1120 LYS A NZ  1 
ATOM   185 N  N   . TYR A 1 40  ? -1.119  -16.399 -3.288  1.00 35.03  ? 1121 TYR A N   1 
ATOM   186 C  CA  . TYR A 1 40  ? 0.244   -16.355 -3.807  1.00 36.36  ? 1121 TYR A CA  1 
ATOM   187 C  C   . TYR A 1 40  ? 1.293   -16.323 -2.699  1.00 36.69  ? 1121 TYR A C   1 
ATOM   188 O  O   . TYR A 1 40  ? 2.403   -15.837 -2.924  1.00 41.81  ? 1121 TYR A O   1 
ATOM   189 C  CB  . TYR A 1 40  ? 0.438   -15.160 -4.738  1.00 36.21  ? 1121 TYR A CB  1 
ATOM   190 C  CG  . TYR A 1 40  ? -0.368  -15.285 -5.998  1.00 36.54  ? 1121 TYR A CG  1 
ATOM   191 C  CD1 . TYR A 1 40  ? -1.718  -14.995 -5.999  1.00 34.53  ? 1121 TYR A CD1 1 
ATOM   192 C  CD2 . TYR A 1 40  ? 0.200   -15.762 -7.172  1.00 37.10  ? 1121 TYR A CD2 1 
ATOM   193 C  CE1 . TYR A 1 40  ? -2.488  -15.138 -7.139  1.00 35.32  ? 1121 TYR A CE1 1 
ATOM   194 C  CE2 . TYR A 1 40  ? -0.554  -15.906 -8.323  1.00 36.07  ? 1121 TYR A CE2 1 
ATOM   195 C  CZ  . TYR A 1 40  ? -1.902  -15.596 -8.304  1.00 38.75  ? 1121 TYR A CZ  1 
ATOM   196 O  OH  . TYR A 1 40  ? -2.671  -15.725 -9.432  1.00 41.02  ? 1121 TYR A OH  1 
ATOM   197 N  N   . HIS A 1 41  ? 0.950   -16.854 -1.523  1.00 32.75  ? 1122 HIS A N   1 
ATOM   198 C  CA  . HIS A 1 41  ? 1.933   -17.183 -0.501  1.00 36.76  ? 1122 HIS A CA  1 
ATOM   199 C  C   . HIS A 1 41  ? 2.534   -15.939 0.158   1.00 36.92  ? 1122 HIS A C   1 
ATOM   200 O  O   . HIS A 1 41  ? 3.523   -16.057 0.878   1.00 38.12  ? 1122 HIS A O   1 
ATOM   201 C  CB  . HIS A 1 41  ? 3.019   -18.098 -1.088  1.00 39.65  ? 1122 HIS A CB  1 
ATOM   202 C  CG  . HIS A 1 41  ? 2.402   -19.184 -1.903  1.00 42.88  ? 1122 HIS A CG  1 
ATOM   203 N  ND1 . HIS A 1 41  ? 1.483   -20.050 -1.352  1.00 44.65  ? 1122 HIS A ND1 1 
ATOM   204 C  CD2 . HIS A 1 41  ? 2.464   -19.487 -3.206  1.00 45.43  ? 1122 HIS A CD2 1 
ATOM   205 C  CE1 . HIS A 1 41  ? 1.039   -20.876 -2.291  1.00 42.20  ? 1122 HIS A CE1 1 
ATOM   206 N  NE2 . HIS A 1 41  ? 1.619   -20.549 -3.423  1.00 46.14  ? 1122 HIS A NE2 1 
ATOM   207 N  N   . HIS A 1 42  ? 1.914   -14.766 -0.015  1.00 33.90  ? 1123 HIS A N   1 
ATOM   208 C  CA  . HIS A 1 42  ? 2.418   -13.580 0.663   1.00 32.79  ? 1123 HIS A CA  1 
ATOM   209 C  C   . HIS A 1 42  ? 1.900   -13.532 2.093   1.00 30.66  ? 1123 HIS A C   1 
ATOM   210 O  O   . HIS A 1 42  ? 0.881   -14.128 2.407   1.00 31.08  ? 1123 HIS A O   1 
ATOM   211 C  CB  . HIS A 1 42  ? 2.070   -12.308 -0.111  1.00 34.24  ? 1123 HIS A CB  1 
ATOM   212 C  CG  . HIS A 1 42  ? 2.602   -12.328 -1.488  1.00 36.45  ? 1123 HIS A CG  1 
ATOM   213 N  ND1 . HIS A 1 42  ? 1.865   -11.888 -2.564  1.00 39.26  ? 1123 HIS A ND1 1 
ATOM   214 C  CD2 . HIS A 1 42  ? 3.777   -12.739 -1.976  1.00 39.32  ? 1123 HIS A CD2 1 
ATOM   215 C  CE1 . HIS A 1 42  ? 2.593   -12.022 -3.669  1.00 38.87  ? 1123 HIS A CE1 1 
ATOM   216 N  NE2 . HIS A 1 42  ? 3.753   -12.544 -3.335  1.00 38.18  ? 1123 HIS A NE2 1 
ATOM   217 N  N   . VAL A 1 43  ? 2.636   -12.809 2.941   1.00 30.47  ? 1124 VAL A N   1 
ATOM   218 C  CA  . VAL A 1 43  ? 2.309   -12.628 4.345   1.00 31.85  ? 1124 VAL A CA  1 
ATOM   219 C  C   . VAL A 1 43  ? 1.804   -11.194 4.514   1.00 30.41  ? 1124 VAL A C   1 
ATOM   220 O  O   . VAL A 1 43  ? 2.550   -10.252 4.278   1.00 30.40  ? 1124 VAL A O   1 
ATOM   221 C  CB  . VAL A 1 43  ? 3.552   -12.909 5.208   1.00 34.10  ? 1124 VAL A CB  1 
ATOM   222 C  CG1 . VAL A 1 43  ? 3.297   -12.673 6.691   1.00 34.90  ? 1124 VAL A CG1 1 
ATOM   223 C  CG2 . VAL A 1 43  ? 4.086   -14.321 4.967   1.00 35.81  ? 1124 VAL A CG2 1 
ATOM   224 N  N   . VAL A 1 44  ? 0.529   -11.043 4.898   1.00 28.28  ? 1125 VAL A N   1 
ATOM   225 C  CA  . VAL A 1 44  ? -0.147  -9.754  4.862   1.00 25.62  ? 1125 VAL A CA  1 
ATOM   226 C  C   . VAL A 1 44  ? -0.423  -9.294  6.287   1.00 26.13  ? 1125 VAL A C   1 
ATOM   227 O  O   . VAL A 1 44  ? -1.050  -10.010 7.057   1.00 29.93  ? 1125 VAL A O   1 
ATOM   228 C  CB  . VAL A 1 44  ? -1.454  -9.815  4.049   1.00 26.72  ? 1125 VAL A CB  1 
ATOM   229 C  CG1 . VAL A 1 44  ? -2.068  -8.433  3.882   1.00 27.59  ? 1125 VAL A CG1 1 
ATOM   230 C  CG2 . VAL A 1 44  ? -1.262  -10.475 2.690   1.00 28.04  ? 1125 VAL A CG2 1 
ATOM   231 N  N   . THR A 1 45  ? 0.035   -8.087  6.623   1.00 25.45  ? 1126 THR A N   1 
ATOM   232 C  CA  . THR A 1 45  ? -0.408  -7.375  7.808   1.00 26.80  ? 1126 THR A CA  1 
ATOM   233 C  C   . THR A 1 45  ? -1.517  -6.411  7.391   1.00 28.32  ? 1126 THR A C   1 
ATOM   234 O  O   . THR A 1 45  ? -1.304  -5.615  6.482   1.00 25.07  ? 1126 THR A O   1 
ATOM   235 C  CB  . THR A 1 45  ? 0.770   -6.614  8.424   1.00 30.24  ? 1126 THR A CB  1 
ATOM   236 O  OG1 . THR A 1 45  ? 1.788   -7.578  8.691   1.00 30.82  ? 1126 THR A OG1 1 
ATOM   237 C  CG2 . THR A 1 45  ? 0.402   -5.838  9.669   1.00 30.16  ? 1126 THR A CG2 1 
ATOM   238 N  N   . VAL A 1 46  ? -2.692  -6.499  8.033   1.00 27.20  ? 1127 VAL A N   1 
ATOM   239 C  CA  . VAL A 1 46  ? -3.844  -5.703  7.638   1.00 27.08  ? 1127 VAL A CA  1 
ATOM   240 C  C   . VAL A 1 46  ? -4.085  -4.622  8.675   1.00 28.40  ? 1127 VAL A C   1 
ATOM   241 O  O   . VAL A 1 46  ? -4.144  -4.926  9.865   1.00 28.03  ? 1127 VAL A O   1 
ATOM   242 C  CB  . VAL A 1 46  ? -5.098  -6.576  7.472   1.00 29.36  ? 1127 VAL A CB  1 
ATOM   243 C  CG1 . VAL A 1 46  ? -6.336  -5.762  7.120   1.00 30.05  ? 1127 VAL A CG1 1 
ATOM   244 C  CG2 . VAL A 1 46  ? -4.859  -7.652  6.440   1.00 28.77  ? 1127 VAL A CG2 1 
ATOM   245 N  N   . VAL A 1 47  ? -4.213  -3.380  8.201   1.00 26.49  ? 1128 VAL A N   1 
ATOM   246 C  CA  . VAL A 1 47  ? -4.610  -2.261  9.036   1.00 29.35  ? 1128 VAL A CA  1 
ATOM   247 C  C   . VAL A 1 47  ? -5.746  -1.518  8.331   1.00 29.83  ? 1128 VAL A C   1 
ATOM   248 O  O   . VAL A 1 47  ? -6.016  -1.743  7.149   1.00 28.02  ? 1128 VAL A O   1 
ATOM   249 C  CB  . VAL A 1 47  ? -3.411  -1.357  9.390   1.00 28.34  ? 1128 VAL A CB  1 
ATOM   250 C  CG1 . VAL A 1 47  ? -2.270  -2.147  10.021  1.00 26.74  ? 1128 VAL A CG1 1 
ATOM   251 C  CG2 . VAL A 1 47  ? -2.910  -0.556  8.196   1.00 27.93  ? 1128 VAL A CG2 1 
ATOM   252 N  N   . GLY A 1 48  ? -6.467  -0.692  9.094   1.00 32.42  ? 1129 GLY A N   1 
ATOM   253 C  CA  . GLY A 1 48  ? -7.736  -0.153  8.643   1.00 31.86  ? 1129 GLY A CA  1 
ATOM   254 C  C   . GLY A 1 48  ? -7.705  1.354   8.435   1.00 31.92  ? 1129 GLY A C   1 
ATOM   255 O  O   . GLY A 1 48  ? -8.713  1.929   8.050   1.00 33.82  ? 1129 GLY A O   1 
ATOM   256 N  N   . ASN A 1 49  ? -6.564  1.988   8.704   1.00 30.28  ? 1130 ASN A N   1 
ATOM   257 C  CA  . ASN A 1 49  ? -6.421  3.409   8.431   1.00 31.24  ? 1130 ASN A CA  1 
ATOM   258 C  C   . ASN A 1 49  ? -4.945  3.752   8.234   1.00 29.12  ? 1130 ASN A C   1 
ATOM   259 O  O   . ASN A 1 49  ? -4.062  2.924   8.472   1.00 31.23  ? 1130 ASN A O   1 
ATOM   260 C  CB  . ASN A 1 49  ? -7.074  4.281   9.513   1.00 31.76  ? 1130 ASN A CB  1 
ATOM   261 C  CG  . ASN A 1 49  ? -6.409  4.231   10.870  1.00 32.91  ? 1130 ASN A CG  1 
ATOM   262 O  OD1 . ASN A 1 49  ? -5.225  4.537   11.011  1.00 31.43  ? 1130 ASN A OD1 1 
ATOM   263 N  ND2 . ASN A 1 49  ? -7.183  3.882   11.884  1.00 35.43  ? 1130 ASN A ND2 1 
ATOM   264 N  N   . GLY A 1 50  ? -4.699  5.006   7.835   1.00 27.30  ? 1131 GLY A N   1 
ATOM   265 C  CA  . GLY A 1 50  ? -3.368  5.516   7.550   1.00 29.83  ? 1131 GLY A CA  1 
ATOM   266 C  C   . GLY A 1 50  ? -2.474  5.635   8.780   1.00 29.71  ? 1131 GLY A C   1 
ATOM   267 O  O   . GLY A 1 50  ? -1.269  5.445   8.676   1.00 28.31  ? 1131 GLY A O   1 
ATOM   268 N  N   . GLU A 1 51  ? -3.054  5.991   9.930   1.00 30.77  ? 1132 GLU A N   1 
ATOM   269 C  CA  . GLU A 1 51  ? -2.301  6.129   11.168  1.00 33.26  ? 1132 GLU A CA  1 
ATOM   270 C  C   . GLU A 1 51  ? -1.714  4.771   11.557  1.00 29.41  ? 1132 GLU A C   1 
ATOM   271 O  O   . GLU A 1 51  ? -0.548  4.668   11.915  1.00 28.79  ? 1132 GLU A O   1 
ATOM   272 C  CB  . GLU A 1 51  ? -3.226  6.709   12.244  1.00 40.13  ? 1132 GLU A CB  1 
ATOM   273 C  CG  . GLU A 1 51  ? -2.737  6.577   13.674  1.00 45.92  ? 1132 GLU A CG  1 
ATOM   274 C  CD  . GLU A 1 51  ? -3.758  7.077   14.690  1.00 53.84  ? 1132 GLU A CD  1 
ATOM   275 O  OE1 . GLU A 1 51  ? -4.828  6.436   14.826  1.00 65.66  ? 1132 GLU A OE1 1 
ATOM   276 O  OE2 . GLU A 1 51  ? -3.511  8.124   15.320  1.00 55.35  ? 1132 GLU A OE2 1 
ATOM   277 N  N   . GLU A 1 52  ? -2.535  3.722   11.462  1.00 28.77  ? 1133 GLU A N   1 
ATOM   278 C  CA  . GLU A 1 52  ? -2.078  2.378   11.772  1.00 29.45  ? 1133 GLU A CA  1 
ATOM   279 C  C   . GLU A 1 52  ? -0.997  1.930   10.790  1.00 28.77  ? 1133 GLU A C   1 
ATOM   280 O  O   . GLU A 1 52  ? -0.085  1.214   11.171  1.00 29.13  ? 1133 GLU A O   1 
ATOM   281 C  CB  . GLU A 1 52  ? -3.257  1.411   11.749  1.00 33.09  ? 1133 GLU A CB  1 
ATOM   282 C  CG  . GLU A 1 52  ? -4.249  1.681   12.855  1.00 35.23  ? 1133 GLU A CG  1 
ATOM   283 C  CD  . GLU A 1 52  ? -5.481  0.791   12.858  1.00 41.54  ? 1133 GLU A CD  1 
ATOM   284 O  OE1 . GLU A 1 52  ? -6.263  0.906   13.822  1.00 45.82  ? 1133 GLU A OE1 1 
ATOM   285 O  OE2 . GLU A 1 52  ? -5.668  -0.004  11.903  1.00 39.73  ? 1133 GLU A OE2 1 
ATOM   286 N  N   . ALA A 1 53  ? -1.103  2.333   9.521   1.00 26.37  ? 1134 ALA A N   1 
ATOM   287 C  CA  . ALA A 1 53  ? -0.069  1.998   8.554   1.00 28.65  ? 1134 ALA A CA  1 
ATOM   288 C  C   . ALA A 1 53  ? 1.260   2.646   8.930   1.00 27.19  ? 1134 ALA A C   1 
ATOM   289 O  O   . ALA A 1 53  ? 2.308   1.994   8.882   1.00 27.82  ? 1134 ALA A O   1 
ATOM   290 C  CB  . ALA A 1 53  ? -0.511  2.395   7.173   1.00 28.83  ? 1134 ALA A CB  1 
ATOM   291 N  N   . VAL A 1 54  ? 1.226   3.923   9.323   1.00 26.59  ? 1135 VAL A N   1 
ATOM   292 C  CA  . VAL A 1 54  ? 2.445   4.612   9.721   1.00 28.08  ? 1135 VAL A CA  1 
ATOM   293 C  C   . VAL A 1 54  ? 3.044   3.891   10.928  1.00 29.76  ? 1135 VAL A C   1 
ATOM   294 O  O   . VAL A 1 54  ? 4.247   3.631   10.965  1.00 30.00  ? 1135 VAL A O   1 
ATOM   295 C  CB  . VAL A 1 54  ? 2.200   6.110   9.990   1.00 27.96  ? 1135 VAL A CB  1 
ATOM   296 C  CG1 . VAL A 1 54  ? 3.420   6.788   10.587  1.00 30.60  ? 1135 VAL A CG1 1 
ATOM   297 C  CG2 . VAL A 1 54  ? 1.767   6.828   8.717   1.00 29.37  ? 1135 VAL A CG2 1 
ATOM   298 N  N   . GLU A 1 55  ? 2.189   3.527   11.884  1.00 29.76  ? 1136 GLU A N   1 
ATOM   299 C  CA  . GLU A 1 55  ? 2.656   2.843   13.080  1.00 33.95  ? 1136 GLU A CA  1 
ATOM   300 C  C   . GLU A 1 55  ? 3.316   1.508   12.708  1.00 29.85  ? 1136 GLU A C   1 
ATOM   301 O  O   . GLU A 1 55  ? 4.343   1.148   13.281  1.00 30.47  ? 1136 GLU A O   1 
ATOM   302 C  CB  . GLU A 1 55  ? 1.498   2.675   14.066  1.00 39.38  ? 1136 GLU A CB  1 
ATOM   303 C  CG  . GLU A 1 55  ? 1.006   3.999   14.632  1.00 51.49  ? 1136 GLU A CG  1 
ATOM   304 C  CD  . GLU A 1 55  ? -0.192  3.929   15.568  1.00 62.83  ? 1136 GLU A CD  1 
ATOM   305 O  OE1 . GLU A 1 55  ? -0.813  2.842   15.666  1.00 70.18  ? 1136 GLU A OE1 1 
ATOM   306 O  OE2 . GLU A 1 55  ? -0.494  4.959   16.226  1.00 70.36  ? 1136 GLU A OE2 1 
ATOM   307 N  N   . ALA A 1 56  ? 2.747   0.776   11.736  1.00 25.94  ? 1137 ALA A N   1 
ATOM   308 C  CA  . ALA A 1 56  ? 3.292   -0.514  11.319  1.00 26.40  ? 1137 ALA A CA  1 
ATOM   309 C  C   . ALA A 1 56  ? 4.674   -0.371  10.682  1.00 26.59  ? 1137 ALA A C   1 
ATOM   310 O  O   . ALA A 1 56  ? 5.585   -1.167  10.940  1.00 24.52  ? 1137 ALA A O   1 
ATOM   311 C  CB  . ALA A 1 56  ? 2.342   -1.172  10.359  1.00 27.75  ? 1137 ALA A CB  1 
ATOM   312 N  N   . VAL A 1 57  ? 4.832   0.649   9.833   1.00 26.61  ? 1138 VAL A N   1 
ATOM   313 C  CA  . VAL A 1 57  ? 6.100   0.894   9.163   1.00 25.98  ? 1138 VAL A CA  1 
ATOM   314 C  C   . VAL A 1 57  ? 7.215   1.205   10.164  1.00 26.62  ? 1138 VAL A C   1 
ATOM   315 O  O   . VAL A 1 57  ? 8.386   0.975   9.875   1.00 27.51  ? 1138 VAL A O   1 
ATOM   316 C  CB  . VAL A 1 57  ? 5.929   2.020   8.140   1.00 27.01  ? 1138 VAL A CB  1 
ATOM   317 C  CG1 . VAL A 1 57  ? 7.248   2.596   7.692   1.00 27.98  ? 1138 VAL A CG1 1 
ATOM   318 C  CG2 . VAL A 1 57  ? 5.123   1.533   6.952   1.00 26.23  ? 1138 VAL A CG2 1 
ATOM   319 N  N   . LYS A 1 58  ? 6.862   1.763   11.319  1.00 29.77  ? 1139 LYS A N   1 
ATOM   320 C  CA  . LYS A 1 58  ? 7.848   2.048   12.355  1.00 33.04  ? 1139 LYS A CA  1 
ATOM   321 C  C   . LYS A 1 58  ? 8.260   0.799   13.130  1.00 33.89  ? 1139 LYS A C   1 
ATOM   322 O  O   . LYS A 1 58  ? 9.265   0.828   13.846  1.00 38.87  ? 1139 LYS A O   1 
ATOM   323 C  CB  . LYS A 1 58  ? 7.280   3.075   13.330  1.00 35.94  ? 1139 LYS A CB  1 
ATOM   324 C  CG  . LYS A 1 58  ? 7.064   4.434   12.698  1.00 37.84  ? 1139 LYS A CG  1 
ATOM   325 C  CD  . LYS A 1 58  ? 6.631   5.495   13.659  1.00 41.06  ? 1139 LYS A CD  1 
ATOM   326 C  CE  . LYS A 1 58  ? 6.516   6.827   12.956  1.00 42.86  ? 1139 LYS A CE  1 
ATOM   327 N  NZ  . LYS A 1 58  ? 5.547   7.715   13.637  1.00 48.40  ? 1139 LYS A NZ  1 
ATOM   328 N  N   . ARG A 1 59  ? 7.481   -0.280  13.010  1.00 29.68  ? 1140 ARG A N   1 
ATOM   329 C  CA  . ARG A 1 59  ? 7.690   -1.475  13.812  1.00 33.51  ? 1140 ARG A CA  1 
ATOM   330 C  C   . ARG A 1 59  ? 8.330   -2.591  12.978  1.00 34.79  ? 1140 ARG A C   1 
ATOM   331 O  O   . ARG A 1 59  ? 8.979   -3.479  13.523  1.00 33.49  ? 1140 ARG A O   1 
ATOM   332 C  CB  . ARG A 1 59  ? 6.365   -1.887  14.429  1.00 34.69  ? 1140 ARG A CB  1 
ATOM   333 N  N   . LYS A 1 60  ? 8.184   -2.543  11.648  1.00 32.68  ? 1141 LYS A N   1 
ATOM   334 C  CA  . LYS A 1 60  ? 8.533   -3.681  10.813  1.00 33.31  ? 1141 LYS A CA  1 
ATOM   335 C  C   . LYS A 1 60  ? 8.856   -3.233  9.387   1.00 32.07  ? 1141 LYS A C   1 
ATOM   336 O  O   . LYS A 1 60  ? 8.285   -2.252  8.919   1.00 28.70  ? 1141 LYS A O   1 
ATOM   337 C  CB  . LYS A 1 60  ? 7.352   -4.654  10.811  1.00 36.34  ? 1141 LYS A CB  1 
ATOM   338 C  CG  . LYS A 1 60  ? 7.575   -5.895  9.969   1.00 42.15  ? 1141 LYS A CG  1 
ATOM   339 C  CD  . LYS A 1 60  ? 6.878   -7.118  10.485  1.00 46.40  ? 1141 LYS A CD  1 
ATOM   340 C  CE  . LYS A 1 60  ? 5.377   -7.077  10.337  1.00 49.10  ? 1141 LYS A CE  1 
ATOM   341 N  NZ  . LYS A 1 60  ? 4.809   -8.435  10.513  1.00 53.42  ? 1141 LYS A NZ  1 
ATOM   342 N  N   . LYS A 1 61  ? 9.767   -3.957  8.712   1.00 30.82  ? 1142 LYS A N   1 
ATOM   343 C  CA  . LYS A 1 61  ? 10.080  -3.700  7.313   1.00 33.15  ? 1142 LYS A CA  1 
ATOM   344 C  C   . LYS A 1 61  ? 9.200   -4.590  6.441   1.00 30.02  ? 1142 LYS A C   1 
ATOM   345 O  O   . LYS A 1 61  ? 9.110   -5.796  6.666   1.00 33.23  ? 1142 LYS A O   1 
ATOM   346 C  CB  . LYS A 1 61  ? 11.563  -3.945  7.019   1.00 36.19  ? 1142 LYS A CB  1 
ATOM   347 C  CG  . LYS A 1 61  ? 12.222  -2.886  6.147   1.00 42.38  ? 1142 LYS A CG  1 
ATOM   348 C  CD  . LYS A 1 61  ? 12.957  -3.423  4.949   1.00 48.45  ? 1142 LYS A CD  1 
ATOM   349 C  CE  . LYS A 1 61  ? 13.413  -2.335  3.989   1.00 51.83  ? 1142 LYS A CE  1 
ATOM   350 N  NZ  . LYS A 1 61  ? 13.769  -2.880  2.657   1.00 50.56  ? 1142 LYS A NZ  1 
ATOM   351 N  N   . PHE A 1 62  ? 8.505   -3.971  5.490   1.00 26.93  ? 1143 PHE A N   1 
ATOM   352 C  CA  . PHE A 1 62  ? 7.683   -4.686  4.536   1.00 24.17  ? 1143 PHE A CA  1 
ATOM   353 C  C   . PHE A 1 62  ? 8.344   -4.587  3.172   1.00 24.96  ? 1143 PHE A C   1 
ATOM   354 O  O   . PHE A 1 62  ? 9.072   -3.638  2.931   1.00 26.62  ? 1143 PHE A O   1 
ATOM   355 C  CB  . PHE A 1 62  ? 6.278   -4.076  4.501   1.00 24.03  ? 1143 PHE A CB  1 
ATOM   356 C  CG  . PHE A 1 62  ? 5.540   -4.119  5.812   1.00 23.63  ? 1143 PHE A CG  1 
ATOM   357 C  CD1 . PHE A 1 62  ? 4.780   -5.225  6.153   1.00 23.80  ? 1143 PHE A CD1 1 
ATOM   358 C  CD2 . PHE A 1 62  ? 5.632   -3.069  6.717   1.00 23.47  ? 1143 PHE A CD2 1 
ATOM   359 C  CE1 . PHE A 1 62  ? 4.113   -5.278  7.367   1.00 24.06  ? 1143 PHE A CE1 1 
ATOM   360 C  CE2 . PHE A 1 62  ? 4.962   -3.122  7.932   1.00 24.83  ? 1143 PHE A CE2 1 
ATOM   361 C  CZ  . PHE A 1 62  ? 4.215   -4.235  8.260   1.00 24.93  ? 1143 PHE A CZ  1 
ATOM   362 N  N   . ASP A 1 63  ? 8.050   -5.541  2.286   1.00 25.06  ? 1144 ASP A N   1 
ATOM   363 C  CA  . ASP A 1 63  ? 8.521   -5.500  0.914   1.00 25.74  ? 1144 ASP A CA  1 
ATOM   364 C  C   . ASP A 1 63  ? 7.724   -4.481  0.100   1.00 25.97  ? 1144 ASP A C   1 
ATOM   365 O  O   . ASP A 1 63  ? 8.273   -3.839  -0.781  1.00 23.25  ? 1144 ASP A O   1 
ATOM   366 C  CB  . ASP A 1 63  ? 8.442   -6.888  0.294   1.00 28.92  ? 1144 ASP A CB  1 
ATOM   367 C  CG  . ASP A 1 63  ? 9.378   -7.858  1.000   1.00 32.24  ? 1144 ASP A CG  1 
ATOM   368 O  OD1 . ASP A 1 63  ? 10.587  -7.631  0.933   1.00 33.81  ? 1144 ASP A OD1 1 
ATOM   369 O  OD2 . ASP A 1 63  ? 8.892   -8.776  1.659   1.00 32.35  ? 1144 ASP A OD2 1 
ATOM   370 N  N   . VAL A 1 64  ? 6.425   -4.353  0.379   1.00 24.39  ? 1145 VAL A N   1 
ATOM   371 C  CA  . VAL A 1 64  ? 5.567   -3.454  -0.380  1.00 24.82  ? 1145 VAL A CA  1 
ATOM   372 C  C   . VAL A 1 64  ? 4.373   -3.098  0.499   1.00 23.59  ? 1145 VAL A C   1 
ATOM   373 O  O   . VAL A 1 64  ? 3.953   -3.901  1.327   1.00 24.00  ? 1145 VAL A O   1 
ATOM   374 C  CB  . VAL A 1 64  ? 5.148   -4.086  -1.722  1.00 26.62  ? 1145 VAL A CB  1 
ATOM   375 C  CG1 . VAL A 1 64  ? 4.290   -5.314  -1.520  1.00 31.99  ? 1145 VAL A CG1 1 
ATOM   376 C  CG2 . VAL A 1 64  ? 4.421   -3.099  -2.621  1.00 29.93  ? 1145 VAL A CG2 1 
ATOM   377 N  N   . ILE A 1 65  ? 3.867   -1.877  0.329   1.00 22.97  ? 1146 ILE A N   1 
ATOM   378 C  CA  . ILE A 1 65  ? 2.688   -1.379  1.017   1.00 22.46  ? 1146 ILE A CA  1 
ATOM   379 C  C   . ILE A 1 65  ? 1.579   -1.136  -0.004  1.00 22.34  ? 1146 ILE A C   1 
ATOM   380 O  O   . ILE A 1 65  ? 1.813   -0.493  -1.027  1.00 20.77  ? 1146 ILE A O   1 
ATOM   381 C  CB  . ILE A 1 65  ? 3.038   -0.073  1.752   1.00 23.26  ? 1146 ILE A CB  1 
ATOM   382 C  CG1 . ILE A 1 65  ? 4.080   -0.296  2.853   1.00 24.46  ? 1146 ILE A CG1 1 
ATOM   383 C  CG2 . ILE A 1 65  ? 1.793   0.624   2.272   1.00 23.98  ? 1146 ILE A CG2 1 
ATOM   384 C  CD1 . ILE A 1 65  ? 4.749   0.975   3.301   1.00 25.40  ? 1146 ILE A CD1 1 
ATOM   385 N  N   . LEU A 1 66  ? 0.366   -1.616  0.309   1.00 22.36  ? 1147 LEU A N   1 
ATOM   386 C  CA  . LEU A 1 66  ? -0.819  -1.369  -0.489  1.00 22.42  ? 1147 LEU A CA  1 
ATOM   387 C  C   . LEU A 1 66  ? -1.700  -0.427  0.314   1.00 23.80  ? 1147 LEU A C   1 
ATOM   388 O  O   . LEU A 1 66  ? -2.134  -0.761  1.410   1.00 23.74  ? 1147 LEU A O   1 
ATOM   389 C  CB  . LEU A 1 66  ? -1.545  -2.683  -0.793  1.00 23.87  ? 1147 LEU A CB  1 
ATOM   390 C  CG  . LEU A 1 66  ? -0.687  -3.804  -1.378  1.00 26.00  ? 1147 LEU A CG  1 
ATOM   391 C  CD1 . LEU A 1 66  ? -1.425  -5.136  -1.397  1.00 28.01  ? 1147 LEU A CD1 1 
ATOM   392 C  CD2 . LEU A 1 66  ? -0.225  -3.456  -2.771  1.00 28.06  ? 1147 LEU A CD2 1 
ATOM   393 N  N   . MET A 1 67  ? -1.943  0.757   -0.243  1.00 24.63  ? 1148 MET A N   1 
ATOM   394 C  CA  . MET A 1 67  ? -2.458  1.875   0.520   1.00 28.12  ? 1148 MET A CA  1 
ATOM   395 C  C   . MET A 1 67  ? -3.709  2.406   -0.168  1.00 28.23  ? 1148 MET A C   1 
ATOM   396 O  O   . MET A 1 67  ? -3.649  2.942   -1.267  1.00 27.36  ? 1148 MET A O   1 
ATOM   397 C  CB  . MET A 1 67  ? -1.401  2.983   0.590   1.00 29.48  ? 1148 MET A CB  1 
ATOM   398 C  CG  . MET A 1 67  ? -1.791  4.160   1.447   1.00 30.03  ? 1148 MET A CG  1 
ATOM   399 S  SD  . MET A 1 67  ? -1.442  3.918   3.200   1.00 31.61  ? 1148 MET A SD  1 
ATOM   400 C  CE  . MET A 1 67  ? 0.346   3.992   3.154   1.00 32.00  ? 1148 MET A CE  1 
ATOM   401 N  N   . ASP A 1 68  ? -4.846  2.235   0.501   1.00 28.62  ? 1149 ASP A N   1 
ATOM   402 C  CA  . ASP A 1 68  ? -6.085  2.877   0.106   1.00 29.25  ? 1149 ASP A CA  1 
ATOM   403 C  C   . ASP A 1 68  ? -5.915  4.397   0.158   1.00 27.38  ? 1149 ASP A C   1 
ATOM   404 O  O   . ASP A 1 68  ? -5.339  4.935   1.098   1.00 27.75  ? 1149 ASP A O   1 
ATOM   405 C  CB  . ASP A 1 68  ? -7.172  2.390   1.059   1.00 33.13  ? 1149 ASP A CB  1 
ATOM   406 C  CG  . ASP A 1 68  ? -8.598  2.536   0.592   1.00 36.80  ? 1149 ASP A CG  1 
ATOM   407 O  OD1 . ASP A 1 68  ? -8.814  2.854   -0.601  1.00 42.81  ? 1149 ASP A OD1 1 
ATOM   408 O  OD2 . ASP A 1 68  ? -9.485  2.323   1.442   1.00 39.06  ? 1149 ASP A OD2 1 
ATOM   409 N  N   . VAL A 1 69  ? -6.420  5.107   -0.860  1.00 28.31  ? 1150 VAL A N   1 
ATOM   410 C  CA  . VAL A 1 69  ? -6.294  6.556   -0.902  1.00 30.63  ? 1150 VAL A CA  1 
ATOM   411 C  C   . VAL A 1 69  ? -7.247  7.176   0.119   1.00 30.38  ? 1150 VAL A C   1 
ATOM   412 O  O   . VAL A 1 69  ? -6.825  8.005   0.917   1.00 31.12  ? 1150 VAL A O   1 
ATOM   413 C  CB  . VAL A 1 69  ? -6.526  7.108   -2.322  1.00 31.92  ? 1150 VAL A CB  1 
ATOM   414 C  CG1 . VAL A 1 69  ? -6.565  8.631   -2.352  1.00 32.20  ? 1150 VAL A CG1 1 
ATOM   415 C  CG2 . VAL A 1 69  ? -5.470  6.593   -3.292  1.00 33.79  ? 1150 VAL A CG2 1 
ATOM   416 N  N   . GLN A 1 70  ? -8.521  6.769   0.089   1.00 28.43  ? 1151 GLN A N   1 
ATOM   417 C  CA  . GLN A 1 70  ? -9.511  7.341   0.984   1.00 34.17  ? 1151 GLN A CA  1 
ATOM   418 C  C   . GLN A 1 70  ? -9.732  6.410   2.168   1.00 31.78  ? 1151 GLN A C   1 
ATOM   419 O  O   . GLN A 1 70  ? -10.157 5.271   2.014   1.00 35.72  ? 1151 GLN A O   1 
ATOM   420 C  CB  . GLN A 1 70  ? -10.813 7.663   0.251   1.00 37.64  ? 1151 GLN A CB  1 
ATOM   421 C  CG  . GLN A 1 70  ? -10.668 8.835   -0.708  1.00 47.13  ? 1151 GLN A CG  1 
ATOM   422 C  CD  . GLN A 1 70  ? -11.949 9.604   -0.949  1.00 54.02  ? 1151 GLN A CD  1 
ATOM   423 O  OE1 . GLN A 1 70  ? -11.963 10.575  -1.700  1.00 65.10  ? 1151 GLN A OE1 1 
ATOM   424 N  NE2 . GLN A 1 70  ? -13.036 9.205   -0.305  1.00 58.36  ? 1151 GLN A NE2 1 
ATOM   425 N  N   . MET A 1 71  ? -9.406  6.924   3.351   1.00 33.83  ? 1152 MET A N   1 
ATOM   426 C  CA  . MET A 1 71  ? -9.544  6.169   4.574   1.00 34.59  ? 1152 MET A CA  1 
ATOM   427 C  C   . MET A 1 71  ? -9.880  7.127   5.702   1.00 35.14  ? 1152 MET A C   1 
ATOM   428 O  O   . MET A 1 71  ? -9.323  8.217   5.757   1.00 32.94  ? 1152 MET A O   1 
ATOM   429 C  CB  . MET A 1 71  ? -8.225  5.472   4.920   1.00 32.00  ? 1152 MET A CB  1 
ATOM   430 C  CG  . MET A 1 71  ? -7.925  4.256   4.072   1.00 31.75  ? 1152 MET A CG  1 
ATOM   431 S  SD  . MET A 1 71  ? -6.420  3.404   4.676   1.00 31.21  ? 1152 MET A SD  1 
ATOM   432 C  CE  . MET A 1 71  ? -5.161  4.609   4.266   1.00 31.27  ? 1152 MET A CE  1 
ATOM   433 N  N   . PRO A 1 72  ? -10.696 6.686   6.692   1.00 40.85  ? 1153 PRO A N   1 
ATOM   434 C  CA  . PRO A 1 72  ? -10.892 7.420   7.942   1.00 37.11  ? 1153 PRO A CA  1 
ATOM   435 C  C   . PRO A 1 72  ? -9.611  7.656   8.721   1.00 38.39  ? 1153 PRO A C   1 
ATOM   436 O  O   . PRO A 1 72  ? -8.651  6.908   8.564   1.00 41.34  ? 1153 PRO A O   1 
ATOM   437 C  CB  . PRO A 1 72  ? -11.738 6.468   8.801   1.00 39.73  ? 1153 PRO A CB  1 
ATOM   438 C  CG  . PRO A 1 72  ? -12.418 5.563   7.802   1.00 41.21  ? 1153 PRO A CG  1 
ATOM   439 C  CD  . PRO A 1 72  ? -11.409 5.401   6.690   1.00 39.03  ? 1153 PRO A CD  1 
ATOM   440 N  N   . VAL A 1 73  ? -9.634  8.681   9.582   1.00 37.29  ? 1154 VAL A N   1 
ATOM   441 C  CA  . VAL A 1 73  ? -8.552  8.996   10.502  1.00 35.52  ? 1154 VAL A CA  1 
ATOM   442 C  C   . VAL A 1 73  ? -7.389  9.601   9.722   1.00 35.93  ? 1154 VAL A C   1 
ATOM   443 O  O   . VAL A 1 73  ? -6.975  10.727  9.998   1.00 33.45  ? 1154 VAL A O   1 
ATOM   444 C  CB  . VAL A 1 73  ? -8.105  7.780   11.343  1.00 35.36  ? 1154 VAL A CB  1 
ATOM   445 C  CG1 . VAL A 1 73  ? -7.028  8.151   12.347  1.00 36.49  ? 1154 VAL A CG1 1 
ATOM   446 C  CG2 . VAL A 1 73  ? -9.284  7.121   12.044  1.00 36.08  ? 1154 VAL A CG2 1 
ATOM   447 N  N   . MET A 1 74  ? -6.845  8.831   8.774   1.00 35.78  ? 1155 MET A N   1 
ATOM   448 C  CA  . MET A 1 74  ? -5.765  9.331   7.937   1.00 33.98  ? 1155 MET A CA  1 
ATOM   449 C  C   . MET A 1 74  ? -5.777  8.588   6.602   1.00 32.66  ? 1155 MET A C   1 
ATOM   450 O  O   . MET A 1 74  ? -5.843  7.358   6.553   1.00 32.52  ? 1155 MET A O   1 
ATOM   451 C  CB  . MET A 1 74  ? -4.405  9.182   8.625   1.00 34.26  ? 1155 MET A CB  1 
ATOM   452 C  CG  . MET A 1 74  ? -3.277  9.820   7.854   1.00 35.30  ? 1155 MET A CG  1 
ATOM   453 S  SD  . MET A 1 74  ? -1.654  9.323   8.451   1.00 42.84  ? 1155 MET A SD  1 
ATOM   454 C  CE  . MET A 1 74  ? -1.755  9.777   10.183  1.00 45.17  ? 1155 MET A CE  1 
ATOM   455 N  N   . GLY A 1 75  ? -5.747  9.373   5.519   1.00 30.68  ? 1156 GLY A N   1 
ATOM   456 C  CA  . GLY A 1 75  ? -5.811  8.863   4.161   1.00 30.87  ? 1156 GLY A CA  1 
ATOM   457 C  C   . GLY A 1 75  ? -4.440  8.412   3.669   1.00 28.44  ? 1156 GLY A C   1 
ATOM   458 O  O   . GLY A 1 75  ? -3.449  8.575   4.368   1.00 30.17  ? 1156 GLY A O   1 
ATOM   459 N  N   . GLY A 1 76  ? -4.407  7.853   2.456   1.00 27.01  ? 1157 GLY A N   1 
ATOM   460 C  CA  . GLY A 1 76  ? -3.202  7.256   1.911   1.00 26.26  ? 1157 GLY A CA  1 
ATOM   461 C  C   . GLY A 1 76  ? -2.144  8.289   1.534   1.00 27.78  ? 1157 GLY A C   1 
ATOM   462 O  O   . GLY A 1 76  ? -0.960  7.990   1.602   1.00 27.90  ? 1157 GLY A O   1 
ATOM   463 N  N   . PHE A 1 77  ? -2.578  9.471   1.071   1.00 28.34  ? 1158 PHE A N   1 
ATOM   464 C  CA  . PHE A 1 77  ? -1.637  10.522  0.691   1.00 28.43  ? 1158 PHE A CA  1 
ATOM   465 C  C   . PHE A 1 77  ? -0.893  11.027  1.925   1.00 27.81  ? 1158 PHE A C   1 
ATOM   466 O  O   . PHE A 1 77  ? 0.332   11.192  1.905   1.00 27.94  ? 1158 PHE A O   1 
ATOM   467 C  CB  . PHE A 1 77  ? -2.361  11.648  -0.051  1.00 31.98  ? 1158 PHE A CB  1 
ATOM   468 C  CG  . PHE A 1 77  ? -2.678  11.359  -1.499  1.00 36.28  ? 1158 PHE A CG  1 
ATOM   469 C  CD1 . PHE A 1 77  ? -2.398  10.130  -2.077  1.00 39.84  ? 1158 PHE A CD1 1 
ATOM   470 C  CD2 . PHE A 1 77  ? -3.209  12.348  -2.311  1.00 45.23  ? 1158 PHE A CD2 1 
ATOM   471 C  CE1 . PHE A 1 77  ? -2.675  9.885   -3.415  1.00 42.49  ? 1158 PHE A CE1 1 
ATOM   472 C  CE2 . PHE A 1 77  ? -3.484  12.099  -3.649  1.00 45.85  ? 1158 PHE A CE2 1 
ATOM   473 C  CZ  . PHE A 1 77  ? -3.214  10.870  -4.199  1.00 42.73  ? 1158 PHE A CZ  1 
ATOM   474 N  N   . GLU A 1 78  ? -1.640  11.251  3.008   1.00 28.73  ? 1159 GLU A N   1 
ATOM   475 C  CA  . GLU A 1 78  ? -1.059  11.736  4.251   1.00 29.62  ? 1159 GLU A CA  1 
ATOM   476 C  C   . GLU A 1 78  ? -0.131  10.669  4.845   1.00 29.13  ? 1159 GLU A C   1 
ATOM   477 O  O   . GLU A 1 78  ? 0.966   10.966  5.311   1.00 27.12  ? 1159 GLU A O   1 
ATOM   478 C  CB  . GLU A 1 78  ? -2.170  12.115  5.234   1.00 39.03  ? 1159 GLU A CB  1 
ATOM   479 C  CG  . GLU A 1 78  ? -3.228  13.059  4.657   1.00 44.72  ? 1159 GLU A CG  1 
ATOM   480 C  CD  . GLU A 1 78  ? -4.483  12.436  4.048   1.00 50.62  ? 1159 GLU A CD  1 
ATOM   481 O  OE1 . GLU A 1 78  ? -4.423  11.814  2.942   1.00 37.49  ? 1159 GLU A OE1 1 
ATOM   482 O  OE2 . GLU A 1 78  ? -5.544  12.580  4.690   1.00 61.15  ? 1159 GLU A OE2 1 
ATOM   483 N  N   . ALA A 1 79  ? -0.583  9.408   4.839   1.00 28.64  ? 1160 ALA A N   1 
ATOM   484 C  CA  . ALA A 1 79  ? 0.190   8.321   5.425   1.00 26.26  ? 1160 ALA A CA  1 
ATOM   485 C  C   . ALA A 1 79  ? 1.490   8.145   4.638   1.00 25.35  ? 1160 ALA A C   1 
ATOM   486 O  O   . ALA A 1 79  ? 2.547   7.931   5.213   1.00 24.88  ? 1160 ALA A O   1 
ATOM   487 C  CB  . ALA A 1 79  ? -0.626  7.050   5.439   1.00 27.30  ? 1160 ALA A CB  1 
ATOM   488 N  N   . THR A 1 80  ? 1.407   8.274   3.310   1.00 24.34  ? 1161 THR A N   1 
ATOM   489 C  CA  . THR A 1 80  ? 2.569   8.127   2.458   1.00 24.37  ? 1161 THR A CA  1 
ATOM   490 C  C   . THR A 1 80  ? 3.600   9.207   2.800   1.00 25.21  ? 1161 THR A C   1 
ATOM   491 O  O   . THR A 1 80  ? 4.788   8.914   2.939   1.00 27.41  ? 1161 THR A O   1 
ATOM   492 C  CB  . THR A 1 80  ? 2.168   8.115   0.976   1.00 26.13  ? 1161 THR A CB  1 
ATOM   493 O  OG1 . THR A 1 80  ? 1.428   6.939   0.650   1.00 25.44  ? 1161 THR A OG1 1 
ATOM   494 C  CG2 . THR A 1 80  ? 3.378   8.183   0.072   1.00 26.48  ? 1161 THR A CG2 1 
ATOM   495 N  N   . ALA A 1 81  ? 3.152   10.463  2.913   1.00 25.25  ? 1162 ALA A N   1 
ATOM   496 C  CA  . ALA A 1 81  ? 4.054   11.559  3.264   1.00 28.50  ? 1162 ALA A CA  1 
ATOM   497 C  C   . ALA A 1 81  ? 4.832   11.245  4.545   1.00 29.30  ? 1162 ALA A C   1 
ATOM   498 O  O   . ALA A 1 81  ? 6.048   11.453  4.611   1.00 32.07  ? 1162 ALA A O   1 
ATOM   499 C  CB  . ALA A 1 81  ? 3.269   12.834  3.419   1.00 27.87  ? 1162 ALA A CB  1 
ATOM   500 N  N   . LYS A 1 82  ? 4.117   10.759  5.564   1.00 29.69  ? 1163 LYS A N   1 
ATOM   501 C  CA  . LYS A 1 82  ? 4.725   10.442  6.850   1.00 31.70  ? 1163 LYS A CA  1 
ATOM   502 C  C   . LYS A 1 82  ? 5.707   9.276   6.724   1.00 30.21  ? 1163 LYS A C   1 
ATOM   503 O  O   . LYS A 1 82  ? 6.777   9.282   7.320   1.00 27.74  ? 1163 LYS A O   1 
ATOM   504 C  CB  . LYS A 1 82  ? 3.631   10.135  7.869   1.00 35.94  ? 1163 LYS A CB  1 
ATOM   505 C  CG  . LYS A 1 82  ? 2.930   11.370  8.404   1.00 40.42  ? 1163 LYS A CG  1 
ATOM   506 C  CD  . LYS A 1 82  ? 1.863   11.046  9.410   1.00 50.05  ? 1163 LYS A CD  1 
ATOM   507 C  CE  . LYS A 1 82  ? 1.718   12.126  10.457  1.00 57.15  ? 1163 LYS A CE  1 
ATOM   508 N  NZ  . LYS A 1 82  ? 0.362   12.128  11.053  1.00 62.72  ? 1163 LYS A NZ  1 
ATOM   509 N  N   . ILE A 1 83  ? 5.349   8.274   5.922   1.00 28.65  ? 1164 ILE A N   1 
ATOM   510 C  CA  . ILE A 1 83  ? 6.173   7.095   5.777   1.00 27.01  ? 1164 ILE A CA  1 
ATOM   511 C  C   . ILE A 1 83  ? 7.497   7.485   5.135   1.00 27.92  ? 1164 ILE A C   1 
ATOM   512 O  O   . ILE A 1 83  ? 8.537   7.072   5.619   1.00 28.53  ? 1164 ILE A O   1 
ATOM   513 C  CB  . ILE A 1 83  ? 5.424   6.016   4.975   1.00 24.26  ? 1164 ILE A CB  1 
ATOM   514 C  CG1 . ILE A 1 83  ? 4.349   5.356   5.844   1.00 25.38  ? 1164 ILE A CG1 1 
ATOM   515 C  CG2 . ILE A 1 83  ? 6.394   5.014   4.362   1.00 24.52  ? 1164 ILE A CG2 1 
ATOM   516 C  CD1 . ILE A 1 83  ? 3.294   4.612   5.074   1.00 25.83  ? 1164 ILE A CD1 1 
ATOM   517 N  N   . ARG A 1 84  ? 7.447   8.269   4.049   1.00 27.50  ? 1165 ARG A N   1 
ATOM   518 C  CA  . ARG A 1 84  ? 8.643   8.669   3.310   1.00 29.68  ? 1165 ARG A CA  1 
ATOM   519 C  C   . ARG A 1 84  ? 9.573   9.493   4.202   1.00 30.62  ? 1165 ARG A C   1 
ATOM   520 O  O   . ARG A 1 84  ? 10.786  9.325   4.179   1.00 31.65  ? 1165 ARG A O   1 
ATOM   521 C  CB  . ARG A 1 84  ? 8.244   9.457   2.058   1.00 28.97  ? 1165 ARG A CB  1 
ATOM   522 C  CG  . ARG A 1 84  ? 7.388   8.664   1.080   1.00 32.54  ? 1165 ARG A CG  1 
ATOM   523 C  CD  . ARG A 1 84  ? 8.229   7.852   0.125   1.00 32.29  ? 1165 ARG A CD  1 
ATOM   524 N  NE  . ARG A 1 84  ? 7.426   7.045   -0.770  1.00 32.43  ? 1165 ARG A NE  1 
ATOM   525 C  CZ  . ARG A 1 84  ? 7.494   5.723   -0.870  1.00 33.93  ? 1165 ARG A CZ  1 
ATOM   526 N  NH1 . ARG A 1 84  ? 8.166   5.009   0.017   1.00 36.39  ? 1165 ARG A NH1 1 
ATOM   527 N  NH2 . ARG A 1 84  ? 6.842   5.115   -1.838  1.00 32.49  ? 1165 ARG A NH2 1 
ATOM   528 N  N   . GLU A 1 85  ? 8.985   10.387  4.993   1.00 33.20  ? 1166 GLU A N   1 
ATOM   529 C  CA  . GLU A 1 85  ? 9.732   11.182  5.951   1.00 40.23  ? 1166 GLU A CA  1 
ATOM   530 C  C   . GLU A 1 85  ? 10.402  10.282  7.000   1.00 38.03  ? 1166 GLU A C   1 
ATOM   531 O  O   . GLU A 1 85  ? 11.573  10.473  7.317   1.00 39.63  ? 1166 GLU A O   1 
ATOM   532 C  CB  . GLU A 1 85  ? 8.781   12.201  6.587   1.00 46.97  ? 1166 GLU A CB  1 
ATOM   533 C  CG  . GLU A 1 85  ? 9.467   13.160  7.544   1.00 58.86  ? 1166 GLU A CG  1 
ATOM   534 C  CD  . GLU A 1 85  ? 9.100   14.612  7.296   1.00 72.63  ? 1166 GLU A CD  1 
ATOM   535 O  OE1 . GLU A 1 85  ? 9.536   15.162  6.261   1.00 78.50  ? 1166 GLU A OE1 1 
ATOM   536 O  OE2 . GLU A 1 85  ? 8.343   15.178  8.123   1.00 87.13  ? 1166 GLU A OE2 1 
ATOM   537 N  N   . TYR A 1 86  ? 9.658   9.320   7.567   1.00 34.23  ? 1167 TYR A N   1 
ATOM   538 C  CA  . TYR A 1 86  ? 10.208  8.451   8.597   1.00 33.01  ? 1167 TYR A CA  1 
ATOM   539 C  C   . TYR A 1 86  ? 11.350  7.618   8.025   1.00 31.64  ? 1167 TYR A C   1 
ATOM   540 O  O   . TYR A 1 86  ? 12.420  7.533   8.623   1.00 32.44  ? 1167 TYR A O   1 
ATOM   541 C  CB  . TYR A 1 86  ? 9.135   7.535   9.183   1.00 31.43  ? 1167 TYR A CB  1 
ATOM   542 C  CG  . TYR A 1 86  ? 9.675   6.513   10.153  1.00 31.84  ? 1167 TYR A CG  1 
ATOM   543 C  CD1 . TYR A 1 86  ? 10.052  6.868   11.439  1.00 33.67  ? 1167 TYR A CD1 1 
ATOM   544 C  CD2 . TYR A 1 86  ? 9.879   5.202   9.762   1.00 31.77  ? 1167 TYR A CD2 1 
ATOM   545 C  CE1 . TYR A 1 86  ? 10.570  5.936   12.324  1.00 34.40  ? 1167 TYR A CE1 1 
ATOM   546 C  CE2 . TYR A 1 86  ? 10.400  4.259   10.633  1.00 32.87  ? 1167 TYR A CE2 1 
ATOM   547 C  CZ  . TYR A 1 86  ? 10.744  4.628   11.917  1.00 33.87  ? 1167 TYR A CZ  1 
ATOM   548 O  OH  . TYR A 1 86  ? 11.239  3.694   12.774  1.00 34.23  ? 1167 TYR A OH  1 
ATOM   549 N  N   . GLU A 1 87  ? 11.117  6.997   6.865   1.00 28.36  ? 1168 GLU A N   1 
ATOM   550 C  CA  . GLU A 1 87  ? 12.086  6.064   6.298   1.00 33.35  ? 1168 GLU A CA  1 
ATOM   551 C  C   . GLU A 1 87  ? 13.354  6.812   5.874   1.00 39.64  ? 1168 GLU A C   1 
ATOM   552 O  O   . GLU A 1 87  ? 14.429  6.206   5.792   1.00 38.85  ? 1168 GLU A O   1 
ATOM   553 C  CB  . GLU A 1 87  ? 11.482  5.282   5.125   1.00 34.01  ? 1168 GLU A CB  1 
ATOM   554 C  CG  . GLU A 1 87  ? 10.463  4.216   5.533   1.00 34.64  ? 1168 GLU A CG  1 
ATOM   555 C  CD  . GLU A 1 87  ? 10.118  3.193   4.449   1.00 38.90  ? 1168 GLU A CD  1 
ATOM   556 O  OE1 . GLU A 1 87  ? 9.895   3.595   3.266   1.00 35.85  ? 1168 GLU A OE1 1 
ATOM   557 O  OE2 . GLU A 1 87  ? 10.064  1.984   4.781   1.00 38.78  ? 1168 GLU A OE2 1 
ATOM   558 N  N   . ALA A 1 88  ? 13.220  8.119   5.608   1.00 41.20  ? 1169 ALA A N   1 
ATOM   559 C  CA  . ALA A 1 88  ? 14.359  8.982   5.313   1.00 48.56  ? 1169 ALA A CA  1 
ATOM   560 C  C   . ALA A 1 88  ? 15.164  9.288   6.575   1.00 48.60  ? 1169 ALA A C   1 
ATOM   561 O  O   . ALA A 1 88  ? 16.391  9.316   6.529   1.00 61.91  ? 1169 ALA A O   1 
ATOM   562 C  CB  . ALA A 1 88  ? 13.887  10.268  4.677   1.00 49.40  ? 1169 ALA A CB  1 
ATOM   563 N  N   . SER A 1 89  ? 14.459  9.531   7.688   1.00 46.98  ? 1170 SER A N   1 
ATOM   564 C  CA  . SER A 1 89  ? 15.069  9.868   8.966   1.00 43.83  ? 1170 SER A CA  1 
ATOM   565 C  C   . SER A 1 89  ? 15.876  8.715   9.575   1.00 41.92  ? 1170 SER A C   1 
ATOM   566 O  O   . SER A 1 89  ? 16.395  8.882   10.683  1.00 46.23  ? 1170 SER A O   1 
ATOM   567 C  CB  . SER A 1 89  ? 14.010  10.325  9.944   1.00 44.43  ? 1170 SER A CB  1 
ATOM   568 O  OG  . SER A 1 89  ? 13.336  9.210   10.526  1.00 41.59  ? 1170 SER A OG  1 
ATOM   569 N  N   . LEU A 1 90  ? 15.962  7.549   8.907   1.00 36.20  ? 1171 LEU A N   1 
ATOM   570 C  CA  . LEU A 1 90  ? 16.600  6.389   9.519   1.00 34.55  ? 1171 LEU A CA  1 
ATOM   571 C  C   . LEU A 1 90  ? 18.113  6.481   9.338   1.00 37.61  ? 1171 LEU A C   1 
ATOM   572 O  O   . LEU A 1 90  ? 18.585  6.990   8.320   1.00 35.39  ? 1171 LEU A O   1 
ATOM   573 C  CB  . LEU A 1 90  ? 16.068  5.090   8.908   1.00 33.88  ? 1171 LEU A CB  1 
ATOM   574 C  CG  . LEU A 1 90  ? 14.581  4.803   9.119   1.00 33.84  ? 1171 LEU A CG  1 
ATOM   575 C  CD1 . LEU A 1 90  ? 14.222  3.460   8.518   1.00 37.71  ? 1171 LEU A CD1 1 
ATOM   576 C  CD2 . LEU A 1 90  ? 14.203  4.817   10.595  1.00 34.01  ? 1171 LEU A CD2 1 
ATOM   577 N  N   . PRO A 1 91  ? 18.916  5.974   10.310  1.00 35.90  ? 1172 PRO A N   1 
ATOM   578 C  CA  . PRO A 1 91  ? 20.374  6.003   10.197  1.00 35.40  ? 1172 PRO A CA  1 
ATOM   579 C  C   . PRO A 1 91  ? 20.813  5.347   8.891   1.00 40.28  ? 1172 PRO A C   1 
ATOM   580 O  O   . PRO A 1 91  ? 21.687  5.871   8.212   1.00 50.17  ? 1172 PRO A O   1 
ATOM   581 C  CB  . PRO A 1 91  ? 20.869  5.202   11.409  1.00 34.28  ? 1172 PRO A CB  1 
ATOM   582 C  CG  . PRO A 1 91  ? 19.731  5.284   12.399  1.00 34.52  ? 1172 PRO A CG  1 
ATOM   583 C  CD  . PRO A 1 91  ? 18.470  5.336   11.559  1.00 33.72  ? 1172 PRO A CD  1 
ATOM   584 N  N   . THR A 1 92  ? 20.207  4.198   8.567   1.00 43.16  ? 1173 THR A N   1 
ATOM   585 C  CA  . THR A 1 92  ? 20.339  3.580   7.256   1.00 44.14  ? 1173 THR A CA  1 
ATOM   586 C  C   . THR A 1 92  ? 19.013  3.758   6.510   1.00 44.63  ? 1173 THR A C   1 
ATOM   587 O  O   . THR A 1 92  ? 18.072  2.997   6.713   1.00 39.51  ? 1173 THR A O   1 
ATOM   588 C  CB  . THR A 1 92  ? 20.707  2.089   7.373   1.00 30.00  ? 1173 THR A CB  1 
ATOM   589 O  OG1 . THR A 1 92  ? 21.965  1.957   8.043   1.00 30.00  ? 1173 THR A OG1 1 
ATOM   590 C  CG2 . THR A 1 92  ? 20.978  1.497   5.998   1.00 30.00  ? 1173 THR A CG2 1 
ATOM   591 N  N   . PRO A 1 93  ? 18.872  4.806   5.671   1.00 47.46  ? 1174 PRO A N   1 
ATOM   592 C  CA  . PRO A 1 93  ? 17.578  5.123   5.074   1.00 47.95  ? 1174 PRO A CA  1 
ATOM   593 C  C   . PRO A 1 93  ? 17.088  3.978   4.196   1.00 42.35  ? 1174 PRO A C   1 
ATOM   594 O  O   . PRO A 1 93  ? 17.869  3.176   3.686   1.00 38.94  ? 1174 PRO A O   1 
ATOM   595 C  CB  . PRO A 1 93  ? 17.774  6.441   4.311   1.00 52.50  ? 1174 PRO A CB  1 
ATOM   596 C  CG  . PRO A 1 93  ? 19.282  6.653   4.246   1.00 54.40  ? 1174 PRO A CG  1 
ATOM   597 C  CD  . PRO A 1 93  ? 19.915  5.772   5.304   1.00 52.11  ? 1174 PRO A CD  1 
ATOM   598 N  N   . GLN A 1 94  ? 15.765  3.863   4.136   1.00 36.66  ? 1175 GLN A N   1 
ATOM   599 C  CA  . GLN A 1 94  ? 15.112  2.836   3.358   1.00 35.63  ? 1175 GLN A CA  1 
ATOM   600 C  C   . GLN A 1 94  ? 13.984  3.525   2.599   1.00 28.99  ? 1175 GLN A C   1 
ATOM   601 O  O   . GLN A 1 94  ? 13.645  4.679   2.864   1.00 25.29  ? 1175 GLN A O   1 
ATOM   602 C  CB  . GLN A 1 94  ? 14.658  1.681   4.265   1.00 39.81  ? 1175 GLN A CB  1 
ATOM   603 C  CG  . GLN A 1 94  ? 13.601  2.066   5.298   1.00 45.29  ? 1175 GLN A CG  1 
ATOM   604 C  CD  . GLN A 1 94  ? 13.157  0.929   6.201   1.00 51.35  ? 1175 GLN A CD  1 
ATOM   605 O  OE1 . GLN A 1 94  ? 13.965  0.145   6.705   1.00 52.45  ? 1175 GLN A OE1 1 
ATOM   606 N  NE2 . GLN A 1 94  ? 11.856  0.843   6.444   1.00 47.38  ? 1175 GLN A NE2 1 
ATOM   607 N  N   . ARG A 1 95  ? 13.444  2.805   1.629   1.00 25.29  ? 1176 ARG A N   1 
ATOM   608 C  CA  . ARG A 1 95  ? 12.289  3.278   0.902   1.00 26.46  ? 1176 ARG A CA  1 
ATOM   609 C  C   . ARG A 1 95  ? 11.451  2.072   0.525   1.00 26.88  ? 1176 ARG A C   1 
ATOM   610 O  O   . ARG A 1 95  ? 11.841  1.284   -0.324  1.00 31.94  ? 1176 ARG A O   1 
ATOM   611 C  CB  . ARG A 1 95  ? 12.695  4.026   -0.367  1.00 25.73  ? 1176 ARG A CB  1 
ATOM   612 C  CG  . ARG A 1 95  ? 11.522  4.639   -1.115  1.00 26.55  ? 1176 ARG A CG  1 
ATOM   613 C  CD  . ARG A 1 95  ? 11.972  5.295   -2.389  1.00 28.74  ? 1176 ARG A CD  1 
ATOM   614 N  NE  . ARG A 1 95  ? 10.896  6.056   -3.028  1.00 29.97  ? 1176 ARG A NE  1 
ATOM   615 C  CZ  . ARG A 1 95  ? 9.856   5.514   -3.649  1.00 29.19  ? 1176 ARG A CZ  1 
ATOM   616 N  NH1 . ARG A 1 95  ? 9.822   4.208   -3.828  1.00 29.80  ? 1176 ARG A NH1 1 
ATOM   617 N  NH2 . ARG A 1 95  ? 8.890   6.278   -4.137  1.00 30.14  ? 1176 ARG A NH2 1 
ATOM   618 N  N   . THR A 1 96  ? 10.296  1.938   1.158   1.00 26.22  ? 1177 THR A N   1 
ATOM   619 C  CA  . THR A 1 96  ? 9.405   0.850   0.820   1.00 24.80  ? 1177 THR A CA  1 
ATOM   620 C  C   . THR A 1 96  ? 8.478   1.316   -0.293  1.00 23.68  ? 1177 THR A C   1 
ATOM   621 O  O   . THR A 1 96  ? 7.875   2.377   -0.193  1.00 25.75  ? 1177 THR A O   1 
ATOM   622 C  CB  . THR A 1 96  ? 8.571   0.409   2.024   1.00 24.97  ? 1177 THR A CB  1 
ATOM   623 O  OG1 . THR A 1 96  ? 9.473   0.068   3.078   1.00 25.01  ? 1177 THR A OG1 1 
ATOM   624 C  CG2 . THR A 1 96  ? 7.701   -0.787  1.703   1.00 24.78  ? 1177 THR A CG2 1 
ATOM   625 N  N   . PRO A 1 97  ? 8.318   0.556   -1.385  1.00 24.12  ? 1178 PRO A N   1 
ATOM   626 C  CA  . PRO A 1 97  ? 7.365   0.955   -2.414  1.00 24.21  ? 1178 PRO A CA  1 
ATOM   627 C  C   . PRO A 1 97  ? 5.921   0.935   -1.923  1.00 23.36  ? 1178 PRO A C   1 
ATOM   628 O  O   . PRO A 1 97  ? 5.542   0.063   -1.159  1.00 22.27  ? 1178 PRO A O   1 
ATOM   629 C  CB  . PRO A 1 97  ? 7.559   -0.058  -3.546  1.00 27.54  ? 1178 PRO A CB  1 
ATOM   630 C  CG  . PRO A 1 97  ? 8.363   -1.190  -2.950  1.00 28.99  ? 1178 PRO A CG  1 
ATOM   631 C  CD  . PRO A 1 97  ? 9.043   -0.678  -1.699  1.00 26.23  ? 1178 PRO A CD  1 
ATOM   632 N  N   . ILE A 1 98  ? 5.135   1.904   -2.407  1.00 23.12  ? 1179 ILE A N   1 
ATOM   633 C  CA  . ILE A 1 98  ? 3.738   2.063   -2.039  1.00 21.30  ? 1179 ILE A CA  1 
ATOM   634 C  C   . ILE A 1 98  ? 2.884   2.037   -3.303  1.00 22.77  ? 1179 ILE A C   1 
ATOM   635 O  O   . ILE A 1 98  ? 3.136   2.795   -4.240  1.00 23.04  ? 1179 ILE A O   1 
ATOM   636 C  CB  . ILE A 1 98  ? 3.526   3.368   -1.256  1.00 23.91  ? 1179 ILE A CB  1 
ATOM   637 C  CG1 . ILE A 1 98  ? 4.320   3.328   0.056   1.00 24.63  ? 1179 ILE A CG1 1 
ATOM   638 C  CG2 . ILE A 1 98  ? 2.034   3.632   -1.019  1.00 26.07  ? 1179 ILE A CG2 1 
ATOM   639 C  CD1 . ILE A 1 98  ? 4.318   4.619   0.837   1.00 25.39  ? 1179 ILE A CD1 1 
ATOM   640 N  N   . ILE A 1 99  ? 1.877   1.166   -3.296  1.00 22.88  ? 1180 ILE A N   1 
ATOM   641 C  CA  . ILE A 1 99  ? 0.911   1.087   -4.372  1.00 23.34  ? 1180 ILE A CA  1 
ATOM   642 C  C   . ILE A 1 99  ? -0.388  1.711   -3.882  1.00 24.47  ? 1180 ILE A C   1 
ATOM   643 O  O   . ILE A 1 99  ? -0.963  1.255   -2.896  1.00 22.93  ? 1180 ILE A O   1 
ATOM   644 C  CB  . ILE A 1 99  ? 0.717   -0.368  -4.826  1.00 24.38  ? 1180 ILE A CB  1 
ATOM   645 C  CG1 . ILE A 1 99  ? 2.051   -1.016  -5.208  1.00 25.77  ? 1180 ILE A CG1 1 
ATOM   646 C  CG2 . ILE A 1 99  ? -0.321  -0.424  -5.956  1.00 24.98  ? 1180 ILE A CG2 1 
ATOM   647 C  CD1 . ILE A 1 99  ? 1.986   -2.505  -5.470  1.00 29.00  ? 1180 ILE A CD1 1 
ATOM   648 N  N   . ALA A 1 100 ? -0.876  2.719   -4.614  1.00 23.46  ? 1181 ALA A N   1 
ATOM   649 C  CA  . ALA A 1 100 ? -2.150  3.337   -4.275  1.00 26.30  ? 1181 ALA A CA  1 
ATOM   650 C  C   . ALA A 1 100 ? -3.303  2.464   -4.772  1.00 27.25  ? 1181 ALA A C   1 
ATOM   651 O  O   . ALA A 1 100 ? -3.245  1.940   -5.884  1.00 29.66  ? 1181 ALA A O   1 
ATOM   652 C  CB  . ALA A 1 100 ? -2.218  4.724   -4.859  1.00 26.39  ? 1181 ALA A CB  1 
ATOM   653 N  N   . LEU A 1 101 ? -4.348  2.329   -3.946  1.00 26.94  ? 1182 LEU A N   1 
ATOM   654 C  CA  . LEU A 1 101 ? -5.562  1.616   -4.323  1.00 29.38  ? 1182 LEU A CA  1 
ATOM   655 C  C   . LEU A 1 101 ? -6.688  2.635   -4.404  1.00 30.33  ? 1182 LEU A C   1 
ATOM   656 O  O   . LEU A 1 101 ? -6.922  3.364   -3.445  1.00 29.05  ? 1182 LEU A O   1 
ATOM   657 C  CB  . LEU A 1 101 ? -5.926  0.568   -3.270  1.00 31.03  ? 1182 LEU A CB  1 
ATOM   658 C  CG  . LEU A 1 101 ? -4.811  -0.343  -2.774  1.00 32.55  ? 1182 LEU A CG  1 
ATOM   659 C  CD1 . LEU A 1 101 ? -5.355  -1.269  -1.694  1.00 33.92  ? 1182 LEU A CD1 1 
ATOM   660 C  CD2 . LEU A 1 101 ? -4.203  -1.131  -3.924  1.00 32.32  ? 1182 LEU A CD2 1 
ATOM   661 N  N   . THR A 1 102 ? -7.347  2.715   -5.534  1.00 33.08  ? 1183 THR A N   1 
ATOM   662 C  CA  . THR A 1 102 ? -8.416  3.677   -5.714  1.00 41.97  ? 1183 THR A CA  1 
ATOM   663 C  C   . THR A 1 102 ? -9.653  3.133   -6.419  1.00 45.11  ? 1183 THR A C   1 
ATOM   664 O  O   . THR A 1 102 ? -9.538  2.379   -7.360  1.00 45.34  ? 1183 THR A O   1 
ATOM   665 C  CB  . THR A 1 102 ? -7.920  4.870   -6.544  1.00 45.73  ? 1183 THR A CB  1 
ATOM   666 O  OG1 . THR A 1 102 ? -9.023  5.713   -6.883  1.00 53.71  ? 1183 THR A OG1 1 
ATOM   667 C  CG2 . THR A 1 102 ? -7.240  4.384   -7.803  1.00 46.47  ? 1183 THR A CG2 1 
ATOM   668 N  N   . ALA A 1 103 ? -10.828 3.500   -5.952  1.00 51.85  ? 1184 ALA A N   1 
ATOM   669 C  CA  . ALA A 1 103 ? -12.036 3.111   -6.660  1.00 58.13  ? 1184 ALA A CA  1 
ATOM   670 C  C   . ALA A 1 103 ? -12.055 3.906   -7.932  1.00 67.91  ? 1184 ALA A C   1 
ATOM   671 O  O   . ALA A 1 103 ? -12.192 3.348   -9.014  1.00 76.35  ? 1184 ALA A O   1 
ATOM   672 C  CB  . ALA A 1 103 ? -13.225 3.423   -5.833  1.00 30.00  ? 1184 ALA A CB  1 
ATOM   673 N  N   . HIS A 1 104 ? -11.901 5.213   -7.824  1.00 76.73  ? 1185 HIS A N   1 
ATOM   674 C  CA  . HIS A 1 104 ? -11.851 6.096   -9.004  1.00 87.56  ? 1185 HIS A CA  1 
ATOM   675 C  C   . HIS A 1 104 ? -10.568 5.950   -9.837  1.00 97.42  ? 1185 HIS A C   1 
ATOM   676 O  O   . HIS A 1 104 ? -9.529  5.624   -9.298  1.00 110.39 ? 1185 HIS A O   1 
ATOM   677 C  CB  . HIS A 1 104 ? -12.051 7.534   -8.570  1.00 30.00  ? 1185 HIS A CB  1 
ATOM   678 N  N   . ALA A 1 105 ? -10.629 6.158   -11.140 1.00 101.30 ? 1186 ALA A N   1 
ATOM   679 C  CA  . ALA A 1 105 ? -9.447  5.946   -11.993 1.00 101.65 ? 1186 ALA A CA  1 
ATOM   680 C  C   . ALA A 1 105 ? -9.400  6.690   -13.333 1.00 102.70 ? 1186 ALA A C   1 
ATOM   681 O  O   . ALA A 1 105 ? -10.402 7.278   -13.722 1.00 96.10  ? 1186 ALA A O   1 
ATOM   682 C  CB  . ALA A 1 105 ? -9.252  4.453   -12.241 1.00 30.00  ? 1186 ALA A CB  1 
ATOM   683 N  N   . MET A 1 106 ? -8.236  6.733   -13.987 1.00 106.66 ? 1187 MET A N   1 
ATOM   684 C  CA  . MET A 1 106 ? -8.109  7.261   -15.382 1.00 105.70 ? 1187 MET A CA  1 
ATOM   685 C  C   . MET A 1 106 ? -7.974  8.749   -15.776 1.00 105.47 ? 1187 MET A C   1 
ATOM   686 O  O   . MET A 1 106 ? -8.005  9.048   -16.965 1.00 111.63 ? 1187 MET A O   1 
ATOM   687 C  CB  . MET A 1 106 ? -9.218  6.620   -16.254 1.00 30.00  ? 1187 MET A CB  1 
ATOM   688 N  N   . MET A 1 107 ? -7.789  9.666   -14.853 1.00 99.52  ? 1188 MET A N   1 
ATOM   689 C  CA  . MET A 1 107 ? -7.595  11.051  -15.293 1.00 96.54  ? 1188 MET A CA  1 
ATOM   690 C  C   . MET A 1 107 ? -6.394  11.660  -14.641 1.00 96.03  ? 1188 MET A C   1 
ATOM   691 O  O   . MET A 1 107 ? -6.520  12.526  -13.779 1.00 94.12  ? 1188 MET A O   1 
ATOM   692 C  CB  . MET A 1 107 ? -8.829  11.887  -14.993 1.00 30.00  ? 1188 MET A CB  1 
ATOM   693 N  N   . GLY A 1 108 ? -5.207  11.195  -15.029 1.00 90.89  ? 1189 GLY A N   1 
ATOM   694 C  CA  . GLY A 1 108 ? -3.986  11.670  -14.396 1.00 85.16  ? 1189 GLY A CA  1 
ATOM   695 C  C   . GLY A 1 108 ? -3.854  11.253  -12.948 1.00 80.70  ? 1189 GLY A C   1 
ATOM   696 O  O   . GLY A 1 108 ? -3.118  11.869  -12.184 1.00 77.68  ? 1189 GLY A O   1 
ATOM   697 N  N   . ASP A 1 109 ? -4.578  10.224  -12.559 1.00 74.02  ? 1190 ASP A N   1 
ATOM   698 C  CA  . ASP A 1 109 ? -4.467  9.734   -11.206 1.00 70.39  ? 1190 ASP A CA  1 
ATOM   699 C  C   . ASP A 1 109 ? -3.072  9.213   -10.907 1.00 64.02  ? 1190 ASP A C   1 
ATOM   700 O  O   . ASP A 1 109 ? -2.542  9.447   -9.836  1.00 61.81  ? 1190 ASP A O   1 
ATOM   701 C  CB  . ASP A 1 109 ? -5.482  8.636   -10.976 1.00 30.00  ? 1190 ASP A CB  1 
ATOM   702 C  CG  . ASP A 1 109 ? -6.853  9.180   -10.628 1.00 30.00  ? 1190 ASP A CG  1 
ATOM   703 O  OD1 . ASP A 1 109 ? -6.990  10.415  -10.526 1.00 30.00  ? 1190 ASP A OD1 1 
ATOM   704 O  OD2 . ASP A 1 109 ? -7.792  8.375   -10.454 1.00 30.00  ? 1190 ASP A OD2 1 
ATOM   705 N  N   . ARG A 1 110 ? -2.479  8.507   -11.852 1.00 56.39  ? 1191 ARG A N   1 
ATOM   706 C  CA  . ARG A 1 110 ? -1.190  7.930   -11.589 1.00 54.72  ? 1191 ARG A CA  1 
ATOM   707 C  C   . ARG A 1 110 ? -0.136  8.999   -11.330 1.00 54.17  ? 1191 ARG A C   1 
ATOM   708 O  O   . ARG A 1 110 ? 0.636   8.884   -10.398 1.00 55.54  ? 1191 ARG A O   1 
ATOM   709 C  CB  . ARG A 1 110 ? -0.768  7.050   -12.752 1.00 30.00  ? 1191 ARG A CB  1 
ATOM   710 C  CG  . ARG A 1 110 ? 0.606   6.436   -12.586 1.00 30.00  ? 1191 ARG A CG  1 
ATOM   711 C  CD  . ARG A 1 110 ? 0.779   5.187   -13.431 1.00 30.00  ? 1191 ARG A CD  1 
ATOM   712 N  NE  . ARG A 1 110 ? 1.887   4.369   -12.953 1.00 30.00  ? 1191 ARG A NE  1 
ATOM   713 C  CZ  . ARG A 1 110 ? 3.168   4.661   -13.141 1.00 30.00  ? 1191 ARG A CZ  1 
ATOM   714 N  NH1 . ARG A 1 110 ? 3.514   5.751   -13.810 1.00 30.00  ? 1191 ARG A NH1 1 
ATOM   715 N  NH2 . ARG A 1 110 ? 4.105   3.858   -12.664 1.00 30.00  ? 1191 ARG A NH2 1 
ATOM   716 N  N   . GLU A 1 111 ? -0.144  10.061  -12.113 1.00 53.06  ? 1192 GLU A N   1 
ATOM   717 C  CA  . GLU A 1 111 ? 0.813   11.132  -11.909 1.00 56.82  ? 1192 GLU A CA  1 
ATOM   718 C  C   . GLU A 1 111 ? 0.609   11.790  -10.565 1.00 52.13  ? 1192 GLU A C   1 
ATOM   719 O  O   . GLU A 1 111 ? 1.565   12.140  -9.902  1.00 51.13  ? 1192 GLU A O   1 
ATOM   720 C  CB  . GLU A 1 111 ? 0.730   12.154  -13.018 1.00 30.00  ? 1192 GLU A CB  1 
ATOM   721 N  N   . LYS A 1 112 ? -0.639  11.981  -10.185 1.00 47.74  ? 1193 LYS A N   1 
ATOM   722 C  CA  . LYS A 1 112 ? -0.944  12.579  -8.914  1.00 49.42  ? 1193 LYS A CA  1 
ATOM   723 C  C   . LYS A 1 112 ? -0.420  11.687  -7.818  1.00 47.11  ? 1193 LYS A C   1 
ATOM   724 O  O   . LYS A 1 112 ? 0.191   12.149  -6.867  1.00 44.15  ? 1193 LYS A O   1 
ATOM   725 C  CB  . LYS A 1 112 ? -2.436  12.741  -8.780  1.00 50.01  ? 1193 LYS A CB  1 
ATOM   726 N  N   . CYS A 1 113 ? -0.662  10.400  -7.958  1.00 43.97  ? 1194 CYS A N   1 
ATOM   727 C  CA  . CYS A 1 113 ? -0.157  9.435   -6.990  1.00 41.92  ? 1194 CYS A CA  1 
ATOM   728 C  C   . CYS A 1 113 ? 1.369   9.502   -6.908  1.00 40.60  ? 1194 CYS A C   1 
ATOM   729 O  O   . CYS A 1 113 ? 1.930   9.515   -5.807  1.00 35.47  ? 1194 CYS A O   1 
ATOM   730 C  CB  . CYS A 1 113 ? -0.648  8.028   -7.324  1.00 42.70  ? 1194 CYS A CB  1 
ATOM   731 S  SG  . CYS A 1 113 ? -2.414  7.797   -6.977  1.00 48.16  ? 1194 CYS A SG  1 
ATOM   732 N  N   . LEU A 1 114 ? 2.033   9.591   -8.068  1.00 37.58  ? 1195 LEU A N   1 
ATOM   733 C  CA  . LEU A 1 114 ? 3.488   9.638   -8.123  1.00 39.31  ? 1195 LEU A CA  1 
ATOM   734 C  C   . LEU A 1 114 ? 4.007   10.957  -7.557  1.00 39.18  ? 1195 LEU A C   1 
ATOM   735 O  O   . LEU A 1 114 ? 5.029   10.965  -6.883  1.00 37.18  ? 1195 LEU A O   1 
ATOM   736 C  CB  . LEU A 1 114 ? 3.966   9.412   -9.563  1.00 43.24  ? 1195 LEU A CB  1 
ATOM   737 C  CG  . LEU A 1 114 ? 4.346   7.966   -9.892  1.00 44.10  ? 1195 LEU A CG  1 
ATOM   738 C  CD1 . LEU A 1 114 ? 3.153   7.029   -9.762  1.00 46.10  ? 1195 LEU A CD1 1 
ATOM   739 C  CD2 . LEU A 1 114 ? 4.941   7.874   -11.287 1.00 48.23  ? 1195 LEU A CD2 1 
ATOM   740 N  N   . GLU A 1 115 ? 3.279   12.055  -7.779  1.00 39.93  ? 1196 GLU A N   1 
ATOM   741 C  CA  . GLU A 1 115 ? 3.618   13.320  -7.141  1.00 45.13  ? 1196 GLU A CA  1 
ATOM   742 C  C   . GLU A 1 115 ? 3.483   13.195  -5.623  1.00 42.55  ? 1196 GLU A C   1 
ATOM   743 O  O   . GLU A 1 115 ? 4.259   13.801  -4.895  1.00 43.40  ? 1196 GLU A O   1 
ATOM   744 C  CB  . GLU A 1 115 ? 2.754   14.438  -7.682  1.00 45.79  ? 1196 GLU A CB  1 
ATOM   745 N  N   . ALA A 1 116 ? 2.515   12.386  -5.163  1.00 42.19  ? 1197 ALA A N   1 
ATOM   746 C  CA  . ALA A 1 116 ? 2.278   12.158  -3.744  1.00 40.98  ? 1197 ALA A CA  1 
ATOM   747 C  C   . ALA A 1 116 ? 3.258   11.131  -3.178  1.00 37.06  ? 1197 ALA A C   1 
ATOM   748 O  O   . ALA A 1 116 ? 3.082   10.701  -2.044  1.00 34.29  ? 1197 ALA A O   1 
ATOM   749 C  CB  . ALA A 1 116 ? 0.848   11.709  -3.529  1.00 44.58  ? 1197 ALA A CB  1 
ATOM   750 N  N   . GLN A 1 117 ? 4.266   10.751  -3.981  1.00 32.63  ? 1198 GLN A N   1 
ATOM   751 C  CA  . GLN A 1 117 ? 5.387   9.920   -3.568  1.00 34.21  ? 1198 GLN A CA  1 
ATOM   752 C  C   . GLN A 1 117 ? 5.010   8.434   -3.560  1.00 31.93  ? 1198 GLN A C   1 
ATOM   753 O  O   . GLN A 1 117 ? 5.722   7.613   -2.970  1.00 27.98  ? 1198 GLN A O   1 
ATOM   754 C  CB  . GLN A 1 117 ? 5.925   10.374  -2.209  1.00 37.26  ? 1198 GLN A CB  1 
ATOM   755 C  CG  . GLN A 1 117 ? 6.348   11.841  -2.184  1.00 40.81  ? 1198 GLN A CG  1 
ATOM   756 C  CD  . GLN A 1 117 ? 6.947   12.236  -0.856  1.00 44.59  ? 1198 GLN A CD  1 
ATOM   757 O  OE1 . GLN A 1 117 ? 6.339   12.957  -0.066  1.00 51.86  ? 1198 GLN A OE1 1 
ATOM   758 N  NE2 . GLN A 1 117 ? 8.148   11.759  -0.596  1.00 47.99  ? 1198 GLN A NE2 1 
ATOM   759 N  N   . MET A 1 118 ? 3.911   8.081   -4.240  1.00 31.07  ? 1199 MET A N   1 
ATOM   760 C  CA  . MET A 1 118 ? 3.562   6.683   -4.450  1.00 32.52  ? 1199 MET A CA  1 
ATOM   761 C  C   . MET A 1 118 ? 4.220   6.147   -5.729  1.00 32.90  ? 1199 MET A C   1 
ATOM   762 O  O   . MET A 1 118 ? 4.691   6.917   -6.557  1.00 39.39  ? 1199 MET A O   1 
ATOM   763 C  CB  . MET A 1 118 ? 2.041   6.553   -4.515  1.00 35.23  ? 1199 MET A CB  1 
ATOM   764 C  CG  . MET A 1 118 ? 1.433   6.416   -3.142  1.00 38.95  ? 1199 MET A CG  1 
ATOM   765 S  SD  . MET A 1 118 ? -0.190  7.176   -2.969  1.00 42.77  ? 1199 MET A SD  1 
ATOM   766 C  CE  . MET A 1 118 ? -0.858  6.160   -1.655  1.00 48.78  ? 1199 MET A CE  1 
ATOM   767 N  N   . ASP A 1 119 ? 4.290   4.818   -5.868  1.00 28.11  ? 1200 ASP A N   1 
ATOM   768 C  CA  . ASP A 1 119 ? 5.056   4.174   -6.923  1.00 28.32  ? 1200 ASP A CA  1 
ATOM   769 C  C   . ASP A 1 119 ? 4.175   3.671   -8.068  1.00 30.41  ? 1200 ASP A C   1 
ATOM   770 O  O   . ASP A 1 119 ? 4.597   3.681   -9.222  1.00 28.18  ? 1200 ASP A O   1 
ATOM   771 C  CB  . ASP A 1 119 ? 5.901   3.033   -6.360  1.00 29.06  ? 1200 ASP A CB  1 
ATOM   772 C  CG  . ASP A 1 119 ? 6.943   3.536   -5.374  1.00 34.60  ? 1200 ASP A CG  1 
ATOM   773 O  OD1 . ASP A 1 119 ? 7.952   4.098   -5.828  1.00 40.62  ? 1200 ASP A OD1 1 
ATOM   774 O  OD2 . ASP A 1 119 ? 6.686   3.474   -4.169  1.00 32.28  ? 1200 ASP A OD2 1 
ATOM   775 N  N   . GLU A 1 120 ? 2.967   3.195   -7.753  1.00 28.32  ? 1201 GLU A N   1 
ATOM   776 C  CA  . GLU A 1 120 ? 2.084   2.589   -8.735  1.00 30.39  ? 1201 GLU A CA  1 
ATOM   777 C  C   . GLU A 1 120 ? 0.669   2.801   -8.220  1.00 30.42  ? 1201 GLU A C   1 
ATOM   778 O  O   . GLU A 1 120 ? 0.507   3.143   -7.052  1.00 25.96  ? 1201 GLU A O   1 
ATOM   779 C  CB  . GLU A 1 120 ? 2.342   1.083   -8.886  1.00 32.21  ? 1201 GLU A CB  1 
ATOM   780 C  CG  . GLU A 1 120 ? 3.782   0.683   -9.186  1.00 33.81  ? 1201 GLU A CG  1 
ATOM   781 C  CD  . GLU A 1 120 ? 4.290   0.951   -10.597 1.00 40.71  ? 1201 GLU A CD  1 
ATOM   782 O  OE1 . GLU A 1 120 ? 3.467   1.313   -11.460 1.00 39.48  ? 1201 GLU A OE1 1 
ATOM   783 O  OE2 . GLU A 1 120 ? 5.523   0.801   -10.824 1.00 39.44  ? 1201 GLU A OE2 1 
ATOM   784 N  N   . TYR A 1 121 ? -0.334  2.576   -9.067  1.00 30.36  ? 1202 TYR A N   1 
ATOM   785 C  CA  . TYR A 1 121 ? -1.717  2.633   -8.624  1.00 34.05  ? 1202 TYR A CA  1 
ATOM   786 C  C   . TYR A 1 121 ? -2.460  1.410   -9.155  1.00 32.63  ? 1202 TYR A C   1 
ATOM   787 O  O   . TYR A 1 121 ? -2.089  0.833   -10.178 1.00 32.18  ? 1202 TYR A O   1 
ATOM   788 C  CB  . TYR A 1 121 ? -2.377  3.961   -9.020  1.00 43.28  ? 1202 TYR A CB  1 
ATOM   789 C  CG  . TYR A 1 121 ? -3.202  3.927   -10.283 1.00 52.57  ? 1202 TYR A CG  1 
ATOM   790 C  CD1 . TYR A 1 121 ? -2.609  4.035   -11.531 1.00 63.29  ? 1202 TYR A CD1 1 
ATOM   791 C  CD2 . TYR A 1 121 ? -4.580  3.781   -10.236 1.00 60.16  ? 1202 TYR A CD2 1 
ATOM   792 C  CE1 . TYR A 1 121 ? -3.358  4.003   -12.699 1.00 63.82  ? 1202 TYR A CE1 1 
ATOM   793 C  CE2 . TYR A 1 121 ? -5.345  3.744   -11.392 1.00 64.44  ? 1202 TYR A CE2 1 
ATOM   794 C  CZ  . TYR A 1 121 ? -4.732  3.858   -12.630 1.00 66.85  ? 1202 TYR A CZ  1 
ATOM   795 N  N   . LEU A 1 122 ? -3.490  1.003   -8.412  1.00 30.01  ? 1203 LEU A N   1 
ATOM   796 C  CA  . LEU A 1 122 ? -4.406  -0.041  -8.828  1.00 33.01  ? 1203 LEU A CA  1 
ATOM   797 C  C   . LEU A 1 122 ? -5.818  0.458   -8.547  1.00 31.99  ? 1203 LEU A C   1 
ATOM   798 O  O   . LEU A 1 122 ? -6.078  1.006   -7.482  1.00 30.51  ? 1203 LEU A O   1 
ATOM   799 C  CB  . LEU A 1 122 ? -4.137  -1.331  -8.042  1.00 32.53  ? 1203 LEU A CB  1 
ATOM   800 C  CG  . LEU A 1 122 ? -2.857  -2.101  -8.365  1.00 34.35  ? 1203 LEU A CG  1 
ATOM   801 C  CD1 . LEU A 1 122 ? -2.620  -3.173  -7.309  1.00 34.84  ? 1203 LEU A CD1 1 
ATOM   802 C  CD2 . LEU A 1 122 ? -2.923  -2.724  -9.753  1.00 35.14  ? 1203 LEU A CD2 1 
ATOM   803 N  N   . SER A 1 123 ? -6.722  0.252   -9.507  1.00 33.71  ? 1204 SER A N   1 
ATOM   804 C  CA  . SER A 1 123 ? -8.133  0.535   -9.308  1.00 36.91  ? 1204 SER A CA  1 
ATOM   805 C  C   . SER A 1 123 ? -8.813  -0.640  -8.603  1.00 36.23  ? 1204 SER A C   1 
ATOM   806 O  O   . SER A 1 123 ? -8.482  -1.802  -8.827  1.00 37.18  ? 1204 SER A O   1 
ATOM   807 C  CB  . SER A 1 123 ? -8.811  0.847   -10.620 1.00 38.31  ? 1204 SER A CB  1 
ATOM   808 O  OG  . SER A 1 123 ? -8.529  -0.176  -11.568 1.00 41.46  ? 1204 SER A OG  1 
ATOM   809 N  N   . LYS A 1 124 ? -9.787  -0.309  -7.761  1.00 38.42  ? 1205 LYS A N   1 
ATOM   810 C  CA  . LYS A 1 124 ? -10.661 -1.297  -7.155  1.00 40.27  ? 1205 LYS A CA  1 
ATOM   811 C  C   . LYS A 1 124 ? -11.922 -1.434  -8.001  1.00 40.02  ? 1205 LYS A C   1 
ATOM   812 O  O   . LYS A 1 124 ? -12.385 -0.455  -8.580  1.00 37.08  ? 1205 LYS A O   1 
ATOM   813 C  CB  . LYS A 1 124 ? -10.988 -0.881  -5.723  1.00 40.05  ? 1205 LYS A CB  1 
ATOM   814 C  CG  . LYS A 1 124 ? -9.816  -1.020  -4.765  1.00 42.71  ? 1205 LYS A CG  1 
ATOM   815 C  CD  . LYS A 1 124 ? -9.736  0.098   -3.753  1.00 47.17  ? 1205 LYS A CD  1 
ATOM   816 C  CE  . LYS A 1 124 ? -10.731 -0.058  -2.630  1.00 47.89  ? 1205 LYS A CE  1 
ATOM   817 N  NZ  . LYS A 1 124 ? -10.592 1.026   -1.633  1.00 46.86  ? 1205 LYS A NZ  1 
ATOM   818 N  N   . PRO A 1 125 ? -12.534 -2.639  -8.078  1.00 44.18  ? 1206 PRO A N   1 
ATOM   819 C  CA  . PRO A 1 125 ? -12.121 -3.786  -7.266  1.00 42.34  ? 1206 PRO A CA  1 
ATOM   820 C  C   . PRO A 1 125 ? -10.861 -4.461  -7.802  1.00 36.21  ? 1206 PRO A C   1 
ATOM   821 O  O   . PRO A 1 125 ? -10.642 -4.515  -9.007  1.00 35.39  ? 1206 PRO A O   1 
ATOM   822 C  CB  . PRO A 1 125 ? -13.345 -4.712  -7.308  1.00 44.10  ? 1206 PRO A CB  1 
ATOM   823 C  CG  . PRO A 1 125 ? -14.061 -4.367  -8.600  1.00 46.36  ? 1206 PRO A CG  1 
ATOM   824 C  CD  . PRO A 1 125 ? -13.670 -2.948  -8.958  1.00 45.97  ? 1206 PRO A CD  1 
ATOM   825 N  N   . LEU A 1 126 ? -10.022 -4.972  -6.895  1.00 36.87  ? 1207 LEU A N   1 
ATOM   826 C  CA  . LEU A 1 126 ? -8.682  -5.381  -7.282  1.00 33.04  ? 1207 LEU A CA  1 
ATOM   827 C  C   . LEU A 1 126 ? -8.747  -6.570  -8.228  1.00 34.34  ? 1207 LEU A C   1 
ATOM   828 O  O   . LEU A 1 126 ? -9.430  -7.559  -7.965  1.00 33.55  ? 1207 LEU A O   1 
ATOM   829 C  CB  . LEU A 1 126 ? -7.846  -5.729  -6.044  1.00 34.42  ? 1207 LEU A CB  1 
ATOM   830 C  CG  . LEU A 1 126 ? -7.610  -4.570  -5.086  1.00 35.70  ? 1207 LEU A CG  1 
ATOM   831 C  CD1 . LEU A 1 126 ? -6.772  -5.024  -3.896  1.00 35.92  ? 1207 LEU A CD1 1 
ATOM   832 C  CD2 . LEU A 1 126 ? -6.957  -3.390  -5.796  1.00 37.46  ? 1207 LEU A CD2 1 
ATOM   833 N  N   . GLN A 1 127 ? -7.983  -6.443  -9.315  1.00 31.49  ? 1208 GLN A N   1 
ATOM   834 C  CA  . GLN A 1 127 ? -7.772  -7.498  -10.281 1.00 33.11  ? 1208 GLN A CA  1 
ATOM   835 C  C   . GLN A 1 127 ? -6.508  -8.264  -9.903  1.00 33.46  ? 1208 GLN A C   1 
ATOM   836 O  O   . GLN A 1 127 ? -5.435  -7.682  -9.773  1.00 35.88  ? 1208 GLN A O   1 
ATOM   837 C  CB  . GLN A 1 127 ? -7.660  -6.869  -11.671 1.00 32.87  ? 1208 GLN A CB  1 
ATOM   838 C  CG  . GLN A 1 127 ? -8.821  -5.949  -12.028 1.00 32.85  ? 1208 GLN A CG  1 
ATOM   839 C  CD  . GLN A 1 127 ? -10.093 -6.753  -12.117 1.00 35.84  ? 1208 GLN A CD  1 
ATOM   840 O  OE1 . GLN A 1 127 ? -10.231 -7.606  -12.986 1.00 37.50  ? 1208 GLN A OE1 1 
ATOM   841 N  NE2 . GLN A 1 127 ? -10.992 -6.552  -11.171 1.00 35.08  ? 1208 GLN A NE2 1 
ATOM   842 N  N   . GLN A 1 128 ? -6.645  -9.586  -9.790  1.00 33.62  ? 1209 GLN A N   1 
ATOM   843 C  CA  . GLN A 1 128 ? -5.588  -10.495 -9.383  1.00 34.88  ? 1209 GLN A CA  1 
ATOM   844 C  C   . GLN A 1 128 ? -4.318  -10.364 -10.240 1.00 34.79  ? 1209 GLN A C   1 
ATOM   845 O  O   . GLN A 1 128 ? -3.219  -10.212 -9.709  1.00 31.82  ? 1209 GLN A O   1 
ATOM   846 C  CB  . GLN A 1 128 ? -6.165  -11.909 -9.463  1.00 37.51  ? 1209 GLN A CB  1 
ATOM   847 C  CG  . GLN A 1 128 ? -5.182  -13.005 -9.118  1.00 37.05  ? 1209 GLN A CG  1 
ATOM   848 C  CD  . GLN A 1 128 ? -5.932  -14.294 -8.885  1.00 39.44  ? 1209 GLN A CD  1 
ATOM   849 O  OE1 . GLN A 1 128 ? -6.259  -15.021 -9.817  1.00 40.84  ? 1209 GLN A OE1 1 
ATOM   850 N  NE2 . GLN A 1 128 ? -6.224  -14.576 -7.632  1.00 38.44  ? 1209 GLN A NE2 1 
ATOM   851 N  N   . ALA A 1 129 ? -4.444  -10.510 -11.561 1.00 34.76  ? 1210 ALA A N   1 
ATOM   852 C  CA  . ALA A 1 129 ? -3.281  -10.467 -12.438 1.00 34.08  ? 1210 ALA A CA  1 
ATOM   853 C  C   . ALA A 1 129 ? -2.499  -9.171  -12.210 1.00 30.71  ? 1210 ALA A C   1 
ATOM   854 O  O   . ALA A 1 129 ? -1.284  -9.180  -12.038 1.00 33.57  ? 1210 ALA A O   1 
ATOM   855 C  CB  . ALA A 1 129 ? -3.731  -10.564 -13.874 1.00 37.29  ? 1210 ALA A CB  1 
ATOM   856 N  N   . ASN A 1 130 ? -3.235  -8.067  -12.177 1.00 30.27  ? 1211 ASN A N   1 
ATOM   857 C  CA  . ASN A 1 130 ? -2.652  -6.739  -12.052 1.00 32.23  ? 1211 ASN A CA  1 
ATOM   858 C  C   . ASN A 1 130 ? -2.016  -6.557  -10.684 1.00 31.17  ? 1211 ASN A C   1 
ATOM   859 O  O   . ASN A 1 130 ? -0.927  -6.000  -10.577 1.00 27.11  ? 1211 ASN A O   1 
ATOM   860 C  CB  . ASN A 1 130 ? -3.682  -5.642  -12.259 1.00 36.18  ? 1211 ASN A CB  1 
ATOM   861 C  CG  . ASN A 1 130 ? -4.174  -5.619  -13.681 1.00 43.32  ? 1211 ASN A CG  1 
ATOM   862 O  OD1 . ASN A 1 130 ? -3.910  -4.664  -14.413 1.00 48.97  ? 1211 ASN A OD1 1 
ATOM   863 N  ND2 . ASN A 1 130 ? -4.853  -6.684  -14.082 1.00 45.43  ? 1211 ASN A ND2 1 
ATOM   864 N  N   . LEU A 1 131 ? -2.714  -7.026  -9.647  1.00 29.52  ? 1212 LEU A N   1 
ATOM   865 C  CA  . LEU A 1 131 ? -2.192  -6.910  -8.300  1.00 28.35  ? 1212 LEU A CA  1 
ATOM   866 C  C   . LEU A 1 131 ? -0.852  -7.637  -8.185  1.00 28.52  ? 1212 LEU A C   1 
ATOM   867 O  O   . LEU A 1 131 ? 0.110   -7.045  -7.700  1.00 28.09  ? 1212 LEU A O   1 
ATOM   868 C  CB  . LEU A 1 131 ? -3.224  -7.450  -7.304  1.00 29.59  ? 1212 LEU A CB  1 
ATOM   869 C  CG  . LEU A 1 131 ? -2.772  -7.464  -5.845  1.00 29.52  ? 1212 LEU A CG  1 
ATOM   870 C  CD1 . LEU A 1 131 ? -2.272  -6.096  -5.415  1.00 29.25  ? 1212 LEU A CD1 1 
ATOM   871 C  CD2 . LEU A 1 131 ? -3.908  -7.921  -4.936  1.00 31.76  ? 1212 LEU A CD2 1 
ATOM   872 N  N   . ILE A 1 132 ? -0.785  -8.909  -8.622  1.00 27.59  ? 1213 ILE A N   1 
ATOM   873 C  CA  . ILE A 1 132 ? 0.399   -9.730  -8.429  1.00 29.58  ? 1213 ILE A CA  1 
ATOM   874 C  C   . ILE A 1 132 ? 1.541   -9.198  -9.294  1.00 26.12  ? 1213 ILE A C   1 
ATOM   875 O  O   . ILE A 1 132 ? 2.665   -9.151  -8.822  1.00 23.76  ? 1213 ILE A O   1 
ATOM   876 C  CB  . ILE A 1 132 ? 0.133   -11.233 -8.679  1.00 34.95  ? 1213 ILE A CB  1 
ATOM   877 C  CG1 . ILE A 1 132 ? -0.504  -11.907 -7.463  1.00 43.80  ? 1213 ILE A CG1 1 
ATOM   878 C  CG2 . ILE A 1 132 ? 1.416   -11.964 -9.047  1.00 38.36  ? 1213 ILE A CG2 1 
ATOM   879 C  CD1 . ILE A 1 132 ? -1.778  -11.285 -7.000  1.00 47.01  ? 1213 ILE A CD1 1 
ATOM   880 N  N   . GLN A 1 133 ? 1.261   -8.764  -10.526 1.00 28.63  ? 1214 GLN A N   1 
ATOM   881 C  CA  . GLN A 1 133 ? 2.331   -8.311  -11.403 1.00 30.27  ? 1214 GLN A CA  1 
ATOM   882 C  C   . GLN A 1 133 ? 2.894   -6.973  -10.905 1.00 27.06  ? 1214 GLN A C   1 
ATOM   883 O  O   . GLN A 1 133 ? 4.098   -6.735  -10.985 1.00 25.64  ? 1214 GLN A O   1 
ATOM   884 C  CB  . GLN A 1 133 ? 1.851   -8.268  -12.854 1.00 32.01  ? 1214 GLN A CB  1 
ATOM   885 C  CG  . GLN A 1 133 ? 0.956   -7.079  -13.199 1.00 33.68  ? 1214 GLN A CG  1 
ATOM   886 C  CD  . GLN A 1 133 ? 1.641   -5.831  -13.717 1.00 34.87  ? 1214 GLN A CD  1 
ATOM   887 O  OE1 . GLN A 1 133 ? 2.836   -5.796  -13.990 1.00 37.92  ? 1214 GLN A OE1 1 
ATOM   888 N  NE2 . GLN A 1 133 ? 0.872   -4.764  -13.854 1.00 34.69  ? 1214 GLN A NE2 1 
ATOM   889 N  N   . THR A 1 134 ? 2.040   -6.118  -10.343 1.00 25.83  ? 1215 THR A N   1 
ATOM   890 C  CA  . THR A 1 134 ? 2.479   -4.828  -9.826  1.00 25.69  ? 1215 THR A CA  1 
ATOM   891 C  C   . THR A 1 134 ? 3.332   -5.009  -8.569  1.00 23.93  ? 1215 THR A C   1 
ATOM   892 O  O   . THR A 1 134 ? 4.314   -4.303  -8.387  1.00 24.03  ? 1215 THR A O   1 
ATOM   893 C  CB  . THR A 1 134 ? 1.290   -3.900  -9.556  1.00 27.01  ? 1215 THR A CB  1 
ATOM   894 O  OG1 . THR A 1 134 ? 0.536   -3.763  -10.760 1.00 28.75  ? 1215 THR A OG1 1 
ATOM   895 C  CG2 . THR A 1 134 ? 1.704   -2.527  -9.079  1.00 28.08  ? 1215 THR A CG2 1 
ATOM   896 N  N   . ILE A 1 135 ? 2.957   -5.952  -7.694  1.00 24.21  ? 1216 ILE A N   1 
ATOM   897 C  CA  . ILE A 1 135 ? 3.789   -6.286  -6.549  1.00 25.25  ? 1216 ILE A CA  1 
ATOM   898 C  C   . ILE A 1 135 ? 5.161   -6.769  -7.019  1.00 25.82  ? 1216 ILE A C   1 
ATOM   899 O  O   . ILE A 1 135 ? 6.157   -6.373  -6.429  1.00 25.33  ? 1216 ILE A O   1 
ATOM   900 C  CB  . ILE A 1 135 ? 3.108   -7.307  -5.622  1.00 25.19  ? 1216 ILE A CB  1 
ATOM   901 C  CG1 . ILE A 1 135 ? 1.931   -6.657  -4.899  1.00 24.88  ? 1216 ILE A CG1 1 
ATOM   902 C  CG2 . ILE A 1 135 ? 4.073   -7.932  -4.627  1.00 27.02  ? 1216 ILE A CG2 1 
ATOM   903 C  CD1 . ILE A 1 135 ? 0.992   -7.646  -4.309  1.00 25.87  ? 1216 ILE A CD1 1 
ATOM   904 N  N   . LEU A 1 136 ? 5.214   -7.622  -8.057  1.00 27.79  ? 1217 LEU A N   1 
ATOM   905 C  CA  . LEU A 1 136 ? 6.493   -8.137  -8.527  1.00 29.68  ? 1217 LEU A CA  1 
ATOM   906 C  C   . LEU A 1 136 ? 7.310   -7.006  -9.135  1.00 30.86  ? 1217 LEU A C   1 
ATOM   907 O  O   . LEU A 1 136 ? 8.532   -6.992  -9.036  1.00 34.91  ? 1217 LEU A O   1 
ATOM   908 C  CB  . LEU A 1 136 ? 6.264   -9.239  -9.561  1.00 32.21  ? 1217 LEU A CB  1 
ATOM   909 C  CG  . LEU A 1 136 ? 5.750   -10.567 -9.010  1.00 35.58  ? 1217 LEU A CG  1 
ATOM   910 C  CD1 . LEU A 1 136 ? 5.326   -11.499 -10.139 1.00 35.22  ? 1217 LEU A CD1 1 
ATOM   911 C  CD2 . LEU A 1 136 ? 6.811   -11.233 -8.150  1.00 38.94  ? 1217 LEU A CD2 1 
ATOM   912 N  N   . LYS A 1 137 ? 6.633   -6.085  -9.815  1.00 30.25  ? 1218 LYS A N   1 
ATOM   913 C  CA  . LYS A 1 137 ? 7.314   -4.949  -10.395 1.00 32.59  ? 1218 LYS A CA  1 
ATOM   914 C  C   . LYS A 1 137 ? 8.016   -4.156  -9.295  1.00 36.62  ? 1218 LYS A C   1 
ATOM   915 O  O   . LYS A 1 137 ? 9.141   -3.704  -9.482  1.00 36.51  ? 1218 LYS A O   1 
ATOM   916 C  CB  . LYS A 1 137 ? 6.316   -4.077  -11.157 1.00 34.79  ? 1218 LYS A CB  1 
ATOM   917 C  CG  . LYS A 1 137 ? 6.967   -2.963  -11.952 1.00 37.65  ? 1218 LYS A CG  1 
ATOM   918 C  CD  . LYS A 1 137 ? 5.966   -2.068  -12.611 1.00 41.83  ? 1218 LYS A CD  1 
ATOM   919 C  CE  . LYS A 1 137 ? 6.641   -0.960  -13.391 1.00 44.47  ? 1218 LYS A CE  1 
ATOM   920 N  NZ  . LYS A 1 137 ? 5.635   -0.039  -13.959 1.00 46.46  ? 1218 LYS A NZ  1 
ATOM   921 N  N   . CYS A 1 138 ? 7.347   -4.014  -8.147  1.00 36.11  ? 1219 CYS A N   1 
ATOM   922 C  CA  . CYS A 1 138 ? 7.767   -3.130  -7.066  1.00 40.27  ? 1219 CYS A CA  1 
ATOM   923 C  C   . CYS A 1 138 ? 8.815   -3.736  -6.146  1.00 41.79  ? 1219 CYS A C   1 
ATOM   924 O  O   . CYS A 1 138 ? 9.716   -3.030  -5.720  1.00 44.41  ? 1219 CYS A O   1 
ATOM   925 C  CB  . CYS A 1 138 ? 6.590   -2.783  -6.162  1.00 38.58  ? 1219 CYS A CB  1 
ATOM   926 S  SG  . CYS A 1 138 ? 5.537   -1.531  -6.905  1.00 45.88  ? 1219 CYS A SG  1 
ATOM   927 N  N   . ALA A 1 139 ? 8.636   -5.006  -5.774  1.00 47.98  ? 1220 ALA A N   1 
ATOM   928 C  CA  . ALA A 1 139 ? 9.298   -5.558  -4.604  1.00 55.75  ? 1220 ALA A CA  1 
ATOM   929 C  C   . ALA A 1 139 ? 10.752  -5.912  -4.935  1.00 62.79  ? 1220 ALA A C   1 
ATOM   930 O  O   . ALA A 1 139 ? 10.929  -6.795  -5.795  1.00 74.15  ? 1220 ALA A O   1 
ATOM   931 C  CB  . ALA A 1 139 ? 8.533   -6.758  -4.103  1.00 55.88  ? 1220 ALA A CB  1 
HETATM 932 MG MG  . MG  B 2 .   ? -11.346 3.531   1.527   1.00 46.48  ? 1301 MG  A MG  1 
HETATM 933 S  S   . SO4 C 3 .   ? 7.278   5.169   -14.063 0.30 44.50  ? 1302 SO4 A S   1 
HETATM 934 O  O1  . SO4 C 3 .   ? 6.717   4.450   -12.945 0.30 42.12  ? 1302 SO4 A O1  1 
HETATM 935 O  O2  . SO4 C 3 .   ? 8.422   5.928   -13.627 0.30 42.12  ? 1302 SO4 A O2  1 
HETATM 936 O  O3  . SO4 C 3 .   ? 6.289   6.065   -14.593 0.30 40.63  ? 1302 SO4 A O3  1 
HETATM 937 O  O4  . SO4 C 3 .   ? 7.675   4.237   -15.089 0.30 42.12  ? 1302 SO4 A O4  1 
HETATM 938 O  O   . HOH D 4 .   ? -12.213 1.658   1.114   1.00 42.35  ? 1401 HOH A O   1 
HETATM 939 O  O   . HOH D 4 .   ? 9.819   5.782   2.076   1.00 32.03  ? 1402 HOH A O   1 
HETATM 940 O  O   . HOH D 4 .   ? -0.806  -13.618 5.635   1.00 29.33  ? 1403 HOH A O   1 
HETATM 941 O  O   . HOH D 4 .   ? 9.417   -0.226  7.832   1.00 28.55  ? 1404 HOH A O   1 
HETATM 942 O  O   . HOH D 4 .   ? -6.285  -17.278 -0.041  1.00 38.71  ? 1405 HOH A O   1 
HETATM 943 O  O   . HOH D 4 .   ? -10.968 2.231   9.403   1.00 42.69  ? 1406 HOH A O   1 
HETATM 944 O  O   . HOH D 4 .   ? -0.382  -0.592  13.109  1.00 30.89  ? 1407 HOH A O   1 
HETATM 945 O  O   . HOH D 4 .   ? -10.759 -2.684  -10.948 1.00 43.72  ? 1408 HOH A O   1 
HETATM 946 O  O   . HOH D 4 .   ? 1.862   12.192  -0.049  1.00 30.46  ? 1409 HOH A O   1 
HETATM 947 O  O   . HOH D 4 .   ? 7.030   4.496   -10.073 1.00 29.13  ? 1410 HOH A O   1 
HETATM 948 O  O   . HOH D 4 .   ? 3.249   -8.757  6.738   1.00 33.46  ? 1411 HOH A O   1 
HETATM 949 O  O   . HOH D 4 .   ? 7.171   13.321  3.000   1.00 33.75  ? 1412 HOH A O   1 
HETATM 950 O  O   . HOH D 4 .   ? -9.559  5.014   -2.079  1.00 33.90  ? 1413 HOH A O   1 
HETATM 951 O  O   . HOH D 4 .   ? 0.827   1.982   -11.681 1.00 42.19  ? 1414 HOH A O   1 
HETATM 952 O  O   . HOH D 4 .   ? -9.928  -8.295  7.685   1.00 42.22  ? 1415 HOH A O   1 
HETATM 953 O  O   . HOH D 4 .   ? -17.004 -11.060 2.648   1.00 46.25  ? 1416 HOH A O   1 
HETATM 954 O  O   . HOH D 4 .   ? -11.285 4.096   -0.199  1.00 44.18  ? 1417 HOH A O   1 
HETATM 955 O  O   . HOH D 4 .   ? -14.849 -9.938  0.823   1.00 46.34  ? 1418 HOH A O   1 
HETATM 956 O  O   . HOH D 4 .   ? -2.506  -5.214  12.066  1.00 36.68  ? 1419 HOH A O   1 
HETATM 957 O  O   . HOH D 4 .   ? -5.374  10.480  0.716   1.00 31.27  ? 1420 HOH A O   1 
HETATM 958 O  O   . HOH D 4 .   ? 4.853   1.966   15.872  1.00 42.40  ? 1421 HOH A O   1 
HETATM 959 O  O   . HOH D 4 .   ? -5.907  -0.463  -12.401 1.00 43.35  ? 1422 HOH A O   1 
HETATM 960 O  O   . HOH D 4 .   ? 8.406   -1.172  5.383   1.00 27.03  ? 1423 HOH A O   1 
HETATM 961 O  O   . HOH D 4 .   ? -15.832 -2.502  6.982   1.00 42.01  ? 1424 HOH A O   1 
HETATM 962 O  O   . HOH D 4 .   ? 12.124  6.798   1.783   1.00 38.95  ? 1425 HOH A O   1 
HETATM 963 O  O   . HOH D 4 .   ? -6.820  -3.807  -9.921  1.00 32.80  ? 1426 HOH A O   1 
HETATM 964 O  O   . HOH D 4 .   ? -9.772  -13.301 3.400   1.00 35.96  ? 1427 HOH A O   1 
HETATM 965 O  O   . HOH D 4 .   ? 7.248   8.180   -6.510  1.00 49.53  ? 1428 HOH A O   1 
HETATM 966 O  O   . HOH D 4 .   ? -18.189 -6.896  7.104   1.00 42.92  ? 1429 HOH A O   1 
HETATM 967 O  O   . HOH D 4 .   ? -3.031  -8.393  10.186  1.00 35.91  ? 1430 HOH A O   1 
HETATM 968 O  O   . HOH D 4 .   ? 11.589  1.982   -3.282  1.00 37.72  ? 1431 HOH A O   1 
HETATM 969 O  O   . HOH D 4 .   ? -9.577  -5.069  -2.015  1.00 32.11  ? 1432 HOH A O   1 
HETATM 970 O  O   . HOH D 4 .   ? -4.946  12.745  10.533  1.00 40.99  ? 1433 HOH A O   1 
HETATM 971 O  O   . HOH D 4 .   ? -17.138 -7.085  8.961   1.00 46.40  ? 1434 HOH A O   1 
HETATM 972 O  O   . HOH D 4 .   ? -11.217 -5.168  -4.161  1.00 39.85  ? 1435 HOH A O   1 
HETATM 973 O  O   . HOH D 4 .   ? -10.119 3.088   11.603  1.00 38.34  ? 1436 HOH A O   1 
HETATM 974 O  O   . HOH D 4 .   ? -9.902  6.826   -4.160  1.00 39.29  ? 1437 HOH A O   1 
HETATM 975 O  O   . HOH D 4 .   ? 18.344  2.232   10.047  1.00 38.34  ? 1438 HOH A O   1 
HETATM 976 O  O   . HOH D 4 .   ? -8.908  9.977   3.092   1.00 32.77  ? 1439 HOH A O   1 
HETATM 977 O  O   . HOH D 4 .   ? 9.143   -0.117  16.814  1.00 44.40  ? 1440 HOH A O   1 
HETATM 978 O  O   . HOH D 4 .   ? -12.247 -9.605  8.438   1.00 49.31  ? 1441 HOH A O   1 
HETATM 979 O  O   . HOH D 4 .   ? -6.308  -2.552  -12.101 1.00 52.80  ? 1442 HOH A O   1 
HETATM 980 O  O   . HOH D 4 .   ? -8.670  -9.804  6.268   1.00 37.56  ? 1443 HOH A O   1 
HETATM 981 O  O   . HOH D 4 .   ? -14.593 -1.579  -4.673  1.00 45.13  ? 1444 HOH A O   1 
HETATM 982 O  O   . HOH D 4 .   ? -9.101  -12.196 5.996   1.00 42.54  ? 1445 HOH A O   1 
# 
